data_6MPF
#
_entry.id   6MPF
#
_cell.length_a   402.330
_cell.length_b   402.330
_cell.length_c   176.030
_cell.angle_alpha   90.000
_cell.angle_beta   90.000
_cell.angle_gamma   90.000
#
_symmetry.space_group_name_H-M   'P 41 21 2'
#
loop_
_entity.id
_entity.type
_entity.pdbx_description
1 polymer '16S rRNA'
2 polymer '30S ribosomal protein S2'
3 polymer '30S ribosomal protein S3'
4 polymer '30S ribosomal protein S4'
5 polymer '30S ribosomal protein S5'
6 polymer '30S ribosomal protein S6'
7 polymer '30S ribosomal protein S7'
8 polymer '30S ribosomal protein S8'
9 polymer '30S ribosomal protein S9'
10 polymer '30S ribosomal protein S10'
11 polymer '30S ribosomal protein S11'
12 polymer '30S ribosomal protein S12'
13 polymer '30S ribosomal protein S13'
14 polymer '30S ribosomal protein S14 type Z'
15 polymer '30S ribosomal protein S15'
16 polymer '30S ribosomal protein S16'
17 polymer '30S ribosomal protein S17'
18 polymer '30S ribosomal protein S18'
19 polymer '30S ribosomal protein S19'
20 polymer '30S ribosomal protein S20'
21 polymer '30S ribosomal protein Thx'
22 polymer 'mRNA A-site fragment'
23 polymer 'tRNA ASL Escherichia coli Arg1'
24 non-polymer PAROMOMYCIN
25 non-polymer 'MAGNESIUM ION'
26 non-polymer 'ZINC ION'
#
loop_
_entity_poly.entity_id
_entity_poly.type
_entity_poly.pdbx_seq_one_letter_code
_entity_poly.pdbx_strand_id
1 'polyribonucleotide'
;UGGAGAGUUUGAUCCUGGCUCAGGGUGAACGCUGGCGGCGUGCCUAAGACAUGCAAGUCGUGCGGGCCGCGGGGUUUUAC
UCCGUGGUCAGCGGCGGACGGGUGAGUAACGCGUGGGUGACCUACCCGGAAGAGGGGGACAACCCGGGGAAACUCGGGCU
AAUCCCCCAUGUGGACCCGCCCCUUGGGGUGUGUCCAAAGGGCUUUGCCCGCUUCCGGAUGGGCCCGCGUCCCAUCAGCU
AGUUGGUGGGGUAAUGGCCCACCAAGGCGACGACGGGUAGCCGGUCUGAGAGGAUGGCCGGCCACAGGGGCACUGAGACA
CGGGCCCCACUCCUACGGGAGGCAGCAGUUAGGAAUCUUCCGCAAUGGGCGCAAGCCUGACGGAGCGACGCCGCUUGGAG
GAAGAAGCCCUUCGGGGUGUAAACUCCUGAACCCGGGACGAAACCCCCGACGAGGGGACUGACGGUACCGGGGUAAUAGC
GCCGGCCAACUCCGUGCCAGCAGCCGCGGUAAUACGGAGGGCGCGAGCGUUACCCGGAUUCACUGGGCGUAAAGGGCGUG
UAGGCGGCCUGGGGCGUCCCAUGUGAAAGACCACGGCUCAACCGUGGGGGAGCGUGGGAUACGCUCAGGCUAGACGGUGG
GAGAGGGUGGUGGAAUUCCCGGAGUAGCGGUGAAAUGCGCAGAUACCGGGAGGAACGCCGAUGGCGAAGGCAGCCACCUG
GUCCACCCGUGACGCUGAGGCGCGAAAGCGUGGGGAGCAAACCGGAUUAGAUACCCGGGUAGUCCACGCCCUAAACGAUG
CGCGCUAGGUCUCUGGGUCUCCUGGGGGCCGAAGCUAACGCGUUAAGCGCGCCGCCUGGGGAGUACGGCCGCAAGGCUGA
AACUCAAAGGAAUUGACGGGGGCCCGCACAAGCGGUGGAGCAUGUGGUUUAAUUCGAAGCAACGCGAAGAACCUUACCAG
GCCUUGACAUGCUAGGGAACCCGGGUGAAAGCCUGGGGUGCCCCGCGAGGGGAGCCCUAGCACAGGUGCUGCAUGGCCGU
CGUCAGCUCGUGCCGUGAGGUGUUGGGUUAAGUCCCGCAACGAGCGCAACCCCCGCCGUUAGUUGCCAGCGGUUCGGCCG
GGCACUCUAACGGGACUGCCCGCGAAAGCGGGAGGAAGGAGGGGACGACGUCUGGUCAGCAUGGCCCUUACGGCCUGGGC
GACACACGUGCUACAAUGCCCACUACAAAGCGAUGCCACCCGGCAACGGGGAGCUAAUCGCAAAAAGGUGGGCCCAGUUC
GGAUUGGGGUCUGCAACCCGACCCCAUGAAGCCGGAAUCGCUAGUAAUCGCGGAUCAGCCAUGCCGCGGUGAAUACGUUC
CCGGGCCUUGUACACACCGCCCGUCACGCCAUGGGAGCGGGCUCUACCCGAAGUCGCCGGGAGCCUACGGGCAGGCGCCG
AGGGUAGGGCCCGUGACUGGGGCGAAGUCGUAACAAGGUAGCUGUACCGGAAGGUGCGGCUGGAUCAC
;
A
2 'polypeptide(L)'
;VKELLEAGVHFGHERKRWNPKFARYIYAERNGIHIIDLQKTMEELERTFRFIEDLAMRGGTILFVGTKKQAQDIVRMEAE
RAGMPYVNQRWLGGMLTNFKTISQRVHRLEELEALFASPEIEERPKKEQVRLKHELERLQKYLSGFRLLKRLPDAIFVVD
PTKEAIAVREARKLFIPVIALADTDSDPDLVDYIIPGNDDAIRSIQLILSRAVDLIIQARGGVVEPSPSYALVQ
;
B
3 'polypeptide(L)'
;GNKIHPIGFRLGITRDWESRWYAGKKQYRHLLLEDQRIRGLLEKELYSAGLARVDIERAADNVAVTVHVAKPGVVIGRGG
ERIRVLREELAKLTGKNVALNVQEVQNPNLSAPLVAQRVAEQIERRFAVRRAIKQAVQRVMESGAKGAKVIVSGRIGGAE
QARTEWAAQGRVPLHTLRANIDYGFALARTTYGVLGVKAYIFLGEV
;
C
4 'polypeptide(L)'
;GRYIGPVCRLCRREGVKLYLKGERCYSPKCAMERRPYPPGQHGQKRARRPSDYAVRLREKQKLRRIYGISERQFRNLFEE
ASKKKGVTGSVFLGLLESRLDNVVYRLGFAVSRRQARQLVRHGHITVNGRRVDLPSYRVRPGDEIAVAEKSRNLELIRQN
LEAMKGRKVGPWLSLDVEGMKGKFLRLPDREDLALPVNEQLVIEFYSR
;
D
5 'polypeptide(L)'
;DFEEKMILIRRTARMQAGGRRFRFGALVVVGDRQGRVGLGFGKAPEVPLAVQKAGYYARRNMVEVPLQNGTIPHEIEVEF
GASKIVLKPAAPGTGVIAGAVPRAILELAGVTDILTKELGSRNPINIAYATMEALRQLRTKADVERLRKG
;
E
6 'polypeptide(L)'
;MRRYEVNIVLNPNLDQSQLALEKEIIQRALENYGARVEKVEELGLRRLAYPIAKDPQGYFLWYQVEMPEDRVNDLARELR
IRDNVRRVMVVKSQEPFLANA
;
F
7 'polypeptide(L)'
;ARRRRAEVRQLQPDLVYGDVLVTAFINKIMRDGKKNLAARIFYDACKIIQEKTGQEPLKVFKQAVENVKPRMEVRSRRVG
GANYQVPMEVSPRRQQSLALRWLVQAANQRPERRAAVRIAHELMDAAEGKGGAVKKKEDVERMAEANRAYAHYRW
;
G
8 'polypeptide(L)'
;MLTDPIADMLTRIRNATRVYKESTDVPASRFKEEILRILAREGFIKGYERVDVDGKPYLRVYLKYGPRRQGPDPRPEQVI
HHIRRISKPGRRVYVGVKEIPRVRRGLGIAILSTSKGVLTDREARKLGVGGELICEVW
;
H
9 'polypeptide(L)'
;EQYYGTGRRKEAVARVFLRPGNGKVTVNGQDFNEYFQGLVRAVAALEPLRAVDALGHFDAYITVRGGGKSGQIDAIKLGI
ARALVQYNPDYRAKLKPLGFLTRDARVVERKKYGKHKARRAPQYSKR
;
I
10 'polypeptide(L)'
;KIRIKLRGFDHKTLDASAQKIVEAARRSGAQVSGPIPLPTRVRRFTVIRGPFKHKDSREHFELRTHNRLVDIINPNRKTI
EQLMTLDLPTGVEIEIKT
;
J
11 'polypeptide(L)'
;KRQVASGRAYIHASYNNTIVTITDPDGNPITWSSGGVIGYKGSRKGTPYAAQLAALDAAKKAMAYGMQSVDVIVRGTGAG
REQAIRALQASGLQVKSIVDDTPVPHNGCRPKKKFRKAS
;
K
12 'polypeptide(L)'
;PTINQLVRKGREKVRKKSKVPALKGAPFRRGVCTVVRTVTPKKPNSALRKVAKVRLTSGYEVTAYIPGEGHNLQEHSVVL
IRGGRVKDLPGVRYHIVRGVYDAAGVKDRKKSRSKYGTKKPKEA
;
L
13 'polypeptide(L)'
;ARIAGVEIPRNKRVDVALTYIYGIGKARAKEALEKTGINPATRVKDLTEAEVVRLREYVENTWKLEGELRAEVAANIKRL
MDIGCYRGLRHRRGLPVRGQRTRTNARTRKGPRKTVAGKKKAPRK
;
M
14 'polypeptide(L)' ARKALIEKAKRTPKFKVRAYTRCVRCGRARSVYRFFGLCRICLRELAHKGQLPGVRKASW N
15 'polypeptide(L)'
;PITKEEKQKVIQEFARFPGDTGSTEVQVALLTLRINRLSEHLKVHKKDHHSHRGLLMMVGQRRRLLRYLQREDPERYRAL
IEKLGIRG
;
O
16 'polypeptide(L)'
;MVKIRLARFGSKHNPHYRIVVTDARRKRDGKYIEKIGYYDPRKTTPDWLKVDVERARYWLSVGAQPTDTARRLLRQAGVF
RQE
;
P
17 'polypeptide(L)'
;PKKVLTGVVVSDKMQKTVTVLVERQFPHPLYGKVIKRSKKYLAHDPEEKYKLGDVVEIIESRPISKRKRFRVLRLVESGR
MDLVEKYLIRRQNYESLSKRGGKA
;
Q
18 'polypeptide(L)' PSRKAKVKATLGEFDLRDYRNVEVLKRFLSETGKILPRRRTGLSAKEQRILAKTIKRARILGLLPFTEKLVRK R
19 'polypeptide(L)' PRSLKKGVFVDDHLLEKVLELNAKGEKRLIKTWSRRSTIVPEMVGHTIAVYNGKQHVPVYITENMVGHKLGEFAPTRTYR S
20 'polypeptide(L)'
;RNLSALKRHRQSLKRRLRNKAKKSAIKTLSKKAIQLAQEGKAEEALKIMRKAESLIDKAAKGSTLHKNAAARRKSRLMRK
VRQLLEAAGAPLIGGGLSA
;
T
21 'polypeptide(L)' GKGDRRTRRGKIWRGTYGKYRPRK V
22 'polyribonucleotide' CGCA W
23 'polyribonucleotide' GG(RSP)UICGAACC X
#
loop_
_chem_comp.id
_chem_comp.type
_chem_comp.name
_chem_comp.formula
A RNA linking ADENOSINE-5'-MONOPHOSPHATE 'C10 H14 N5 O7 P'
C RNA linking CYTIDINE-5'-MONOPHOSPHATE 'C9 H14 N3 O8 P'
G RNA linking GUANOSINE-5'-MONOPHOSPHATE 'C10 H14 N5 O8 P'
I RNA linking 'INOSINIC ACID' 'C10 H13 N4 O8 P'
MG non-polymer 'MAGNESIUM ION' 'Mg 2'
PAR non-polymer PAROMOMYCIN 'C23 H45 N5 O14'
RSP RNA linking 4-amino-1-(5-O-phosphono-beta-D-ribofuranosyl)pyrimidine-2(1H)-thione 'C9 H14 N3 O7 P S'
U RNA linking URIDINE-5'-MONOPHOSPHATE 'C9 H13 N2 O9 P'
ZN non-polymer 'ZINC ION' 'Zn 2'
#
# COMPACT_ATOMS: atom_id res chain seq x y z
N VAL B 1 -52.41 -5.03 -32.52
CA VAL B 1 -51.49 -4.57 -33.56
C VAL B 1 -50.31 -5.56 -33.62
N LYS B 2 -50.44 -6.66 -32.85
CA LYS B 2 -49.28 -7.37 -32.30
C LYS B 2 -49.08 -8.78 -32.82
N GLU B 3 -49.83 -9.22 -33.84
CA GLU B 3 -49.78 -10.57 -34.46
C GLU B 3 -50.51 -11.61 -33.62
N LEU B 4 -51.27 -11.18 -32.61
CA LEU B 4 -51.78 -12.02 -31.52
C LEU B 4 -50.87 -13.23 -31.24
N LEU B 5 -51.46 -14.35 -30.84
CA LEU B 5 -50.78 -15.56 -30.40
C LEU B 5 -50.17 -16.35 -31.58
N GLU B 6 -50.21 -15.83 -32.81
CA GLU B 6 -49.42 -16.38 -33.90
C GLU B 6 -47.94 -16.20 -33.58
N ALA B 7 -47.12 -17.21 -33.94
CA ALA B 7 -45.76 -17.39 -33.44
C ALA B 7 -44.71 -17.44 -34.56
N GLY B 8 -44.87 -16.60 -35.59
CA GLY B 8 -43.98 -16.45 -36.73
C GLY B 8 -42.60 -17.05 -36.58
N VAL B 9 -41.82 -16.51 -35.64
CA VAL B 9 -40.53 -17.06 -35.21
C VAL B 9 -40.42 -16.83 -33.71
N HIS B 10 -41.35 -16.04 -33.20
CA HIS B 10 -41.50 -15.55 -31.82
C HIS B 10 -40.66 -16.27 -30.77
N PHE B 11 -41.04 -17.52 -30.46
CA PHE B 11 -40.84 -18.20 -29.18
C PHE B 11 -39.40 -18.55 -28.86
N GLY B 12 -39.23 -19.65 -28.13
CA GLY B 12 -37.97 -20.07 -27.54
C GLY B 12 -36.66 -19.89 -28.26
N HIS B 13 -35.62 -19.65 -27.47
CA HIS B 13 -34.22 -19.67 -27.87
C HIS B 13 -33.42 -20.20 -26.68
N GLU B 14 -32.10 -20.30 -26.87
CA GLU B 14 -31.13 -20.63 -25.82
C GLU B 14 -31.29 -22.05 -25.26
N ARG B 15 -30.18 -22.63 -24.80
CA ARG B 15 -30.12 -24.04 -24.41
C ARG B 15 -30.44 -24.26 -22.93
N LYS B 16 -29.48 -24.78 -22.17
CA LYS B 16 -29.53 -24.84 -20.71
C LYS B 16 -28.46 -23.90 -20.16
N ARG B 17 -28.70 -22.61 -20.34
CA ARG B 17 -27.81 -21.52 -19.89
C ARG B 17 -28.65 -20.34 -19.44
N TRP B 18 -29.74 -20.65 -18.74
CA TRP B 18 -30.82 -19.71 -18.41
C TRP B 18 -30.47 -18.90 -17.17
N ASN B 19 -31.33 -17.93 -16.87
CA ASN B 19 -31.46 -17.41 -15.53
C ASN B 19 -32.74 -18.02 -14.99
N PRO B 20 -32.71 -18.77 -13.89
CA PRO B 20 -33.95 -19.42 -13.42
C PRO B 20 -35.02 -18.43 -13.00
N LYS B 21 -34.68 -17.15 -12.81
CA LYS B 21 -35.69 -16.11 -12.58
C LYS B 21 -36.61 -15.98 -13.78
N PHE B 22 -36.09 -16.20 -14.96
CA PHE B 22 -36.84 -16.25 -16.19
C PHE B 22 -37.78 -17.45 -16.23
N ALA B 23 -37.96 -18.23 -15.17
CA ALA B 23 -38.75 -19.44 -15.33
C ALA B 23 -40.24 -19.17 -15.48
N ARG B 24 -40.74 -18.01 -15.05
CA ARG B 24 -42.18 -17.77 -15.17
C ARG B 24 -42.61 -17.68 -16.63
N TYR B 25 -41.69 -17.38 -17.54
CA TYR B 25 -42.01 -17.19 -18.95
C TYR B 25 -41.64 -18.37 -19.82
N ILE B 26 -41.38 -19.55 -19.27
CA ILE B 26 -41.00 -20.69 -20.10
C ILE B 26 -42.18 -21.66 -20.18
N TYR B 27 -42.26 -22.37 -21.30
CA TYR B 27 -43.28 -23.39 -21.55
C TYR B 27 -42.75 -24.81 -21.33
N ALA B 28 -41.61 -25.14 -21.94
CA ALA B 28 -40.92 -26.41 -21.69
C ALA B 28 -39.55 -26.39 -22.36
N GLU B 29 -38.94 -27.55 -22.55
CA GLU B 29 -37.61 -27.61 -23.14
C GLU B 29 -37.55 -28.45 -24.41
N ARG B 30 -38.40 -28.16 -25.39
CA ARG B 30 -38.46 -28.89 -26.65
C ARG B 30 -37.07 -29.20 -27.18
N ASN B 31 -36.59 -30.44 -26.98
CA ASN B 31 -35.30 -30.88 -27.49
C ASN B 31 -34.14 -30.13 -26.86
N GLY B 32 -34.20 -29.93 -25.54
CA GLY B 32 -33.13 -29.22 -24.84
C GLY B 32 -32.99 -27.76 -25.20
N ILE B 33 -34.11 -27.08 -25.44
CA ILE B 33 -34.17 -25.64 -25.73
C ILE B 33 -35.44 -25.12 -25.08
N HIS B 34 -35.30 -24.22 -24.12
CA HIS B 34 -36.48 -23.61 -23.52
C HIS B 34 -37.35 -22.95 -24.57
N ILE B 35 -38.66 -23.06 -24.39
CA ILE B 35 -39.64 -22.45 -25.27
C ILE B 35 -40.46 -21.46 -24.47
N ILE B 36 -40.56 -20.23 -24.98
CA ILE B 36 -41.22 -19.14 -24.30
C ILE B 36 -42.74 -19.37 -24.29
N ASP B 37 -43.36 -19.32 -23.12
CA ASP B 37 -44.82 -19.36 -23.06
C ASP B 37 -45.38 -18.12 -23.74
N LEU B 38 -46.09 -18.29 -24.86
CA LEU B 38 -46.45 -17.15 -25.71
C LEU B 38 -47.68 -16.39 -25.22
N GLN B 39 -48.61 -17.04 -24.52
CA GLN B 39 -49.64 -16.29 -23.80
C GLN B 39 -49.01 -15.18 -22.97
N LYS B 40 -48.04 -15.54 -22.13
CA LYS B 40 -47.39 -14.56 -21.27
C LYS B 40 -46.59 -13.55 -22.08
N THR B 41 -46.03 -13.95 -23.22
CA THR B 41 -45.47 -12.95 -24.11
C THR B 41 -46.50 -11.85 -24.35
N MET B 42 -47.63 -12.24 -24.94
CA MET B 42 -48.66 -11.27 -25.32
C MET B 42 -49.10 -10.44 -24.13
N GLU B 43 -49.25 -11.05 -22.96
CA GLU B 43 -49.66 -10.30 -21.77
C GLU B 43 -48.70 -9.16 -21.51
N GLU B 44 -47.40 -9.44 -21.53
CA GLU B 44 -46.40 -8.40 -21.33
C GLU B 44 -46.32 -7.46 -22.52
N LEU B 45 -46.63 -7.96 -23.72
CA LEU B 45 -46.52 -7.12 -24.90
C LEU B 45 -47.46 -5.93 -24.82
N GLU B 46 -48.70 -6.15 -24.37
CA GLU B 46 -49.63 -5.04 -24.18
C GLU B 46 -49.09 -4.04 -23.17
N ARG B 47 -48.81 -4.52 -21.95
CA ARG B 47 -48.41 -3.64 -20.85
C ARG B 47 -47.23 -2.76 -21.24
N THR B 48 -46.28 -3.32 -21.98
CA THR B 48 -45.09 -2.57 -22.34
C THR B 48 -45.40 -1.61 -23.48
N PHE B 49 -46.07 -2.11 -24.52
CA PHE B 49 -46.44 -1.26 -25.64
C PHE B 49 -47.30 -0.10 -25.17
N ARG B 50 -48.19 -0.36 -24.20
CA ARG B 50 -48.99 0.72 -23.65
C ARG B 50 -48.09 1.83 -23.10
N PHE B 51 -47.04 1.44 -22.38
CA PHE B 51 -46.10 2.41 -21.83
C PHE B 51 -45.40 3.22 -22.92
N ILE B 52 -45.03 2.56 -24.03
CA ILE B 52 -44.29 3.26 -25.06
C ILE B 52 -45.17 4.25 -25.78
N GLU B 53 -46.36 3.80 -26.14
CA GLU B 53 -47.33 4.69 -26.78
C GLU B 53 -47.52 5.93 -25.92
N ASP B 54 -47.81 5.73 -24.64
CA ASP B 54 -48.19 6.86 -23.78
C ASP B 54 -47.01 7.79 -23.53
N LEU B 55 -45.78 7.29 -23.55
CA LEU B 55 -44.66 8.21 -23.38
C LEU B 55 -44.26 8.89 -24.69
N ALA B 56 -44.43 8.20 -25.82
CA ALA B 56 -44.25 8.89 -27.10
C ALA B 56 -45.44 9.77 -27.44
N MET B 57 -46.59 9.53 -26.82
CA MET B 57 -47.72 10.44 -26.87
C MET B 57 -47.44 11.75 -26.12
N ARG B 58 -46.34 11.79 -25.36
CA ARG B 58 -45.88 12.99 -24.66
C ARG B 58 -44.57 13.52 -25.21
N GLY B 59 -44.05 12.93 -26.29
CA GLY B 59 -42.88 13.46 -26.97
C GLY B 59 -41.54 13.02 -26.42
N GLY B 60 -41.51 12.12 -25.44
CA GLY B 60 -40.24 11.69 -24.91
C GLY B 60 -39.40 10.95 -25.93
N THR B 61 -38.08 11.01 -25.74
CA THR B 61 -37.15 10.24 -26.56
C THR B 61 -36.84 8.90 -25.89
N ILE B 62 -36.61 7.88 -26.74
CA ILE B 62 -36.32 6.52 -26.30
C ILE B 62 -34.99 6.11 -26.91
N LEU B 63 -33.99 5.89 -26.08
CA LEU B 63 -32.67 5.51 -26.57
C LEU B 63 -32.66 4.02 -26.85
N PHE B 64 -32.46 3.66 -28.13
CA PHE B 64 -32.34 2.27 -28.54
C PHE B 64 -30.89 1.83 -28.40
N VAL B 65 -30.65 0.79 -27.61
CA VAL B 65 -29.32 0.20 -27.49
C VAL B 65 -29.37 -1.24 -28.00
N GLY B 66 -28.56 -1.51 -29.01
CA GLY B 66 -28.46 -2.80 -29.65
C GLY B 66 -27.07 -2.97 -30.22
N THR B 67 -26.28 -3.84 -29.59
CA THR B 67 -24.89 -4.06 -29.95
C THR B 67 -24.64 -5.41 -30.59
N LYS B 68 -25.41 -6.44 -30.24
CA LYS B 68 -25.11 -7.77 -30.73
C LYS B 68 -25.22 -7.83 -32.26
N LYS B 69 -24.24 -8.47 -32.90
CA LYS B 69 -24.08 -8.37 -34.36
C LYS B 69 -25.31 -8.84 -35.11
N GLN B 70 -26.18 -9.63 -34.47
CA GLN B 70 -27.45 -10.04 -35.04
C GLN B 70 -28.33 -8.83 -35.31
N ALA B 71 -28.73 -8.16 -34.25
CA ALA B 71 -29.55 -6.96 -34.31
C ALA B 71 -28.73 -5.68 -34.44
N GLN B 72 -27.50 -5.77 -34.95
CA GLN B 72 -26.60 -4.61 -34.89
C GLN B 72 -27.15 -3.42 -35.67
N ASP B 73 -27.67 -3.67 -36.86
CA ASP B 73 -28.09 -2.62 -37.77
C ASP B 73 -29.60 -2.48 -37.91
N ILE B 74 -30.38 -3.50 -37.52
CA ILE B 74 -31.82 -3.35 -37.43
C ILE B 74 -32.20 -2.24 -36.45
N VAL B 75 -31.25 -1.76 -35.66
CA VAL B 75 -31.48 -0.61 -34.80
C VAL B 75 -31.23 0.69 -35.55
N ARG B 76 -30.20 0.75 -36.40
CA ARG B 76 -29.93 1.98 -37.13
C ARG B 76 -31.11 2.37 -38.01
N MET B 77 -31.77 1.40 -38.63
CA MET B 77 -32.93 1.70 -39.46
C MET B 77 -34.11 2.15 -38.60
N GLU B 78 -34.47 1.36 -37.60
CA GLU B 78 -35.70 1.59 -36.86
C GLU B 78 -35.58 2.72 -35.87
N ALA B 79 -34.37 3.20 -35.60
CA ALA B 79 -34.22 4.39 -34.78
C ALA B 79 -33.87 5.63 -35.59
N GLU B 80 -33.45 5.47 -36.84
CA GLU B 80 -33.47 6.61 -37.74
C GLU B 80 -34.89 6.89 -38.21
N ARG B 81 -35.72 5.85 -38.31
CA ARG B 81 -37.12 6.01 -38.64
C ARG B 81 -37.77 6.90 -37.60
N ALA B 82 -38.05 6.35 -36.42
CA ALA B 82 -38.42 7.18 -35.27
C ALA B 82 -37.31 8.17 -34.99
N GLY B 83 -37.67 9.35 -34.48
CA GLY B 83 -36.68 10.39 -34.31
C GLY B 83 -35.71 10.11 -33.18
N MET B 84 -35.45 8.82 -32.89
CA MET B 84 -34.88 8.39 -31.62
C MET B 84 -33.39 8.14 -31.73
N PRO B 85 -32.62 8.51 -30.72
CA PRO B 85 -31.19 8.19 -30.72
C PRO B 85 -30.96 6.70 -30.49
N TYR B 86 -29.99 6.16 -31.22
CA TYR B 86 -29.57 4.77 -31.12
C TYR B 86 -28.10 4.70 -30.73
N VAL B 87 -27.73 3.55 -30.14
CA VAL B 87 -26.34 3.18 -29.87
C VAL B 87 -26.03 1.91 -30.65
N ASN B 88 -25.08 1.99 -31.58
CA ASN B 88 -24.95 1.05 -32.67
C ASN B 88 -23.74 0.15 -32.53
N GLN B 89 -22.54 0.72 -32.50
CA GLN B 89 -21.33 -0.05 -32.38
C GLN B 89 -21.23 -0.72 -31.01
N ARG B 90 -20.64 -0.03 -30.03
CA ARG B 90 -20.56 -0.57 -28.67
C ARG B 90 -20.98 0.49 -27.65
N TRP B 91 -21.65 0.04 -26.59
CA TRP B 91 -22.20 0.92 -25.56
C TRP B 91 -21.06 1.46 -24.70
N LEU B 92 -20.61 2.67 -25.00
CA LEU B 92 -19.52 3.27 -24.23
C LEU B 92 -19.87 3.37 -22.76
N GLY B 93 -18.84 3.29 -21.93
CA GLY B 93 -19.05 3.31 -20.48
C GLY B 93 -19.27 4.70 -19.94
N GLY B 94 -20.47 4.95 -19.44
CA GLY B 94 -20.83 6.27 -18.95
C GLY B 94 -21.65 7.11 -19.89
N MET B 95 -22.11 6.54 -21.02
CA MET B 95 -23.01 7.24 -21.91
C MET B 95 -24.21 7.85 -21.17
N LEU B 96 -24.58 7.30 -20.01
CA LEU B 96 -25.66 7.85 -19.18
C LEU B 96 -25.17 8.44 -17.87
N THR B 97 -24.49 7.65 -17.03
CA THR B 97 -24.06 8.22 -15.76
C THR B 97 -22.90 9.20 -15.90
N ASN B 98 -22.31 9.31 -17.10
CA ASN B 98 -21.30 10.33 -17.39
C ASN B 98 -21.68 11.09 -18.65
N PHE B 99 -23.00 11.19 -18.91
CA PHE B 99 -23.52 11.86 -20.10
C PHE B 99 -23.00 13.30 -20.22
N LYS B 100 -22.87 14.00 -19.09
CA LYS B 100 -22.38 15.37 -19.16
C LYS B 100 -21.03 15.44 -19.87
N THR B 101 -20.29 14.32 -19.90
CA THR B 101 -18.99 14.26 -20.56
C THR B 101 -19.07 13.63 -21.95
N ILE B 102 -19.54 12.39 -22.05
CA ILE B 102 -19.70 11.75 -23.35
C ILE B 102 -20.38 12.68 -24.33
N SER B 103 -21.27 13.55 -23.85
CA SER B 103 -22.00 14.41 -24.78
C SER B 103 -21.11 15.49 -25.39
N GLN B 104 -20.07 15.94 -24.69
CA GLN B 104 -19.18 16.92 -25.33
C GLN B 104 -18.09 16.25 -26.15
N ARG B 105 -18.17 14.94 -26.37
CA ARG B 105 -17.57 14.33 -27.54
C ARG B 105 -18.44 14.49 -28.78
N VAL B 106 -19.60 15.12 -28.65
CA VAL B 106 -20.35 15.54 -29.82
C VAL B 106 -20.22 17.03 -30.04
N HIS B 107 -19.84 17.80 -29.02
CA HIS B 107 -19.41 19.16 -29.30
C HIS B 107 -18.10 19.21 -30.09
N ARG B 108 -17.39 18.08 -30.19
CA ARG B 108 -16.31 17.97 -31.16
C ARG B 108 -16.81 17.41 -32.48
N LEU B 109 -17.56 16.29 -32.45
CA LEU B 109 -18.12 15.72 -33.68
C LEU B 109 -18.83 16.77 -34.54
N GLU B 110 -20.00 17.23 -34.11
CA GLU B 110 -20.76 18.26 -34.82
C GLU B 110 -19.88 19.41 -35.29
N GLU B 111 -18.71 19.54 -34.65
CA GLU B 111 -17.77 20.63 -34.85
C GLU B 111 -16.72 20.31 -35.92
N LEU B 112 -16.25 19.06 -36.02
CA LEU B 112 -15.32 18.72 -37.09
C LEU B 112 -16.03 18.47 -38.42
N GLU B 113 -17.25 17.94 -38.38
CA GLU B 113 -18.15 18.10 -39.51
C GLU B 113 -18.08 19.53 -40.03
N ALA B 114 -18.19 20.49 -39.10
CA ALA B 114 -18.22 21.90 -39.45
C ALA B 114 -16.90 22.35 -40.07
N LEU B 115 -15.80 21.99 -39.45
CA LEU B 115 -14.47 22.31 -39.98
C LEU B 115 -14.03 21.40 -41.12
N PHE B 116 -14.95 20.63 -41.72
CA PHE B 116 -14.67 19.88 -42.93
C PHE B 116 -15.57 20.34 -44.07
N ALA B 117 -16.89 20.31 -43.87
CA ALA B 117 -17.77 21.04 -44.76
C ALA B 117 -17.48 22.54 -44.63
N SER B 118 -16.27 22.94 -45.01
CA SER B 118 -15.71 24.24 -44.68
C SER B 118 -14.60 24.56 -45.67
N PRO B 119 -14.15 25.84 -45.75
CA PRO B 119 -12.95 26.16 -46.54
C PRO B 119 -11.67 26.06 -45.71
N GLU B 120 -11.76 26.26 -44.39
CA GLU B 120 -10.61 26.27 -43.50
C GLU B 120 -9.94 24.89 -43.36
N ILE B 121 -10.26 23.96 -44.25
CA ILE B 121 -10.03 22.54 -44.00
C ILE B 121 -8.64 22.09 -44.44
N GLU B 122 -8.20 22.49 -45.65
CA GLU B 122 -6.85 22.19 -46.13
C GLU B 122 -5.84 23.23 -45.70
N GLU B 123 -6.27 24.32 -45.05
CA GLU B 123 -5.39 25.16 -44.28
C GLU B 123 -4.81 24.38 -43.10
N ARG B 124 -3.70 24.90 -42.57
CA ARG B 124 -2.94 24.30 -41.46
C ARG B 124 -2.29 23.00 -41.97
N PRO B 125 -1.27 22.48 -41.26
CA PRO B 125 -0.45 21.41 -41.83
C PRO B 125 -1.26 20.23 -42.36
N LYS B 126 -0.75 19.64 -43.46
CA LYS B 126 -1.35 18.45 -44.05
C LYS B 126 -1.06 17.18 -43.24
N LYS B 127 -0.16 17.27 -42.26
CA LYS B 127 0.14 16.16 -41.38
C LYS B 127 -0.87 16.02 -40.24
N GLU B 128 -1.61 17.09 -39.93
CA GLU B 128 -2.74 17.02 -39.00
C GLU B 128 -4.06 16.73 -39.70
N GLN B 129 -4.18 17.08 -40.98
CA GLN B 129 -5.39 16.74 -41.72
C GLN B 129 -5.60 15.24 -41.82
N VAL B 130 -4.57 14.43 -41.51
CA VAL B 130 -4.67 12.97 -41.59
C VAL B 130 -5.28 12.40 -40.31
N ARG B 131 -5.02 13.02 -39.16
CA ARG B 131 -5.63 12.55 -37.93
C ARG B 131 -6.98 13.19 -37.67
N LEU B 132 -7.16 14.47 -38.06
CA LEU B 132 -8.43 15.13 -37.78
C LEU B 132 -9.56 14.56 -38.62
N LYS B 133 -9.26 13.99 -39.78
CA LYS B 133 -10.28 13.23 -40.50
C LYS B 133 -10.36 11.80 -40.04
N HIS B 134 -9.26 11.24 -39.52
CA HIS B 134 -9.31 9.93 -38.88
C HIS B 134 -9.98 9.98 -37.51
N GLU B 135 -9.96 11.14 -36.86
CA GLU B 135 -10.69 11.30 -35.59
C GLU B 135 -12.17 11.56 -35.85
N LEU B 136 -12.47 12.55 -36.69
CA LEU B 136 -13.86 12.78 -37.09
C LEU B 136 -14.51 11.50 -37.60
N GLU B 137 -13.74 10.62 -38.22
CA GLU B 137 -14.30 9.36 -38.68
C GLU B 137 -14.73 8.49 -37.51
N ARG B 138 -13.95 8.52 -36.43
CA ARG B 138 -14.20 7.70 -35.24
C ARG B 138 -15.37 8.24 -34.40
N LEU B 139 -15.44 9.56 -34.20
CA LEU B 139 -16.59 10.14 -33.53
C LEU B 139 -17.87 9.78 -34.25
N GLN B 140 -17.82 9.74 -35.58
CA GLN B 140 -18.96 9.27 -36.37
C GLN B 140 -19.10 7.76 -36.30
N LYS B 141 -18.04 7.03 -35.91
CA LYS B 141 -18.14 5.58 -35.81
C LYS B 141 -19.11 5.16 -34.72
N TYR B 142 -18.98 5.78 -33.53
CA TYR B 142 -19.62 5.37 -32.27
C TYR B 142 -20.80 6.25 -31.87
N LEU B 143 -20.67 7.58 -32.05
CA LEU B 143 -21.72 8.53 -31.71
C LEU B 143 -22.65 8.83 -32.89
N SER B 144 -22.81 7.86 -33.79
CA SER B 144 -23.55 8.06 -35.03
C SER B 144 -25.01 8.43 -34.76
N GLY B 145 -25.63 7.77 -33.79
CA GLY B 145 -27.00 8.04 -33.39
C GLY B 145 -27.11 8.41 -31.93
N PHE B 146 -26.00 8.83 -31.35
CA PHE B 146 -26.01 9.39 -30.02
C PHE B 146 -25.98 10.91 -30.02
N ARG B 147 -25.50 11.51 -31.12
CA ARG B 147 -25.48 12.96 -31.28
C ARG B 147 -26.86 13.56 -31.06
N LEU B 148 -27.90 12.79 -31.41
CA LEU B 148 -29.29 13.22 -31.31
C LEU B 148 -29.66 13.63 -29.88
N LEU B 149 -29.08 12.96 -28.88
CA LEU B 149 -29.52 13.09 -27.49
C LEU B 149 -28.98 14.37 -26.87
N LYS B 150 -29.87 15.33 -26.60
CA LYS B 150 -29.46 16.57 -25.93
C LYS B 150 -29.53 16.45 -24.40
N ARG B 151 -30.50 15.70 -23.89
CA ARG B 151 -30.67 15.46 -22.46
C ARG B 151 -30.82 13.97 -22.21
N LEU B 152 -30.85 13.59 -20.94
CA LEU B 152 -30.94 12.17 -20.63
C LEU B 152 -32.28 11.61 -21.13
N PRO B 153 -32.30 10.39 -21.64
CA PRO B 153 -33.52 9.86 -22.26
C PRO B 153 -34.61 9.57 -21.24
N ASP B 154 -35.86 9.63 -21.72
CA ASP B 154 -37.00 9.37 -20.85
C ASP B 154 -37.10 7.89 -20.53
N ALA B 155 -36.98 7.04 -21.53
CA ALA B 155 -36.87 5.61 -21.34
C ALA B 155 -35.70 5.14 -22.19
N ILE B 156 -35.61 3.83 -22.46
CA ILE B 156 -34.42 3.22 -23.04
C ILE B 156 -34.78 1.82 -23.49
N PHE B 157 -34.22 1.41 -24.62
CA PHE B 157 -34.68 0.20 -25.30
C PHE B 157 -33.50 -0.72 -25.62
N VAL B 158 -33.53 -1.91 -25.04
CA VAL B 158 -32.40 -2.82 -25.01
C VAL B 158 -32.83 -4.13 -25.68
N VAL B 159 -31.96 -4.67 -26.53
CA VAL B 159 -32.30 -5.86 -27.31
C VAL B 159 -31.80 -7.14 -26.62
N ASP B 160 -30.59 -7.15 -26.11
CA ASP B 160 -30.15 -8.21 -25.19
C ASP B 160 -29.78 -7.54 -23.88
N PRO B 161 -30.64 -7.60 -22.86
CA PRO B 161 -30.32 -6.90 -21.60
C PRO B 161 -29.13 -7.53 -20.91
N THR B 162 -28.93 -8.83 -21.11
CA THR B 162 -27.69 -9.45 -20.68
C THR B 162 -26.50 -8.87 -21.43
N LYS B 163 -26.53 -8.93 -22.76
CA LYS B 163 -25.34 -8.55 -23.52
C LYS B 163 -25.01 -7.07 -23.30
N GLU B 164 -26.04 -6.22 -23.21
CA GLU B 164 -25.78 -4.82 -22.86
C GLU B 164 -26.29 -4.49 -21.46
N ALA B 165 -25.79 -5.20 -20.44
CA ALA B 165 -26.22 -4.94 -19.07
C ALA B 165 -25.47 -3.78 -18.42
N ILE B 166 -24.44 -3.26 -19.08
CA ILE B 166 -23.77 -2.07 -18.60
C ILE B 166 -24.58 -0.83 -18.92
N ALA B 167 -25.45 -0.92 -19.92
CA ALA B 167 -26.44 0.13 -20.11
C ALA B 167 -27.52 0.03 -19.06
N VAL B 168 -28.16 -1.14 -18.97
CA VAL B 168 -29.29 -1.34 -18.06
C VAL B 168 -28.95 -0.86 -16.66
N ARG B 169 -27.71 -1.04 -16.23
CA ARG B 169 -27.37 -0.54 -14.91
C ARG B 169 -27.37 0.98 -14.89
N GLU B 170 -26.94 1.61 -15.98
CA GLU B 170 -26.87 3.06 -15.98
C GLU B 170 -28.25 3.68 -15.96
N ALA B 171 -29.20 3.06 -16.65
CA ALA B 171 -30.59 3.48 -16.57
C ALA B 171 -31.08 3.34 -15.12
N ARG B 172 -31.22 2.10 -14.63
CA ARG B 172 -31.35 1.79 -13.22
C ARG B 172 -30.82 2.87 -12.30
N LYS B 173 -29.52 3.18 -12.39
CA LYS B 173 -28.96 4.08 -11.39
C LYS B 173 -29.49 5.49 -11.57
N LEU B 174 -29.79 5.87 -12.81
CA LEU B 174 -30.38 7.16 -13.13
C LEU B 174 -31.92 7.11 -13.17
N PHE B 175 -32.51 6.01 -12.70
CA PHE B 175 -33.94 5.78 -12.54
C PHE B 175 -34.67 5.80 -13.88
N ILE B 176 -33.96 5.49 -14.96
CA ILE B 176 -34.48 5.51 -16.31
C ILE B 176 -35.17 4.19 -16.63
N PRO B 177 -36.48 4.22 -16.88
CA PRO B 177 -37.23 2.98 -17.16
C PRO B 177 -36.58 2.10 -18.22
N VAL B 178 -36.16 0.91 -17.84
CA VAL B 178 -35.62 -0.02 -18.82
C VAL B 178 -36.77 -0.74 -19.51
N ILE B 179 -36.87 -0.54 -20.83
CA ILE B 179 -37.59 -1.45 -21.70
C ILE B 179 -36.54 -2.41 -22.22
N ALA B 180 -36.93 -3.63 -22.56
CA ALA B 180 -35.99 -4.49 -23.28
C ALA B 180 -36.71 -5.71 -23.83
N LEU B 181 -36.08 -6.31 -24.83
CA LEU B 181 -36.44 -7.65 -25.25
C LEU B 181 -35.53 -8.63 -24.51
N ALA B 182 -36.13 -9.59 -23.80
CA ALA B 182 -35.40 -10.53 -22.96
C ALA B 182 -35.56 -11.95 -23.47
N ASP B 183 -34.61 -12.81 -23.10
CA ASP B 183 -34.64 -14.18 -23.61
C ASP B 183 -33.81 -15.06 -22.66
N THR B 184 -34.47 -15.54 -21.60
CA THR B 184 -33.99 -16.72 -20.88
C THR B 184 -32.61 -16.59 -20.24
N ASP B 185 -31.62 -16.05 -20.94
CA ASP B 185 -30.35 -15.83 -20.27
C ASP B 185 -30.33 -14.51 -19.50
N SER B 186 -31.49 -13.87 -19.33
CA SER B 186 -31.58 -12.52 -18.82
C SER B 186 -32.27 -12.51 -17.45
N ASP B 187 -32.07 -11.42 -16.72
CA ASP B 187 -32.60 -11.32 -15.36
C ASP B 187 -33.83 -10.44 -15.36
N PRO B 188 -35.03 -11.02 -15.47
CA PRO B 188 -36.24 -10.20 -15.70
C PRO B 188 -36.37 -9.03 -14.75
N ASP B 189 -36.07 -9.23 -13.47
CA ASP B 189 -36.30 -8.20 -12.46
C ASP B 189 -35.55 -6.92 -12.76
N LEU B 190 -34.40 -7.01 -13.41
CA LEU B 190 -33.66 -5.81 -13.76
C LEU B 190 -34.36 -4.96 -14.82
N VAL B 191 -35.48 -5.44 -15.35
CA VAL B 191 -36.11 -4.89 -16.55
C VAL B 191 -37.47 -4.36 -16.16
N ASP B 192 -37.69 -3.06 -16.36
CA ASP B 192 -38.94 -2.48 -15.92
C ASP B 192 -40.13 -2.95 -16.78
N TYR B 193 -39.97 -2.93 -18.11
CA TYR B 193 -41.00 -3.38 -19.05
C TYR B 193 -40.39 -4.43 -19.98
N ILE B 194 -40.85 -5.68 -19.86
CA ILE B 194 -40.18 -6.83 -20.47
C ILE B 194 -40.87 -7.21 -21.77
N ILE B 195 -40.10 -7.75 -22.71
CA ILE B 195 -40.66 -8.44 -23.87
C ILE B 195 -40.05 -9.83 -23.95
N PRO B 196 -40.71 -10.86 -23.40
CA PRO B 196 -40.09 -12.19 -23.29
C PRO B 196 -40.13 -12.88 -24.64
N GLY B 197 -38.96 -13.11 -25.23
CA GLY B 197 -38.96 -13.56 -26.61
C GLY B 197 -37.80 -14.36 -27.15
N ASN B 198 -36.84 -13.65 -27.76
CA ASN B 198 -35.79 -14.28 -28.54
C ASN B 198 -34.80 -13.21 -28.95
N ASP B 199 -33.66 -13.13 -28.30
CA ASP B 199 -32.71 -12.06 -28.59
C ASP B 199 -31.77 -12.41 -29.75
N ASP B 200 -32.01 -13.49 -30.48
CA ASP B 200 -31.30 -13.75 -31.73
C ASP B 200 -32.28 -13.76 -32.90
N ALA B 201 -31.88 -14.39 -34.01
CA ALA B 201 -32.78 -14.81 -35.09
C ALA B 201 -33.24 -13.70 -36.04
N ILE B 202 -32.83 -12.44 -35.85
CA ILE B 202 -33.06 -11.34 -36.81
C ILE B 202 -34.52 -11.21 -37.22
N ARG B 203 -35.19 -12.33 -37.50
CA ARG B 203 -36.62 -12.30 -37.80
C ARG B 203 -37.43 -11.94 -36.57
N SER B 204 -37.08 -12.52 -35.41
CA SER B 204 -37.74 -12.17 -34.16
C SER B 204 -37.46 -10.73 -33.77
N ILE B 205 -36.23 -10.27 -33.99
CA ILE B 205 -35.87 -8.91 -33.64
C ILE B 205 -36.59 -7.90 -34.53
N GLN B 206 -36.90 -8.29 -35.77
CA GLN B 206 -37.54 -7.40 -36.73
C GLN B 206 -39.06 -7.35 -36.54
N LEU B 207 -39.67 -8.50 -36.25
CA LEU B 207 -41.10 -8.51 -35.95
C LEU B 207 -41.45 -7.54 -34.82
N ILE B 208 -40.50 -7.29 -33.91
CA ILE B 208 -40.74 -6.65 -32.62
C ILE B 208 -40.33 -5.18 -32.63
N LEU B 209 -39.08 -4.92 -33.01
CA LEU B 209 -38.57 -3.56 -33.06
C LEU B 209 -39.32 -2.71 -34.10
N SER B 210 -39.73 -3.33 -35.22
CA SER B 210 -40.57 -2.67 -36.20
C SER B 210 -41.85 -2.15 -35.56
N ARG B 211 -42.71 -3.06 -35.10
CA ARG B 211 -44.01 -2.65 -34.54
C ARG B 211 -43.86 -1.59 -33.46
N ALA B 212 -42.76 -1.60 -32.70
CA ALA B 212 -42.56 -0.58 -31.68
C ALA B 212 -42.35 0.79 -32.30
N VAL B 213 -41.61 0.85 -33.40
CA VAL B 213 -41.49 2.11 -34.14
C VAL B 213 -42.76 2.40 -34.93
N ASP B 214 -43.57 1.37 -35.22
CA ASP B 214 -44.86 1.62 -35.83
C ASP B 214 -45.79 2.28 -34.84
N LEU B 215 -45.73 1.87 -33.58
CA LEU B 215 -46.50 2.49 -32.52
C LEU B 215 -45.94 3.84 -32.10
N ILE B 216 -44.67 4.13 -32.32
CA ILE B 216 -44.17 5.46 -32.00
C ILE B 216 -44.87 6.49 -32.88
N ILE B 217 -44.68 6.34 -34.19
CA ILE B 217 -45.28 7.27 -35.16
C ILE B 217 -46.80 7.12 -35.21
N GLN B 218 -47.36 5.97 -34.81
CA GLN B 218 -48.80 5.90 -34.69
C GLN B 218 -49.30 6.82 -33.57
N ALA B 219 -48.46 7.13 -32.59
CA ALA B 219 -48.78 8.20 -31.67
C ALA B 219 -48.26 9.53 -32.15
N ARG B 220 -47.14 9.52 -32.87
CA ARG B 220 -46.59 10.75 -33.45
C ARG B 220 -47.47 11.34 -34.56
N GLY B 221 -48.55 10.67 -34.96
CA GLY B 221 -49.39 11.16 -36.05
C GLY B 221 -50.07 10.09 -36.88
N GLY B 222 -49.85 10.13 -38.20
CA GLY B 222 -50.50 9.23 -39.13
C GLY B 222 -49.65 8.15 -39.76
N VAL B 223 -48.43 7.92 -39.26
CA VAL B 223 -47.57 6.79 -39.63
C VAL B 223 -47.06 6.92 -41.06
N VAL B 224 -45.80 6.51 -41.26
CA VAL B 224 -45.22 6.36 -42.59
C VAL B 224 -45.89 5.19 -43.29
N GLU B 225 -45.51 4.89 -44.53
CA GLU B 225 -45.94 3.66 -45.18
C GLU B 225 -45.29 2.47 -44.48
N PRO B 226 -46.04 1.67 -43.66
CA PRO B 226 -45.41 0.56 -42.92
C PRO B 226 -44.49 -0.29 -43.79
N SER B 227 -43.22 0.10 -43.82
CA SER B 227 -42.22 -0.46 -44.72
C SER B 227 -40.83 -0.03 -44.27
N PRO B 228 -39.99 -0.98 -43.78
CA PRO B 228 -38.61 -0.63 -43.46
C PRO B 228 -37.54 -1.57 -44.03
N SER B 229 -37.51 -2.84 -43.51
CA SER B 229 -36.36 -3.73 -43.65
C SER B 229 -36.72 -5.22 -43.67
N TYR B 230 -37.96 -5.61 -43.98
CA TYR B 230 -38.33 -7.02 -44.05
C TYR B 230 -37.50 -7.77 -45.09
N ALA B 231 -37.30 -7.16 -46.27
CA ALA B 231 -36.42 -7.75 -47.28
C ALA B 231 -34.96 -7.54 -46.92
N LEU B 232 -34.68 -6.47 -46.17
CA LEU B 232 -33.34 -6.17 -45.66
C LEU B 232 -33.03 -6.91 -44.36
N VAL B 233 -33.53 -8.15 -44.24
CA VAL B 233 -33.10 -9.09 -43.21
C VAL B 233 -32.96 -10.46 -43.88
N GLN B 234 -31.72 -10.89 -44.11
CA GLN B 234 -31.36 -12.17 -44.73
C GLN B 234 -29.84 -12.35 -44.76
N GLY C 1 17.21 19.76 -10.74
CA GLY C 1 18.21 20.64 -11.37
C GLY C 1 18.03 21.23 -12.78
N ASN C 2 17.08 20.66 -13.51
CA ASN C 2 16.80 20.81 -14.93
C ASN C 2 16.13 22.18 -15.24
N LYS C 3 15.60 22.35 -16.47
CA LYS C 3 14.63 23.38 -16.89
C LYS C 3 15.24 24.76 -17.13
N ILE C 4 15.34 25.17 -18.43
CA ILE C 4 15.86 26.48 -18.90
C ILE C 4 15.14 27.71 -18.38
N HIS C 5 15.38 28.82 -19.04
CA HIS C 5 14.53 29.98 -18.86
C HIS C 5 13.58 30.08 -20.04
N PRO C 6 12.26 30.05 -19.82
CA PRO C 6 11.33 30.05 -20.96
C PRO C 6 11.42 31.29 -21.83
N ILE C 7 11.90 32.39 -21.27
CA ILE C 7 12.15 33.58 -22.06
C ILE C 7 13.46 33.43 -22.82
N GLY C 8 14.54 33.14 -22.09
CA GLY C 8 15.84 32.91 -22.70
C GLY C 8 15.80 31.83 -23.77
N PHE C 9 14.80 30.95 -23.68
CA PHE C 9 14.58 29.87 -24.63
C PHE C 9 13.76 30.31 -25.83
N ARG C 10 13.16 31.48 -25.80
CA ARG C 10 12.34 31.91 -26.93
C ARG C 10 12.80 33.23 -27.54
N LEU C 11 13.84 33.86 -26.96
CA LEU C 11 14.28 35.21 -27.33
C LEU C 11 14.38 35.45 -28.83
N GLY C 12 14.42 34.39 -29.64
CA GLY C 12 14.45 34.60 -31.08
C GLY C 12 13.08 34.67 -31.72
N ILE C 13 12.05 34.18 -31.01
CA ILE C 13 10.71 33.97 -31.56
C ILE C 13 9.71 33.99 -30.44
N THR C 14 8.64 34.76 -30.58
CA THR C 14 7.62 34.93 -29.54
C THR C 14 8.23 35.35 -28.22
N ARG C 15 9.36 36.06 -28.30
CA ARG C 15 9.74 37.06 -27.30
C ARG C 15 10.99 37.78 -27.78
N ASP C 16 11.05 39.07 -27.51
CA ASP C 16 12.11 39.94 -27.97
C ASP C 16 12.87 40.49 -26.77
N TRP C 17 13.87 41.30 -27.08
CA TRP C 17 14.89 41.70 -26.10
C TRP C 17 14.41 42.91 -25.32
N GLU C 18 14.65 42.88 -24.00
CA GLU C 18 14.27 44.01 -23.14
C GLU C 18 15.01 45.29 -23.49
N SER C 19 16.18 45.20 -24.15
CA SER C 19 16.83 46.38 -24.72
C SER C 19 17.38 45.97 -26.08
N ARG C 20 17.00 46.70 -27.13
CA ARG C 20 17.22 46.27 -28.50
C ARG C 20 17.89 47.40 -29.29
N TRP C 21 19.17 47.64 -28.98
CA TRP C 21 19.97 48.59 -29.73
C TRP C 21 21.14 47.83 -30.37
N TYR C 22 22.29 48.48 -30.46
CA TYR C 22 23.45 47.92 -31.17
C TYR C 22 24.69 48.73 -30.81
N ALA C 23 25.85 48.08 -30.88
CA ALA C 23 27.09 48.76 -30.59
C ALA C 23 28.25 47.88 -31.04
N GLY C 24 29.35 48.52 -31.43
CA GLY C 24 30.60 47.82 -31.64
C GLY C 24 31.16 47.34 -30.30
N LYS C 25 32.36 46.76 -30.36
CA LYS C 25 32.93 46.18 -29.15
C LYS C 25 33.54 47.21 -28.21
N LYS C 26 33.69 48.46 -28.65
CA LYS C 26 34.20 49.47 -27.74
C LYS C 26 33.10 50.09 -26.89
N GLN C 27 31.84 49.91 -27.28
CA GLN C 27 30.71 50.59 -26.68
C GLN C 27 29.77 49.67 -25.91
N TYR C 28 29.34 48.55 -26.52
CA TYR C 28 28.44 47.55 -25.96
C TYR C 28 28.57 47.49 -24.45
N ARG C 29 29.80 47.35 -23.99
CA ARG C 29 30.10 47.15 -22.58
C ARG C 29 29.49 48.23 -21.69
N HIS C 30 29.64 49.50 -22.08
CA HIS C 30 29.16 50.63 -21.27
C HIS C 30 27.67 50.87 -21.44
N LEU C 31 27.22 50.90 -22.71
CA LEU C 31 25.80 51.02 -23.02
C LEU C 31 24.96 50.04 -22.19
N LEU C 32 25.45 48.80 -22.06
CA LEU C 32 24.80 47.85 -21.19
C LEU C 32 24.83 48.30 -19.74
N LEU C 33 25.97 48.80 -19.27
CA LEU C 33 26.06 49.15 -17.86
C LEU C 33 25.06 50.23 -17.51
N GLU C 34 25.12 51.35 -18.22
CA GLU C 34 24.08 52.38 -18.11
C GLU C 34 22.69 51.76 -18.23
N ASP C 35 22.41 51.12 -19.37
CA ASP C 35 21.20 50.35 -19.62
C ASP C 35 20.67 49.65 -18.37
N GLN C 36 21.57 49.18 -17.50
CA GLN C 36 21.14 48.44 -16.33
C GLN C 36 20.91 49.34 -15.12
N ARG C 37 21.72 50.40 -14.93
CA ARG C 37 21.43 51.35 -13.86
C ARG C 37 20.05 51.99 -14.06
N ILE C 38 19.65 52.16 -15.32
CA ILE C 38 18.30 52.57 -15.67
C ILE C 38 17.28 51.63 -15.06
N ARG C 39 17.39 50.34 -15.36
CA ARG C 39 16.46 49.34 -14.83
C ARG C 39 16.50 49.28 -13.30
N GLY C 40 17.65 49.57 -12.71
CA GLY C 40 17.79 49.53 -11.26
C GLY C 40 17.17 50.72 -10.57
N LEU C 41 17.36 51.92 -11.15
CA LEU C 41 16.64 53.09 -10.66
C LEU C 41 15.15 52.90 -10.83
N LEU C 42 14.73 52.44 -12.01
CA LEU C 42 13.33 52.25 -12.37
C LEU C 42 12.66 51.14 -11.59
N GLU C 43 13.41 50.24 -10.95
CA GLU C 43 12.77 49.22 -10.14
C GLU C 43 12.81 49.55 -8.66
N LYS C 44 13.55 50.57 -8.23
CA LYS C 44 13.34 50.98 -6.86
C LYS C 44 12.26 52.05 -6.78
N GLU C 45 12.41 53.12 -7.56
CA GLU C 45 11.43 54.21 -7.51
C GLU C 45 10.05 53.74 -7.97
N LEU C 46 9.98 53.01 -9.08
CA LEU C 46 8.70 52.68 -9.70
C LEU C 46 8.06 51.42 -9.17
N TYR C 47 8.41 50.97 -7.96
CA TYR C 47 7.90 49.69 -7.48
C TYR C 47 6.37 49.68 -7.55
N SER C 48 5.74 50.67 -6.92
CA SER C 48 4.29 50.70 -6.72
C SER C 48 3.52 50.99 -8.00
N ALA C 49 4.18 51.50 -9.04
CA ALA C 49 3.57 51.52 -10.37
C ALA C 49 3.20 50.12 -10.84
N GLY C 50 3.93 49.11 -10.35
CA GLY C 50 3.79 47.73 -10.76
C GLY C 50 4.26 47.50 -12.17
N LEU C 51 5.57 47.63 -12.41
CA LEU C 51 6.08 47.58 -13.78
C LEU C 51 6.36 46.15 -14.18
N ALA C 52 6.03 45.81 -15.43
CA ALA C 52 6.32 44.49 -15.98
C ALA C 52 7.72 44.46 -16.57
N ARG C 53 7.90 44.98 -17.79
CA ARG C 53 9.21 45.07 -18.41
C ARG C 53 9.57 46.52 -18.69
N VAL C 54 10.86 46.74 -18.94
CA VAL C 54 11.42 48.08 -19.15
C VAL C 54 12.19 48.03 -20.45
N ASP C 55 11.55 48.41 -21.54
CA ASP C 55 12.19 48.34 -22.84
C ASP C 55 13.13 49.53 -23.02
N ILE C 56 14.31 49.27 -23.57
CA ILE C 56 15.21 50.35 -23.91
C ILE C 56 15.58 50.21 -25.39
N GLU C 57 15.58 51.34 -26.09
CA GLU C 57 16.06 51.43 -27.45
C GLU C 57 17.00 52.62 -27.50
N ARG C 58 18.18 52.44 -28.07
CA ARG C 58 19.08 53.54 -28.33
C ARG C 58 19.27 53.68 -29.83
N ALA C 59 19.69 54.88 -30.24
CA ALA C 59 19.93 55.15 -31.64
C ALA C 59 21.01 56.23 -31.74
N ALA C 60 20.77 57.26 -32.55
CA ALA C 60 21.70 58.39 -32.67
C ALA C 60 22.03 58.95 -31.29
N ASP C 61 23.03 58.35 -30.62
CA ASP C 61 23.45 58.71 -29.26
C ASP C 61 22.35 58.50 -28.22
N ASN C 62 21.12 58.95 -28.53
CA ASN C 62 20.01 59.06 -27.59
C ASN C 62 19.61 57.74 -26.93
N VAL C 63 18.58 57.82 -26.09
CA VAL C 63 18.01 56.70 -25.39
C VAL C 63 16.50 56.74 -25.63
N ALA C 64 15.76 55.76 -25.07
CA ALA C 64 14.30 55.72 -25.21
C ALA C 64 13.67 54.65 -24.34
N VAL C 65 13.53 54.93 -23.05
CA VAL C 65 12.84 54.03 -22.14
C VAL C 65 11.35 53.95 -22.51
N THR C 66 10.74 52.80 -22.22
CA THR C 66 9.31 52.61 -22.42
C THR C 66 8.80 51.75 -21.25
N VAL C 67 8.63 52.40 -20.10
CA VAL C 67 8.25 51.74 -18.85
C VAL C 67 6.81 51.24 -18.97
N HIS C 68 6.62 49.91 -19.02
CA HIS C 68 5.31 49.30 -19.01
C HIS C 68 4.88 49.10 -17.56
N VAL C 69 3.72 49.66 -17.19
CA VAL C 69 3.23 49.61 -15.82
C VAL C 69 1.74 49.31 -15.79
N ALA C 70 1.27 48.89 -14.63
CA ALA C 70 -0.13 48.53 -14.47
C ALA C 70 -1.00 49.76 -14.30
N LYS C 71 -0.52 50.75 -13.54
CA LYS C 71 -1.30 51.93 -13.16
C LYS C 71 -0.51 53.17 -13.53
N PRO C 72 -0.50 53.56 -14.82
CA PRO C 72 0.39 54.64 -15.28
C PRO C 72 0.23 55.94 -14.52
N GLY C 73 -0.65 55.96 -13.53
CA GLY C 73 -0.81 57.12 -12.71
C GLY C 73 0.46 57.50 -11.97
N VAL C 74 0.96 56.60 -11.13
CA VAL C 74 1.99 57.01 -10.19
C VAL C 74 3.32 57.33 -10.87
N VAL C 75 3.43 57.08 -12.17
CA VAL C 75 4.60 57.56 -12.91
C VAL C 75 4.35 58.93 -13.53
N ILE C 76 3.09 59.28 -13.82
CA ILE C 76 2.81 60.62 -14.34
C ILE C 76 2.84 61.64 -13.22
N GLY C 77 2.14 61.35 -12.12
CA GLY C 77 2.06 62.30 -11.02
C GLY C 77 1.04 63.39 -11.27
N ARG C 78 1.23 64.52 -10.60
CA ARG C 78 0.29 65.65 -10.68
C ARG C 78 0.31 66.29 -12.06
N GLY C 79 -0.52 65.79 -12.98
CA GLY C 79 -0.59 66.32 -14.33
C GLY C 79 0.66 66.04 -15.16
N GLY C 80 1.77 65.74 -14.48
CA GLY C 80 3.04 65.46 -15.09
C GLY C 80 4.22 65.68 -14.15
N GLU C 81 3.95 66.09 -12.90
CA GLU C 81 5.00 66.49 -11.96
C GLU C 81 5.50 65.28 -11.17
N ARG C 82 6.13 64.36 -11.90
CA ARG C 82 6.75 63.14 -11.39
C ARG C 82 7.51 62.50 -12.55
N ILE C 83 6.82 62.39 -13.69
CA ILE C 83 7.45 61.87 -14.89
C ILE C 83 8.57 62.78 -15.37
N ARG C 84 8.63 64.02 -14.87
CA ARG C 84 9.74 64.90 -15.20
C ARG C 84 10.88 64.79 -14.19
N VAL C 85 10.60 64.47 -12.93
CA VAL C 85 11.68 64.24 -11.96
C VAL C 85 12.46 62.99 -12.34
N LEU C 86 11.76 61.95 -12.80
CA LEU C 86 12.44 60.74 -13.24
C LEU C 86 13.18 60.96 -14.55
N ARG C 87 12.51 61.55 -15.54
CA ARG C 87 13.16 61.87 -16.81
C ARG C 87 14.37 62.79 -16.62
N GLU C 88 14.48 63.41 -15.44
CA GLU C 88 15.62 64.23 -15.07
C GLU C 88 16.64 63.45 -14.24
N GLU C 89 16.16 62.60 -13.33
CA GLU C 89 17.07 61.68 -12.63
C GLU C 89 17.78 60.75 -13.61
N LEU C 90 17.14 60.45 -14.74
CA LEU C 90 17.71 59.59 -15.78
C LEU C 90 18.78 60.31 -16.59
N ALA C 91 18.40 61.40 -17.28
CA ALA C 91 19.35 62.20 -18.05
C ALA C 91 20.47 62.77 -17.18
N LYS C 92 20.39 62.62 -15.86
CA LYS C 92 21.51 62.95 -14.99
C LYS C 92 22.66 61.97 -15.20
N LEU C 93 22.41 60.68 -14.89
CA LEU C 93 23.44 59.65 -15.07
C LEU C 93 23.71 59.40 -16.54
N THR C 94 22.65 59.35 -17.34
CA THR C 94 22.73 59.24 -18.80
C THR C 94 22.92 60.64 -19.39
N GLY C 95 24.16 61.07 -19.56
CA GLY C 95 24.38 62.42 -20.06
C GLY C 95 23.96 62.59 -21.51
N LYS C 96 22.86 61.93 -21.92
CA LYS C 96 22.59 61.71 -23.34
C LYS C 96 21.13 61.97 -23.71
N ASN C 97 20.39 62.69 -22.86
CA ASN C 97 19.01 63.10 -23.16
C ASN C 97 18.11 61.89 -23.33
N VAL C 98 17.45 61.49 -22.25
CA VAL C 98 16.56 60.32 -22.23
C VAL C 98 15.16 60.73 -22.66
N ALA C 99 14.38 59.73 -23.08
CA ALA C 99 13.02 59.94 -23.59
C ALA C 99 12.07 58.93 -22.93
N LEU C 100 11.64 59.24 -21.71
CA LEU C 100 10.70 58.39 -20.97
C LEU C 100 9.37 58.24 -21.69
N ASN C 101 8.74 57.08 -21.51
CA ASN C 101 7.39 56.81 -21.98
C ASN C 101 6.65 56.05 -20.90
N VAL C 102 5.37 55.78 -21.14
CA VAL C 102 4.56 54.90 -20.30
C VAL C 102 3.57 54.16 -21.18
N GLN C 103 3.53 52.84 -21.02
CA GLN C 103 2.64 51.95 -21.77
C GLN C 103 1.65 51.31 -20.81
N GLU C 104 0.37 51.49 -21.09
CA GLU C 104 -0.67 50.91 -20.25
C GLU C 104 -0.63 49.40 -20.38
N VAL C 105 -0.14 48.73 -19.36
CA VAL C 105 -0.43 47.33 -19.18
C VAL C 105 -1.85 47.22 -18.66
N GLN C 106 -2.82 47.15 -19.57
CA GLN C 106 -4.10 46.54 -19.21
C GLN C 106 -3.85 45.13 -18.70
N ASN C 107 -4.75 44.65 -17.84
CA ASN C 107 -4.67 43.26 -17.40
C ASN C 107 -3.41 43.00 -16.57
N PRO C 108 -3.31 43.50 -15.33
CA PRO C 108 -2.20 43.05 -14.49
C PRO C 108 -2.20 41.55 -14.27
N ASN C 109 -3.29 40.87 -14.61
CA ASN C 109 -3.38 39.43 -14.37
C ASN C 109 -3.06 38.61 -15.63
N LEU C 110 -2.31 39.17 -16.56
CA LEU C 110 -1.85 38.40 -17.70
C LEU C 110 -0.39 38.63 -18.02
N SER C 111 0.29 39.52 -17.29
CA SER C 111 1.72 39.71 -17.42
C SER C 111 2.35 38.98 -16.25
N ALA C 112 3.17 37.98 -16.56
CA ALA C 112 3.73 37.12 -15.51
C ALA C 112 4.53 37.86 -14.44
N PRO C 113 5.39 38.85 -14.77
CA PRO C 113 6.16 39.48 -13.68
C PRO C 113 5.26 40.12 -12.65
N LEU C 114 4.14 40.68 -13.10
CA LEU C 114 3.15 41.21 -12.18
C LEU C 114 2.51 40.11 -11.34
N VAL C 115 1.85 39.14 -12.00
CA VAL C 115 1.23 37.99 -11.33
C VAL C 115 2.12 37.47 -10.22
N ALA C 116 3.41 37.30 -10.53
CA ALA C 116 4.33 36.82 -9.52
C ALA C 116 4.59 37.86 -8.46
N GLN C 117 4.91 39.10 -8.88
CA GLN C 117 5.13 40.18 -7.93
C GLN C 117 4.05 40.18 -6.87
N ARG C 118 2.80 39.99 -7.32
CA ARG C 118 1.62 40.04 -6.47
C ARG C 118 1.63 38.94 -5.42
N VAL C 119 1.89 37.70 -5.85
CA VAL C 119 1.87 36.56 -4.92
C VAL C 119 2.99 36.72 -3.89
N ALA C 120 4.16 37.18 -4.31
CA ALA C 120 5.25 37.42 -3.37
C ALA C 120 4.88 38.50 -2.36
N GLU C 121 4.13 39.51 -2.80
CA GLU C 121 3.65 40.55 -1.89
C GLU C 121 2.82 39.96 -0.78
N GLN C 122 1.76 39.23 -1.14
CA GLN C 122 0.93 38.59 -0.13
C GLN C 122 1.77 37.81 0.87
N ILE C 123 2.79 37.09 0.38
CA ILE C 123 3.60 36.22 1.24
C ILE C 123 4.29 37.03 2.33
N GLU C 124 4.75 38.25 2.00
CA GLU C 124 5.36 39.08 3.02
C GLU C 124 4.34 39.57 4.03
N ARG C 125 3.09 39.78 3.60
CA ARG C 125 1.96 40.08 4.49
C ARG C 125 1.36 38.84 5.15
N ARG C 126 2.08 37.72 5.09
CA ARG C 126 1.82 36.52 5.90
C ARG C 126 0.56 35.78 5.49
N PHE C 127 0.22 35.84 4.21
CA PHE C 127 -0.95 35.19 3.63
C PHE C 127 -0.80 33.66 3.58
N ALA C 128 -1.89 33.01 3.16
CA ALA C 128 -1.91 31.55 2.97
C ALA C 128 -1.38 31.24 1.58
N VAL C 129 -0.24 30.56 1.53
CA VAL C 129 0.46 30.35 0.25
C VAL C 129 -0.38 29.49 -0.68
N ARG C 130 -0.68 28.26 -0.26
CA ARG C 130 -1.54 27.36 -1.01
C ARG C 130 -2.69 28.09 -1.69
N ARG C 131 -3.40 28.92 -0.91
CA ARG C 131 -4.52 29.68 -1.44
C ARG C 131 -4.04 30.81 -2.33
N ALA C 132 -3.11 31.63 -1.82
CA ALA C 132 -2.50 32.69 -2.62
C ALA C 132 -2.26 32.23 -4.05
N ILE C 133 -1.65 31.04 -4.16
CA ILE C 133 -1.29 30.49 -5.47
C ILE C 133 -2.55 30.09 -6.24
N LYS C 134 -3.33 29.16 -5.65
CA LYS C 134 -4.54 28.68 -6.32
C LYS C 134 -5.39 29.84 -6.83
N GLN C 135 -5.41 30.95 -6.07
CA GLN C 135 -6.18 32.12 -6.47
C GLN C 135 -5.58 32.79 -7.69
N ALA C 136 -4.27 33.06 -7.65
CA ALA C 136 -3.60 33.74 -8.75
C ALA C 136 -3.72 32.95 -10.05
N VAL C 137 -3.61 31.63 -9.98
CA VAL C 137 -3.89 30.82 -11.16
C VAL C 137 -5.28 31.16 -11.69
N GLN C 138 -6.28 31.19 -10.79
CA GLN C 138 -7.63 31.56 -11.21
C GLN C 138 -7.67 32.98 -11.75
N ARG C 139 -7.19 33.95 -10.97
CA ARG C 139 -7.21 35.34 -11.42
C ARG C 139 -6.61 35.45 -12.82
N VAL C 140 -5.60 34.64 -13.11
CA VAL C 140 -5.00 34.65 -14.44
C VAL C 140 -5.84 33.82 -15.41
N MET C 141 -6.35 32.67 -14.97
CA MET C 141 -7.03 31.75 -15.89
C MET C 141 -8.34 32.35 -16.39
N GLU C 142 -9.01 33.12 -15.53
CA GLU C 142 -10.19 33.88 -15.94
C GLU C 142 -9.78 34.87 -17.01
N SER C 143 -8.98 35.88 -16.66
CA SER C 143 -8.61 36.97 -17.57
C SER C 143 -8.14 36.48 -18.93
N GLY C 144 -8.98 35.77 -19.69
CA GLY C 144 -8.56 35.15 -20.94
C GLY C 144 -7.76 33.87 -20.72
N ALA C 145 -6.61 33.74 -21.42
CA ALA C 145 -5.49 32.86 -21.04
C ALA C 145 -5.72 31.36 -21.25
N LYS C 146 -4.85 30.74 -22.05
CA LYS C 146 -4.98 29.32 -22.37
C LYS C 146 -4.35 28.40 -21.32
N GLY C 147 -3.59 28.94 -20.37
CA GLY C 147 -3.10 28.16 -19.23
C GLY C 147 -2.16 29.02 -18.41
N ALA C 148 -1.83 28.53 -17.22
CA ALA C 148 -0.95 29.30 -16.33
C ALA C 148 -0.52 28.48 -15.12
N LYS C 149 0.57 28.91 -14.49
CA LYS C 149 1.26 28.14 -13.46
C LYS C 149 1.94 29.10 -12.51
N VAL C 150 2.10 28.67 -11.26
CA VAL C 150 2.76 29.48 -10.23
C VAL C 150 3.49 28.57 -9.27
N ILE C 151 4.73 28.92 -8.95
CA ILE C 151 5.59 28.11 -8.06
C ILE C 151 6.09 29.02 -6.94
N VAL C 152 5.82 28.64 -5.71
CA VAL C 152 6.55 29.21 -4.58
C VAL C 152 7.54 28.16 -4.13
N SER C 153 8.71 28.59 -3.63
CA SER C 153 9.76 27.67 -3.21
C SER C 153 9.45 27.02 -1.86
N GLY C 154 10.28 27.32 -0.85
CA GLY C 154 10.11 26.73 0.47
C GLY C 154 10.48 27.68 1.59
N ARG C 155 10.15 27.23 2.80
CA ARG C 155 9.96 27.98 4.05
C ARG C 155 8.54 28.49 4.04
N ILE C 156 7.73 27.91 3.15
CA ILE C 156 6.29 28.10 3.14
C ILE C 156 5.75 27.93 4.55
N GLY C 157 5.20 29.01 5.10
CA GLY C 157 4.71 29.05 6.46
C GLY C 157 5.75 29.37 7.49
N GLY C 158 6.91 29.89 7.08
CA GLY C 158 8.02 30.00 8.01
C GLY C 158 8.48 28.59 8.40
N ALA C 159 8.01 27.60 7.64
CA ALA C 159 8.33 26.20 7.91
C ALA C 159 9.83 26.02 8.04
N GLU C 160 10.25 25.13 8.95
CA GLU C 160 11.69 24.95 9.15
C GLU C 160 12.32 24.15 8.01
N GLN C 161 11.55 23.28 7.36
CA GLN C 161 12.02 22.46 6.24
C GLN C 161 11.39 22.99 4.96
N ALA C 162 12.22 23.60 4.10
CA ALA C 162 11.74 24.19 2.85
C ALA C 162 10.91 23.21 2.05
N ARG C 163 9.82 23.71 1.46
CA ARG C 163 8.86 22.87 0.74
C ARG C 163 8.82 23.41 -0.66
N THR C 164 7.83 22.99 -1.45
CA THR C 164 7.54 23.62 -2.72
C THR C 164 6.08 23.45 -3.06
N GLU C 165 5.36 24.56 -3.16
CA GLU C 165 3.94 24.51 -3.43
C GLU C 165 3.70 25.03 -4.85
N TRP C 166 2.70 24.45 -5.48
CA TRP C 166 2.68 24.25 -6.92
C TRP C 166 1.53 25.05 -7.49
N ALA C 167 0.65 24.40 -8.26
CA ALA C 167 -0.65 24.88 -8.77
C ALA C 167 -0.57 25.41 -10.17
N ALA C 168 -1.36 24.83 -11.06
CA ALA C 168 -1.39 25.28 -12.44
C ALA C 168 -2.55 24.62 -13.15
N GLN C 169 -3.15 25.33 -14.11
CA GLN C 169 -4.16 24.70 -14.94
C GLN C 169 -4.07 25.25 -16.36
N GLY C 170 -4.96 24.76 -17.22
CA GLY C 170 -4.79 24.95 -18.64
C GLY C 170 -3.51 24.30 -19.13
N ARG C 171 -3.17 24.60 -20.38
CA ARG C 171 -1.93 24.13 -20.99
C ARG C 171 -0.80 25.10 -20.64
N VAL C 172 0.36 24.56 -20.33
CA VAL C 172 1.57 25.36 -20.16
C VAL C 172 2.66 24.54 -20.84
N PRO C 173 2.84 24.66 -22.16
CA PRO C 173 3.73 23.72 -22.88
C PRO C 173 5.16 24.21 -22.99
N LEU C 174 6.01 23.92 -22.01
CA LEU C 174 7.27 24.64 -21.98
C LEU C 174 8.19 24.21 -23.11
N HIS C 175 8.09 22.96 -23.54
CA HIS C 175 9.06 22.46 -24.51
C HIS C 175 8.70 22.85 -25.94
N THR C 176 7.51 23.45 -26.17
CA THR C 176 7.12 23.92 -27.51
C THR C 176 7.45 25.42 -27.63
N LEU C 177 8.03 25.80 -28.76
CA LEU C 177 8.50 27.18 -28.96
C LEU C 177 7.39 28.10 -29.45
N ARG C 178 6.62 27.62 -30.43
CA ARG C 178 5.33 28.17 -30.83
C ARG C 178 4.40 28.54 -29.67
N ALA C 179 4.94 28.91 -28.51
CA ALA C 179 4.14 28.95 -27.29
C ALA C 179 3.65 30.36 -27.00
N ASN C 180 4.54 31.19 -26.44
CA ASN C 180 4.26 32.56 -26.03
C ASN C 180 3.80 32.50 -24.58
N ILE C 181 4.77 32.40 -23.69
CA ILE C 181 4.55 32.07 -22.31
C ILE C 181 5.31 33.11 -21.51
N ASP C 182 4.62 34.16 -21.07
CA ASP C 182 5.31 35.12 -20.22
C ASP C 182 5.79 34.38 -18.97
N TYR C 183 6.98 34.73 -18.54
CA TYR C 183 7.56 34.20 -17.32
C TYR C 183 7.94 35.38 -16.46
N GLY C 184 7.63 35.29 -15.19
CA GLY C 184 8.02 36.32 -14.25
C GLY C 184 8.49 35.67 -12.97
N PHE C 185 9.45 36.30 -12.34
CA PHE C 185 9.94 35.82 -11.06
C PHE C 185 9.95 36.95 -10.07
N ALA C 186 9.34 36.70 -8.93
CA ALA C 186 9.31 37.63 -7.82
C ALA C 186 10.07 37.04 -6.65
N LEU C 187 10.91 37.86 -6.03
CA LEU C 187 11.49 37.50 -4.76
C LEU C 187 10.53 37.86 -3.63
N ALA C 188 10.77 37.32 -2.43
CA ALA C 188 9.85 37.59 -1.32
C ALA C 188 10.62 37.49 0.01
N ARG C 189 11.45 38.50 0.26
CA ARG C 189 12.10 38.70 1.55
C ARG C 189 11.09 38.62 2.69
N THR C 190 11.23 37.63 3.59
CA THR C 190 10.35 37.55 4.76
C THR C 190 11.21 37.52 6.03
N THR C 191 10.55 37.49 7.19
CA THR C 191 11.23 37.64 8.46
C THR C 191 12.23 36.54 8.72
N TYR C 192 12.19 35.49 7.93
CA TYR C 192 12.83 34.22 8.22
C TYR C 192 13.53 33.67 6.98
N GLY C 193 14.00 34.52 6.08
CA GLY C 193 14.58 34.06 4.84
C GLY C 193 13.64 34.30 3.66
N VAL C 194 14.13 33.94 2.49
CA VAL C 194 13.55 34.39 1.24
C VAL C 194 12.65 33.30 0.67
N LEU C 195 11.87 33.67 -0.33
CA LEU C 195 11.07 32.71 -1.08
C LEU C 195 11.02 33.14 -2.53
N GLY C 196 11.11 32.19 -3.44
CA GLY C 196 11.08 32.50 -4.86
C GLY C 196 9.69 32.23 -5.43
N VAL C 197 9.22 33.18 -6.24
CA VAL C 197 7.91 33.06 -6.87
C VAL C 197 8.06 33.14 -8.37
N LYS C 198 7.71 32.06 -9.05
CA LYS C 198 7.74 32.02 -10.50
C LYS C 198 6.33 32.00 -11.05
N ALA C 199 6.08 32.81 -12.06
CA ALA C 199 4.77 32.86 -12.70
C ALA C 199 4.93 32.46 -14.15
N TYR C 200 4.12 31.51 -14.60
CA TYR C 200 4.08 31.13 -16.01
C TYR C 200 2.69 31.45 -16.54
N ILE C 201 2.64 32.05 -17.72
CA ILE C 201 1.35 32.33 -18.33
C ILE C 201 1.34 31.98 -19.81
N PHE C 202 0.72 30.87 -20.15
CA PHE C 202 0.56 30.51 -21.55
C PHE C 202 -0.65 31.22 -22.11
N LEU C 203 -0.44 31.91 -23.24
CA LEU C 203 -1.48 32.69 -23.91
C LEU C 203 -1.26 32.56 -25.41
N GLY C 204 -2.20 31.89 -26.07
CA GLY C 204 -2.14 31.63 -27.51
C GLY C 204 -0.96 30.80 -28.03
N GLU C 205 -1.12 30.22 -29.22
CA GLU C 205 -0.08 29.43 -29.87
C GLU C 205 0.64 30.29 -30.92
N VAL C 206 0.56 29.92 -32.21
CA VAL C 206 1.46 30.42 -33.29
C VAL C 206 1.80 31.90 -33.17
N GLY D 1 -19.42 41.31 43.58
CA GLY D 1 -19.46 40.13 42.76
C GLY D 1 -18.92 38.87 43.42
N ARG D 2 -19.01 37.73 42.71
CA ARG D 2 -18.43 36.45 43.10
C ARG D 2 -17.16 36.10 42.33
N TYR D 3 -17.15 36.34 41.02
CA TYR D 3 -15.91 36.27 40.24
C TYR D 3 -14.92 37.34 40.72
N ILE D 4 -15.33 38.62 40.72
CA ILE D 4 -14.55 39.74 41.26
C ILE D 4 -13.28 39.95 40.43
N GLY D 5 -13.32 40.91 39.51
CA GLY D 5 -12.20 41.13 38.63
C GLY D 5 -12.65 41.58 37.26
N PRO D 6 -11.67 41.75 36.31
CA PRO D 6 -12.00 42.30 34.98
C PRO D 6 -13.20 41.61 34.34
N VAL D 7 -14.20 42.42 34.04
CA VAL D 7 -15.50 41.92 33.63
C VAL D 7 -15.59 41.97 32.11
N CYS D 8 -15.36 43.16 31.53
CA CYS D 8 -15.46 43.31 30.07
C CYS D 8 -14.38 42.49 29.35
N ARG D 9 -13.44 41.90 30.08
CA ARG D 9 -12.56 40.95 29.43
C ARG D 9 -13.24 39.62 29.15
N LEU D 10 -14.37 39.35 29.80
CA LEU D 10 -15.21 38.20 29.46
C LEU D 10 -16.17 38.55 28.34
N CYS D 11 -16.73 39.77 28.39
CA CYS D 11 -17.42 40.34 27.25
C CYS D 11 -16.67 39.95 25.97
N ARG D 12 -15.35 40.15 25.96
CA ARG D 12 -14.57 40.00 24.73
C ARG D 12 -14.26 38.54 24.40
N ARG D 13 -14.15 37.68 25.42
CA ARG D 13 -13.89 36.26 25.19
C ARG D 13 -15.10 35.56 24.58
N GLU D 14 -16.29 35.81 25.14
CA GLU D 14 -17.49 35.19 24.59
C GLU D 14 -17.93 35.86 23.30
N GLY D 15 -17.39 37.04 22.99
CA GLY D 15 -17.71 37.72 21.74
C GLY D 15 -19.09 38.33 21.69
N VAL D 16 -19.81 38.33 22.81
CA VAL D 16 -21.16 38.87 22.90
C VAL D 16 -21.20 39.90 24.02
N LYS D 17 -22.03 40.93 23.83
CA LYS D 17 -22.32 41.82 24.94
C LYS D 17 -23.01 41.03 26.05
N LEU D 18 -22.58 41.26 27.30
CA LEU D 18 -23.06 40.53 28.46
C LEU D 18 -23.74 41.40 29.51
N TYR D 19 -23.40 42.70 29.57
CA TYR D 19 -24.07 43.69 30.42
C TYR D 19 -23.86 43.40 31.91
N LEU D 20 -22.69 42.82 32.24
CA LEU D 20 -22.31 42.51 33.63
C LEU D 20 -22.09 43.76 34.47
N LYS D 21 -21.41 44.77 33.91
CA LYS D 21 -21.17 46.05 34.58
C LYS D 21 -22.24 47.08 34.30
N GLY D 22 -23.52 46.71 34.31
CA GLY D 22 -24.58 47.69 34.39
C GLY D 22 -24.70 48.65 33.23
N GLU D 23 -24.48 49.95 33.47
CA GLU D 23 -24.86 51.00 32.54
C GLU D 23 -23.74 51.49 31.62
N ARG D 24 -22.49 51.46 32.04
CA ARG D 24 -21.41 51.76 31.10
C ARG D 24 -21.44 50.82 29.89
N CYS D 25 -21.98 49.61 30.08
CA CYS D 25 -22.16 48.67 28.97
C CYS D 25 -23.18 49.17 27.95
N TYR D 26 -23.97 50.18 28.28
CA TYR D 26 -24.81 50.84 27.29
C TYR D 26 -24.12 52.02 26.64
N SER D 27 -23.08 52.57 27.27
CA SER D 27 -22.35 53.69 26.69
C SER D 27 -21.46 53.22 25.55
N PRO D 28 -21.11 54.11 24.62
CA PRO D 28 -20.12 53.78 23.60
C PRO D 28 -18.74 53.42 24.14
N LYS D 29 -18.65 53.12 25.44
CA LYS D 29 -17.38 52.76 26.06
C LYS D 29 -17.23 51.28 26.37
N CYS D 30 -18.33 50.51 26.39
CA CYS D 30 -18.17 49.07 26.62
C CYS D 30 -17.25 48.51 25.54
N ALA D 31 -16.24 47.77 25.95
CA ALA D 31 -15.17 47.37 25.04
C ALA D 31 -15.71 46.59 23.85
N MET D 32 -16.85 45.88 24.04
CA MET D 32 -17.40 45.07 22.96
C MET D 32 -17.54 45.85 21.67
N GLU D 33 -17.82 47.14 21.78
CA GLU D 33 -17.86 48.06 20.65
C GLU D 33 -16.53 48.81 20.56
N ARG D 34 -15.84 48.63 19.42
CA ARG D 34 -14.54 49.20 19.12
C ARG D 34 -13.42 48.56 19.96
N ARG D 35 -13.39 47.21 19.95
CA ARG D 35 -12.39 46.27 20.48
C ARG D 35 -12.98 44.87 20.71
N PRO D 36 -13.62 44.26 19.73
CA PRO D 36 -14.50 43.11 20.00
C PRO D 36 -13.81 41.75 20.08
N TYR D 37 -12.48 41.69 20.06
CA TYR D 37 -11.73 40.44 20.02
C TYR D 37 -11.34 39.99 21.43
N PRO D 38 -10.99 38.72 21.62
CA PRO D 38 -10.69 38.21 22.98
C PRO D 38 -9.57 38.99 23.65
N PRO D 39 -9.43 38.86 24.96
CA PRO D 39 -8.27 39.44 25.65
C PRO D 39 -7.00 38.70 25.28
N GLY D 40 -5.87 39.33 25.62
CA GLY D 40 -4.58 38.69 25.51
C GLY D 40 -3.82 39.07 24.25
N GLN D 41 -2.56 38.64 24.24
CA GLN D 41 -1.61 39.00 23.19
C GLN D 41 -2.11 38.58 21.82
N HIS D 42 -2.60 37.35 21.70
CA HIS D 42 -3.03 36.76 20.44
C HIS D 42 -4.49 37.07 20.10
N GLY D 43 -5.12 37.97 20.82
CA GLY D 43 -6.56 38.17 20.71
C GLY D 43 -7.03 38.72 19.37
N GLN D 44 -6.12 39.19 18.51
CA GLN D 44 -6.52 39.70 17.21
C GLN D 44 -6.05 38.80 16.08
N LYS D 45 -5.81 37.53 16.36
CA LYS D 45 -5.28 36.64 15.34
C LYS D 45 -6.38 35.79 14.70
N ARG D 46 -6.02 35.17 13.56
CA ARG D 46 -6.83 34.19 12.84
C ARG D 46 -7.26 33.02 13.74
N ALA D 47 -8.53 32.97 14.15
CA ALA D 47 -9.00 32.06 15.19
C ALA D 47 -9.35 30.68 14.62
N ARG D 48 -8.73 29.64 15.17
CA ARG D 48 -8.78 28.28 14.65
C ARG D 48 -10.18 27.68 14.77
N ARG D 49 -10.45 26.70 13.88
CA ARG D 49 -11.72 25.98 13.80
C ARG D 49 -12.00 25.35 15.16
N PRO D 50 -12.92 25.90 15.95
CA PRO D 50 -13.05 25.47 17.34
C PRO D 50 -13.72 24.12 17.45
N SER D 51 -13.23 23.31 18.40
CA SER D 51 -13.67 21.94 18.59
C SER D 51 -15.11 21.87 19.07
N ASP D 52 -15.70 20.69 18.89
CA ASP D 52 -17.04 20.42 19.40
C ASP D 52 -17.12 20.69 20.91
N TYR D 53 -16.09 20.27 21.66
CA TYR D 53 -16.03 20.54 23.08
C TYR D 53 -15.98 22.04 23.35
N ALA D 54 -15.03 22.73 22.68
CA ALA D 54 -14.88 24.17 22.83
C ALA D 54 -16.22 24.90 22.78
N VAL D 55 -17.04 24.56 21.79
CA VAL D 55 -18.28 25.31 21.59
C VAL D 55 -19.26 25.07 22.73
N ARG D 56 -19.33 23.83 23.22
CA ARG D 56 -20.23 23.55 24.33
C ARG D 56 -19.70 24.13 25.62
N LEU D 57 -18.37 24.16 25.77
CA LEU D 57 -17.78 24.88 26.89
C LEU D 57 -18.25 26.33 26.89
N ARG D 58 -17.90 27.06 25.82
CA ARG D 58 -18.11 28.51 25.79
C ARG D 58 -19.56 28.85 26.04
N GLU D 59 -20.49 28.11 25.44
CA GLU D 59 -21.89 28.43 25.66
C GLU D 59 -22.25 28.30 27.13
N LYS D 60 -21.62 27.38 27.85
CA LYS D 60 -21.90 27.29 29.28
C LYS D 60 -21.30 28.48 30.03
N GLN D 61 -20.01 28.74 29.83
CA GLN D 61 -19.40 29.97 30.33
C GLN D 61 -20.25 31.18 29.98
N LYS D 62 -20.66 31.29 28.72
CA LYS D 62 -21.55 32.36 28.29
C LYS D 62 -22.75 32.49 29.20
N LEU D 63 -23.32 31.39 29.65
CA LEU D 63 -24.52 31.47 30.49
C LEU D 63 -24.12 31.79 31.92
N ARG D 64 -23.17 31.03 32.46
CA ARG D 64 -22.79 31.14 33.86
C ARG D 64 -22.24 32.52 34.18
N ARG D 65 -21.42 33.08 33.29
CA ARG D 65 -20.90 34.40 33.58
C ARG D 65 -22.01 35.44 33.56
N ILE D 66 -22.98 35.30 32.66
CA ILE D 66 -24.09 36.28 32.62
C ILE D 66 -24.86 36.33 33.94
N TYR D 67 -24.87 35.25 34.72
CA TYR D 67 -25.60 35.27 35.97
C TYR D 67 -24.70 35.50 37.18
N GLY D 68 -23.39 35.53 36.99
CA GLY D 68 -22.47 35.83 38.06
C GLY D 68 -22.34 34.76 39.12
N ILE D 69 -23.07 33.65 38.95
CA ILE D 69 -22.94 32.45 39.77
C ILE D 69 -21.58 31.79 39.59
N SER D 70 -21.19 31.06 40.64
CA SER D 70 -19.94 30.31 40.67
C SER D 70 -19.94 29.24 39.60
N GLU D 71 -19.88 27.99 40.03
CA GLU D 71 -19.82 26.86 39.11
C GLU D 71 -20.33 25.66 39.85
N ARG D 72 -19.78 25.44 41.05
CA ARG D 72 -20.39 24.50 41.98
C ARG D 72 -21.83 24.88 42.22
N GLN D 73 -22.10 26.18 42.34
CA GLN D 73 -23.47 26.66 42.43
C GLN D 73 -24.23 26.43 41.13
N PHE D 74 -23.59 26.72 39.99
CA PHE D 74 -24.22 26.50 38.69
C PHE D 74 -24.59 25.04 38.47
N ARG D 75 -23.61 24.14 38.57
CA ARG D 75 -23.83 22.71 38.36
C ARG D 75 -24.93 22.17 39.24
N ASN D 76 -24.95 22.55 40.51
CA ASN D 76 -26.01 22.13 41.42
C ASN D 76 -27.39 22.55 40.95
N LEU D 77 -27.50 23.63 40.18
CA LEU D 77 -28.80 23.99 39.61
C LEU D 77 -29.15 23.12 38.42
N PHE D 78 -28.26 23.05 37.45
CA PHE D 78 -28.53 22.21 36.30
C PHE D 78 -28.95 20.82 36.72
N GLU D 79 -28.23 20.25 37.68
CA GLU D 79 -28.57 18.90 38.11
C GLU D 79 -29.96 18.88 38.74
N GLU D 80 -30.31 19.90 39.52
CA GLU D 80 -31.68 20.00 40.02
C GLU D 80 -32.69 20.14 38.90
N ALA D 81 -32.31 20.83 37.83
CA ALA D 81 -33.21 20.93 36.69
C ALA D 81 -33.22 19.64 35.87
N SER D 82 -32.10 18.90 35.86
CA SER D 82 -32.19 17.54 35.33
C SER D 82 -33.25 16.75 36.08
N LYS D 83 -33.04 16.51 37.39
CA LYS D 83 -33.92 15.59 38.10
C LYS D 83 -35.37 16.05 38.09
N LYS D 84 -35.57 17.34 37.87
CA LYS D 84 -36.91 17.89 37.90
C LYS D 84 -37.71 17.43 36.67
N LYS D 85 -38.99 17.13 36.93
CA LYS D 85 -40.01 16.92 35.90
C LYS D 85 -40.11 18.12 34.95
N GLY D 86 -40.23 17.83 33.65
CA GLY D 86 -40.38 18.87 32.64
C GLY D 86 -39.17 18.95 31.73
N VAL D 87 -39.16 19.98 30.88
CA VAL D 87 -38.04 20.13 29.94
C VAL D 87 -36.85 20.69 30.71
N THR D 88 -35.83 19.86 30.85
CA THR D 88 -34.71 20.22 31.69
C THR D 88 -33.94 21.43 31.17
N GLY D 89 -33.98 21.69 29.86
CA GLY D 89 -33.37 22.90 29.34
C GLY D 89 -33.91 24.17 29.98
N SER D 90 -35.15 24.49 29.68
CA SER D 90 -35.76 25.72 30.18
C SER D 90 -36.30 25.59 31.60
N VAL D 91 -36.09 24.47 32.28
CA VAL D 91 -36.34 24.48 33.72
C VAL D 91 -35.14 25.03 34.47
N PHE D 92 -33.94 24.73 33.96
CA PHE D 92 -32.71 25.43 34.36
C PHE D 92 -32.88 26.95 34.32
N LEU D 93 -33.21 27.50 33.15
CA LEU D 93 -33.25 28.95 33.01
C LEU D 93 -34.22 29.58 33.98
N GLY D 94 -35.24 28.84 34.42
CA GLY D 94 -36.21 29.41 35.33
C GLY D 94 -35.66 29.56 36.72
N LEU D 95 -34.96 28.52 37.20
CA LEU D 95 -34.30 28.54 38.49
C LEU D 95 -33.27 29.66 38.58
N LEU D 96 -32.24 29.62 37.73
CA LEU D 96 -31.38 30.79 37.51
C LEU D 96 -32.11 32.12 37.66
N GLU D 97 -33.25 32.28 36.98
CA GLU D 97 -33.99 33.53 37.00
C GLU D 97 -34.77 33.74 38.28
N SER D 98 -34.85 32.71 39.14
CA SER D 98 -35.50 32.78 40.45
C SER D 98 -34.56 33.20 41.57
N ARG D 99 -33.25 33.16 41.33
CA ARG D 99 -32.28 33.69 42.27
C ARG D 99 -32.60 35.13 42.63
N LEU D 100 -32.76 35.38 43.93
CA LEU D 100 -33.06 36.73 44.42
C LEU D 100 -32.09 37.76 43.86
N ASP D 101 -30.80 37.42 43.83
CA ASP D 101 -29.84 38.41 43.36
C ASP D 101 -30.18 38.86 41.95
N ASN D 102 -30.68 37.93 41.13
CA ASN D 102 -31.04 38.29 39.77
C ASN D 102 -32.38 39.02 39.73
N VAL D 103 -33.36 38.54 40.50
CA VAL D 103 -34.69 39.12 40.48
C VAL D 103 -34.64 40.60 40.84
N VAL D 104 -33.75 40.95 41.77
CA VAL D 104 -33.55 42.35 42.13
C VAL D 104 -33.04 43.13 40.93
N TYR D 105 -32.07 42.57 40.20
CA TYR D 105 -31.58 43.24 39.00
C TYR D 105 -32.62 43.28 37.90
N ARG D 106 -33.49 42.27 37.83
CA ARG D 106 -34.61 42.36 36.90
C ARG D 106 -35.54 43.51 37.29
N LEU D 107 -35.93 43.58 38.58
CA LEU D 107 -36.80 44.71 38.92
C LEU D 107 -36.13 46.09 38.81
N GLY D 108 -34.95 46.18 38.19
CA GLY D 108 -34.21 47.43 38.14
C GLY D 108 -34.07 48.13 39.48
N PHE D 109 -33.78 47.36 40.54
CA PHE D 109 -33.31 47.98 41.78
C PHE D 109 -31.83 48.30 41.69
N ALA D 110 -31.10 47.51 40.92
CA ALA D 110 -29.70 47.77 40.65
C ALA D 110 -29.45 47.66 39.16
N VAL D 111 -28.45 48.41 38.69
CA VAL D 111 -28.18 48.48 37.28
C VAL D 111 -27.58 47.19 36.75
N SER D 112 -27.03 46.34 37.60
CA SER D 112 -26.42 45.09 37.18
C SER D 112 -26.75 44.03 38.19
N ARG D 113 -26.33 42.79 37.90
CA ARG D 113 -26.54 41.73 38.88
C ARG D 113 -25.52 41.80 40.01
N ARG D 114 -24.27 42.17 39.69
CA ARG D 114 -23.23 42.35 40.70
C ARG D 114 -23.63 43.44 41.70
N GLN D 115 -23.94 44.65 41.21
CA GLN D 115 -24.50 45.64 42.10
C GLN D 115 -25.76 45.12 42.79
N ALA D 116 -26.48 44.21 42.14
CA ALA D 116 -27.66 43.68 42.82
C ALA D 116 -27.25 42.66 43.86
N ARG D 117 -26.10 42.01 43.68
CA ARG D 117 -25.63 41.10 44.72
C ARG D 117 -25.34 41.85 46.00
N GLN D 118 -24.66 42.99 45.91
CA GLN D 118 -24.23 43.73 47.09
C GLN D 118 -25.42 44.25 47.88
N LEU D 119 -26.44 44.74 47.18
CA LEU D 119 -27.64 45.21 47.86
C LEU D 119 -28.31 44.09 48.66
N VAL D 120 -28.09 42.84 48.28
CA VAL D 120 -28.71 41.73 48.99
C VAL D 120 -27.88 41.34 50.21
N ARG D 121 -26.58 41.10 50.01
CA ARG D 121 -25.64 40.83 51.11
C ARG D 121 -25.62 41.90 52.17
N HIS D 122 -26.00 43.14 51.83
CA HIS D 122 -26.02 44.23 52.79
C HIS D 122 -27.42 44.55 53.29
N GLY D 123 -28.36 43.61 53.22
CA GLY D 123 -29.64 43.75 53.88
C GLY D 123 -30.52 44.88 53.40
N HIS D 124 -30.27 45.38 52.19
CA HIS D 124 -31.04 46.46 51.57
C HIS D 124 -32.35 45.98 50.99
N ILE D 125 -32.69 44.69 51.13
CA ILE D 125 -33.77 44.07 50.38
C ILE D 125 -34.65 43.26 51.31
N THR D 126 -35.96 43.40 51.18
CA THR D 126 -36.89 42.53 51.86
C THR D 126 -37.51 41.58 50.87
N VAL D 127 -37.86 40.40 51.37
CA VAL D 127 -38.74 39.50 50.66
C VAL D 127 -39.93 39.29 51.57
N ASN D 128 -41.13 39.54 51.06
CA ASN D 128 -42.36 39.44 51.81
C ASN D 128 -42.34 40.29 53.07
N GLY D 129 -41.26 41.02 53.31
CA GLY D 129 -41.25 41.91 54.46
C GLY D 129 -40.05 41.74 55.35
N ARG D 130 -39.62 40.51 55.57
CA ARG D 130 -38.44 40.31 56.38
C ARG D 130 -37.20 40.39 55.48
N ARG D 131 -36.11 40.88 56.06
CA ARG D 131 -34.84 40.93 55.34
C ARG D 131 -34.39 39.55 54.89
N VAL D 132 -33.90 39.47 53.66
CA VAL D 132 -33.18 38.30 53.16
C VAL D 132 -31.88 38.77 52.51
N ASP D 133 -30.74 38.31 53.04
CA ASP D 133 -29.44 38.76 52.58
C ASP D 133 -28.68 37.67 51.84
N LEU D 134 -29.40 36.69 51.31
CA LEU D 134 -28.80 35.55 50.63
C LEU D 134 -29.04 35.73 49.14
N PRO D 135 -28.04 36.11 48.36
CA PRO D 135 -28.27 36.28 46.92
C PRO D 135 -28.76 35.04 46.21
N SER D 136 -28.54 33.84 46.76
CA SER D 136 -29.00 32.60 46.15
C SER D 136 -30.44 32.26 46.53
N TYR D 137 -31.05 33.04 47.41
CA TYR D 137 -32.41 32.76 47.88
C TYR D 137 -33.31 32.53 46.68
N ARG D 138 -34.22 31.57 46.79
CA ARG D 138 -35.08 31.27 45.65
C ARG D 138 -36.42 32.00 45.78
N VAL D 139 -36.68 32.93 44.87
CA VAL D 139 -37.96 33.62 44.85
C VAL D 139 -39.01 32.68 44.31
N ARG D 140 -40.07 32.48 45.06
CA ARG D 140 -41.18 31.69 44.60
C ARG D 140 -42.30 32.62 44.14
N PRO D 141 -43.23 32.14 43.32
CA PRO D 141 -44.26 33.04 42.79
C PRO D 141 -45.30 33.33 43.87
N GLY D 142 -45.69 34.60 43.91
CA GLY D 142 -46.41 35.17 45.02
C GLY D 142 -45.57 36.10 45.87
N ASP D 143 -44.25 35.90 45.86
CA ASP D 143 -43.38 36.67 46.73
C ASP D 143 -43.19 38.10 46.23
N GLU D 144 -43.15 39.03 47.18
CA GLU D 144 -43.06 40.46 46.91
C GLU D 144 -41.72 40.99 47.43
N ILE D 145 -40.96 41.64 46.55
CA ILE D 145 -39.54 41.93 46.78
C ILE D 145 -39.35 43.44 46.91
N ALA D 146 -39.22 43.92 48.14
CA ALA D 146 -39.17 45.35 48.40
C ALA D 146 -37.73 45.83 48.60
N VAL D 147 -37.53 47.14 48.45
CA VAL D 147 -36.34 47.76 49.01
C VAL D 147 -36.52 47.88 50.51
N ALA D 148 -35.44 47.61 51.26
CA ALA D 148 -35.51 47.62 52.70
C ALA D 148 -36.00 48.96 53.22
N GLU D 149 -36.88 48.90 54.22
CA GLU D 149 -37.55 50.09 54.70
C GLU D 149 -36.55 51.21 55.03
N LYS D 150 -35.60 50.94 55.91
CA LYS D 150 -34.67 51.98 56.28
C LYS D 150 -33.63 52.26 55.20
N SER D 151 -33.59 51.49 54.10
CA SER D 151 -32.72 51.86 52.98
C SER D 151 -33.36 52.84 52.01
N ARG D 152 -34.69 52.81 51.90
CA ARG D 152 -35.44 53.33 50.74
C ARG D 152 -34.86 54.60 50.17
N ASN D 153 -34.30 55.47 50.99
CA ASN D 153 -33.70 56.68 50.45
C ASN D 153 -32.19 56.75 50.58
N LEU D 154 -31.48 55.70 50.13
CA LEU D 154 -30.05 55.89 49.93
C LEU D 154 -29.81 56.58 48.59
N GLU D 155 -28.65 57.23 48.48
CA GLU D 155 -28.31 58.01 47.29
C GLU D 155 -28.37 57.15 46.04
N LEU D 156 -28.18 55.84 46.20
CA LEU D 156 -28.14 54.91 45.08
C LEU D 156 -29.53 54.44 44.67
N ILE D 157 -30.27 53.81 45.59
CA ILE D 157 -31.60 53.31 45.24
C ILE D 157 -32.56 54.44 44.92
N ARG D 158 -32.24 55.66 45.31
CA ARG D 158 -32.98 56.82 44.84
C ARG D 158 -32.80 56.90 43.32
N GLN D 159 -31.57 57.17 42.87
CA GLN D 159 -31.35 57.45 41.45
C GLN D 159 -31.63 56.25 40.54
N ASN D 160 -31.70 55.04 41.11
CA ASN D 160 -31.95 53.82 40.35
C ASN D 160 -33.44 53.51 40.17
N LEU D 161 -34.25 53.64 41.22
CA LEU D 161 -35.68 53.56 40.97
C LEU D 161 -36.22 54.80 40.29
N GLU D 162 -35.44 55.88 40.23
CA GLU D 162 -35.82 57.04 39.43
C GLU D 162 -35.70 56.72 37.95
N ALA D 163 -34.63 56.03 37.56
CA ALA D 163 -34.56 55.53 36.20
C ALA D 163 -35.72 54.58 35.89
N MET D 164 -36.25 53.88 36.88
CA MET D 164 -37.29 52.91 36.60
C MET D 164 -38.66 53.53 36.47
N LYS D 165 -38.78 54.84 36.69
CA LYS D 165 -40.01 55.56 36.39
C LYS D 165 -40.25 55.52 34.88
N GLY D 166 -41.37 54.93 34.49
CA GLY D 166 -41.71 54.79 33.09
C GLY D 166 -41.06 53.62 32.38
N ARG D 167 -40.03 53.02 32.96
CA ARG D 167 -39.38 51.90 32.30
C ARG D 167 -40.23 50.63 32.47
N LYS D 168 -40.01 49.66 31.58
CA LYS D 168 -40.84 48.48 31.52
C LYS D 168 -40.12 47.30 32.17
N VAL D 169 -40.93 46.46 32.82
CA VAL D 169 -40.48 45.30 33.59
C VAL D 169 -40.97 44.04 32.89
N GLY D 170 -40.13 42.99 32.90
CA GLY D 170 -40.47 41.72 32.30
C GLY D 170 -41.91 41.27 32.50
N PRO D 171 -42.41 40.45 31.56
CA PRO D 171 -43.82 40.03 31.64
C PRO D 171 -44.15 39.33 32.94
N TRP D 172 -43.19 38.61 33.53
CA TRP D 172 -43.43 37.74 34.68
C TRP D 172 -43.25 38.44 36.02
N LEU D 173 -43.02 39.75 36.00
CA LEU D 173 -42.88 40.55 37.21
C LEU D 173 -43.76 41.79 37.07
N SER D 174 -44.45 42.12 38.15
CA SER D 174 -44.99 43.45 38.34
C SER D 174 -43.91 44.33 38.96
N LEU D 175 -44.26 45.58 39.30
CA LEU D 175 -43.35 46.52 39.93
C LEU D 175 -44.09 47.80 40.28
N ASP D 176 -43.76 48.40 41.43
CA ASP D 176 -44.50 49.56 41.94
C ASP D 176 -43.49 50.59 42.45
N VAL D 177 -43.15 51.56 41.60
CA VAL D 177 -42.00 52.40 41.92
C VAL D 177 -42.26 53.32 43.12
N GLU D 178 -43.52 53.60 43.46
CA GLU D 178 -43.88 54.46 44.59
C GLU D 178 -43.25 54.02 45.90
N GLY D 179 -43.73 52.90 46.45
CA GLY D 179 -43.20 52.28 47.65
C GLY D 179 -42.00 51.37 47.44
N MET D 180 -41.58 51.20 46.17
CA MET D 180 -40.38 50.43 45.80
C MET D 180 -40.56 48.93 46.02
N LYS D 181 -41.79 48.45 45.86
CA LYS D 181 -42.10 47.03 45.86
C LYS D 181 -41.97 46.46 44.45
N GLY D 182 -42.16 45.15 44.34
CA GLY D 182 -42.08 44.43 43.09
C GLY D 182 -42.53 43.01 43.33
N LYS D 183 -43.18 42.36 42.37
CA LYS D 183 -43.68 41.03 42.65
C LYS D 183 -43.15 40.06 41.61
N PHE D 184 -43.01 38.81 42.03
CA PHE D 184 -42.59 37.70 41.17
C PHE D 184 -43.88 36.96 40.82
N LEU D 185 -44.36 37.17 39.59
CA LEU D 185 -45.66 36.62 39.23
C LEU D 185 -45.54 35.16 38.83
N ARG D 186 -44.58 34.86 37.96
CA ARG D 186 -44.45 33.52 37.44
C ARG D 186 -43.01 33.25 37.03
N LEU D 187 -42.57 32.00 37.17
CA LEU D 187 -41.30 31.61 36.60
C LEU D 187 -41.34 31.91 35.10
N PRO D 188 -40.26 32.45 34.55
CA PRO D 188 -40.31 32.95 33.16
C PRO D 188 -40.52 31.83 32.13
N ASP D 189 -41.46 32.10 31.24
CA ASP D 189 -41.58 31.43 29.94
C ASP D 189 -40.27 31.63 29.18
N ARG D 190 -39.62 30.52 28.78
CA ARG D 190 -38.40 30.55 28.00
C ARG D 190 -38.39 31.63 26.91
N GLU D 191 -39.57 31.97 26.36
CA GLU D 191 -39.66 33.05 25.36
C GLU D 191 -39.34 34.40 25.98
N ASP D 192 -39.69 34.56 27.26
CA ASP D 192 -39.50 35.84 27.94
C ASP D 192 -38.04 36.21 28.07
N LEU D 193 -37.14 35.24 28.13
CA LEU D 193 -35.73 35.51 28.26
C LEU D 193 -35.15 35.76 26.87
N ALA D 194 -34.50 36.90 26.70
CA ALA D 194 -33.82 37.19 25.44
C ALA D 194 -32.38 36.68 25.43
N LEU D 195 -32.14 35.53 26.04
CA LEU D 195 -30.80 35.15 26.47
C LEU D 195 -29.92 34.77 25.28
N PRO D 196 -28.81 35.44 25.09
CA PRO D 196 -27.97 35.21 23.91
C PRO D 196 -27.24 33.88 23.98
N VAL D 197 -27.95 32.78 24.23
CA VAL D 197 -27.28 31.55 24.60
C VAL D 197 -28.19 30.34 24.32
N ASN D 198 -27.66 29.43 23.53
CA ASN D 198 -28.36 28.22 23.10
C ASN D 198 -28.20 27.22 24.24
N GLU D 199 -29.15 27.27 25.18
CA GLU D 199 -29.06 26.43 26.38
C GLU D 199 -29.16 24.94 26.06
N GLN D 200 -29.62 24.60 24.85
CA GLN D 200 -29.57 23.22 24.39
C GLN D 200 -28.14 22.71 24.45
N LEU D 201 -27.17 23.56 24.10
CA LEU D 201 -25.76 23.23 24.17
C LEU D 201 -25.29 23.02 25.60
N VAL D 202 -25.86 23.77 26.52
CA VAL D 202 -25.37 23.71 27.89
C VAL D 202 -25.71 22.36 28.52
N ILE D 203 -26.92 21.88 28.28
CA ILE D 203 -27.27 20.50 28.60
C ILE D 203 -26.24 19.53 28.01
N GLU D 204 -25.92 19.72 26.73
CA GLU D 204 -25.00 18.83 26.01
C GLU D 204 -23.61 18.84 26.59
N PHE D 205 -23.19 19.95 27.20
CA PHE D 205 -21.86 20.01 27.81
C PHE D 205 -21.77 19.12 29.04
N TYR D 206 -22.75 19.23 29.93
CA TYR D 206 -22.83 18.46 31.17
C TYR D 206 -23.38 17.06 30.89
N SER D 207 -22.68 16.31 30.04
CA SER D 207 -23.04 14.91 29.77
C SER D 207 -21.93 14.19 29.05
N ARG D 208 -20.70 14.66 29.20
CA ARG D 208 -19.56 14.16 28.43
C ARG D 208 -19.29 12.62 28.56
N ASP E 1 -32.57 26.41 3.94
CA ASP E 1 -31.63 25.82 3.00
C ASP E 1 -30.70 24.78 3.72
N PHE E 2 -29.67 24.30 2.97
CA PHE E 2 -28.83 23.17 3.35
C PHE E 2 -27.60 23.61 4.14
N GLU E 3 -27.31 22.93 5.23
CA GLU E 3 -26.07 23.13 5.97
C GLU E 3 -25.12 21.98 5.67
N GLU E 4 -23.83 22.26 5.59
CA GLU E 4 -22.80 21.24 5.53
C GLU E 4 -22.05 21.26 6.85
N LYS E 5 -21.74 20.08 7.39
CA LYS E 5 -21.05 20.08 8.67
C LYS E 5 -19.65 19.54 8.56
N MET E 6 -19.48 18.43 7.83
CA MET E 6 -18.19 17.77 7.60
C MET E 6 -17.62 17.11 8.86
N ILE E 7 -17.69 15.78 8.87
CA ILE E 7 -17.34 14.98 10.04
C ILE E 7 -15.85 14.74 10.17
N LEU E 8 -15.12 14.67 9.05
CA LEU E 8 -13.75 14.17 9.07
C LEU E 8 -12.96 14.65 7.85
N ILE E 9 -11.67 14.88 8.08
CA ILE E 9 -10.70 15.06 7.02
C ILE E 9 -9.53 14.18 7.36
N ARG E 10 -8.86 13.65 6.32
CA ARG E 10 -7.71 12.77 6.52
C ARG E 10 -6.78 12.87 5.32
N ARG E 11 -5.51 12.50 5.55
CA ARG E 11 -4.45 12.48 4.56
C ARG E 11 -4.02 11.05 4.39
N THR E 12 -4.16 10.51 3.17
CA THR E 12 -3.70 9.16 2.90
C THR E 12 -2.39 9.24 2.10
N ALA E 13 -1.84 8.08 1.76
CA ALA E 13 -0.46 8.06 1.30
C ALA E 13 -0.22 6.86 0.41
N ARG E 14 0.17 7.14 -0.84
CA ARG E 14 0.54 6.15 -1.82
C ARG E 14 2.05 5.94 -1.76
N MET E 15 2.54 4.91 -2.39
CA MET E 15 3.97 4.78 -2.53
C MET E 15 4.36 4.81 -4.00
N GLN E 16 5.09 5.85 -4.36
CA GLN E 16 5.79 5.92 -5.61
C GLN E 16 7.24 5.58 -5.30
N ALA E 17 8.02 5.32 -6.36
CA ALA E 17 9.45 5.31 -6.15
C ALA E 17 9.87 6.69 -5.67
N GLY E 18 10.90 6.71 -4.82
CA GLY E 18 11.31 7.95 -4.16
C GLY E 18 10.18 8.76 -3.56
N GLY E 19 9.75 8.43 -2.36
CA GLY E 19 8.77 9.22 -1.65
C GLY E 19 7.37 8.63 -1.66
N ARG E 20 6.53 9.22 -0.83
CA ARG E 20 5.14 8.86 -0.72
C ARG E 20 4.31 9.96 -1.37
N ARG E 21 3.24 9.57 -2.04
CA ARG E 21 2.33 10.47 -2.72
C ARG E 21 1.04 10.59 -1.90
N PHE E 22 0.74 11.78 -1.41
CA PHE E 22 -0.38 12.05 -0.52
C PHE E 22 -1.67 12.32 -1.30
N ARG E 23 -2.79 12.26 -0.57
CA ARG E 23 -4.12 12.65 -1.03
C ARG E 23 -5.07 12.70 0.17
N PHE E 24 -6.24 13.33 -0.01
CA PHE E 24 -7.09 13.76 1.10
C PHE E 24 -8.52 13.28 0.96
N GLY E 25 -9.06 12.74 2.07
CA GLY E 25 -10.45 12.28 2.14
C GLY E 25 -11.27 13.13 3.09
N ALA E 26 -12.52 13.40 2.69
CA ALA E 26 -13.42 14.29 3.43
C ALA E 26 -14.78 13.62 3.55
N LEU E 27 -15.27 13.48 4.80
CA LEU E 27 -16.66 13.13 5.07
C LEU E 27 -17.45 14.39 5.34
N VAL E 28 -18.62 14.53 4.72
CA VAL E 28 -19.41 15.72 4.95
C VAL E 28 -20.90 15.34 4.98
N VAL E 29 -21.62 15.95 5.91
CA VAL E 29 -23.07 15.79 6.02
C VAL E 29 -23.72 17.09 5.63
N VAL E 30 -24.78 16.99 4.83
CA VAL E 30 -25.61 18.13 4.48
C VAL E 30 -27.05 17.76 4.80
N GLY E 31 -27.73 18.68 5.45
CA GLY E 31 -29.12 18.50 5.78
C GLY E 31 -29.78 19.86 5.84
N ASP E 32 -31.10 19.85 5.72
CA ASP E 32 -31.94 21.03 5.83
C ASP E 32 -32.50 21.24 7.22
N ARG E 33 -32.19 20.34 8.16
CA ARG E 33 -32.75 20.33 9.52
C ARG E 33 -34.27 20.19 9.51
N GLN E 34 -34.83 19.59 8.46
CA GLN E 34 -36.24 19.25 8.43
C GLN E 34 -36.36 17.92 7.70
N GLY E 35 -35.65 16.92 8.22
CA GLY E 35 -35.88 15.56 7.82
C GLY E 35 -35.22 15.12 6.54
N ARG E 36 -34.26 15.90 6.02
CA ARG E 36 -33.47 15.57 4.84
C ARG E 36 -31.98 15.70 5.15
N VAL E 37 -31.24 14.59 5.02
CA VAL E 37 -29.78 14.59 5.11
C VAL E 37 -29.20 13.75 4.00
N GLY E 38 -27.93 14.03 3.74
CA GLY E 38 -27.11 13.17 2.90
C GLY E 38 -25.68 13.12 3.43
N LEU E 39 -25.02 12.00 3.14
CA LEU E 39 -23.60 11.79 3.42
C LEU E 39 -22.78 11.96 2.17
N GLY E 40 -21.68 12.68 2.28
CA GLY E 40 -20.75 12.68 1.18
C GLY E 40 -19.35 12.23 1.56
N PHE E 41 -18.74 11.30 0.84
CA PHE E 41 -17.34 11.00 1.08
C PHE E 41 -16.53 11.33 -0.16
N GLY E 42 -15.64 12.32 -0.04
CA GLY E 42 -14.94 12.92 -1.16
C GLY E 42 -13.42 12.99 -1.06
N LYS E 43 -12.75 12.52 -2.11
CA LYS E 43 -11.30 12.34 -2.14
C LYS E 43 -10.70 13.10 -3.30
N ALA E 44 -9.49 13.70 -3.05
CA ALA E 44 -8.86 14.60 -4.01
C ALA E 44 -7.50 15.10 -3.54
N PRO E 45 -6.67 15.60 -4.46
CA PRO E 45 -5.26 15.91 -4.11
C PRO E 45 -5.07 17.08 -3.17
N GLU E 46 -6.10 17.85 -2.87
CA GLU E 46 -5.92 18.98 -1.97
C GLU E 46 -7.12 19.00 -1.02
N VAL E 47 -6.92 19.48 0.20
CA VAL E 47 -8.00 19.48 1.20
C VAL E 47 -9.27 20.11 0.64
N PRO E 48 -9.28 21.40 0.28
CA PRO E 48 -10.55 22.03 -0.08
C PRO E 48 -11.16 21.41 -1.30
N LEU E 49 -10.34 21.04 -2.27
CA LEU E 49 -10.92 20.38 -3.43
C LEU E 49 -11.73 19.17 -3.02
N ALA E 50 -11.29 18.48 -1.97
CA ALA E 50 -11.92 17.23 -1.57
C ALA E 50 -13.15 17.46 -0.72
N VAL E 51 -13.09 18.43 0.20
CA VAL E 51 -14.29 18.82 0.94
C VAL E 51 -15.41 19.17 -0.04
N GLN E 52 -15.19 20.21 -0.85
CA GLN E 52 -16.11 20.60 -1.93
C GLN E 52 -16.65 19.38 -2.66
N LYS E 53 -15.78 18.44 -2.98
CA LYS E 53 -16.21 17.28 -3.76
C LYS E 53 -17.24 16.48 -3.01
N ALA E 54 -17.06 16.36 -1.70
CA ALA E 54 -17.96 15.57 -0.88
C ALA E 54 -19.34 16.21 -0.83
N GLY E 55 -19.39 17.51 -0.50
CA GLY E 55 -20.61 18.29 -0.51
C GLY E 55 -21.50 17.93 -1.69
N TYR E 56 -20.87 17.84 -2.87
CA TYR E 56 -21.59 17.48 -4.09
C TYR E 56 -22.13 16.05 -4.00
N TYR E 57 -21.27 15.08 -3.64
CA TYR E 57 -21.78 13.73 -3.49
C TYR E 57 -22.80 13.65 -2.38
N ALA E 58 -22.63 14.45 -1.32
CA ALA E 58 -23.58 14.44 -0.21
C ALA E 58 -24.97 14.79 -0.67
N ARG E 59 -25.10 15.53 -1.77
CA ARG E 59 -26.41 15.98 -2.22
C ARG E 59 -27.11 14.98 -3.11
N ARG E 60 -26.45 13.93 -3.55
CA ARG E 60 -27.15 12.70 -3.88
C ARG E 60 -26.91 11.71 -2.74
N ASN E 61 -27.60 10.58 -2.81
CA ASN E 61 -28.00 9.81 -1.62
C ASN E 61 -28.38 10.76 -0.44
N MET E 62 -29.55 11.38 -0.61
CA MET E 62 -30.28 12.00 0.48
C MET E 62 -31.06 10.91 1.23
N VAL E 63 -31.52 11.24 2.43
CA VAL E 63 -32.38 10.34 3.17
C VAL E 63 -33.50 11.17 3.76
N GLU E 64 -34.73 10.64 3.67
CA GLU E 64 -35.92 11.33 4.18
C GLU E 64 -36.20 10.84 5.59
N VAL E 65 -35.84 11.66 6.59
CA VAL E 65 -35.92 11.20 7.98
C VAL E 65 -37.31 11.52 8.52
N PRO E 66 -38.00 10.55 9.11
CA PRO E 66 -39.40 10.70 9.50
C PRO E 66 -39.53 11.31 10.89
N LEU E 67 -38.94 12.48 11.09
CA LEU E 67 -39.01 13.14 12.40
C LEU E 67 -40.44 13.11 12.96
N GLN E 68 -40.53 13.00 14.29
CA GLN E 68 -41.82 12.88 14.98
C GLN E 68 -41.63 13.65 16.28
N ASN E 69 -41.83 14.96 16.24
CA ASN E 69 -41.67 15.82 17.42
C ASN E 69 -40.21 15.87 17.87
N GLY E 70 -39.31 15.90 16.88
CA GLY E 70 -37.89 16.01 17.15
C GLY E 70 -37.17 14.70 17.37
N THR E 71 -37.79 13.58 17.05
CA THR E 71 -37.17 12.32 17.38
C THR E 71 -37.64 11.28 16.39
N ILE E 72 -37.41 10.03 16.71
CA ILE E 72 -37.44 8.93 15.75
C ILE E 72 -38.73 8.16 15.94
N PRO E 73 -39.39 7.80 14.87
CA PRO E 73 -40.49 6.82 14.91
C PRO E 73 -40.25 5.72 15.92
N HIS E 74 -39.28 4.86 15.64
CA HIS E 74 -38.99 3.80 16.58
C HIS E 74 -37.51 3.70 16.92
N GLU E 75 -37.02 2.47 17.11
CA GLU E 75 -35.65 2.13 17.50
C GLU E 75 -35.11 1.16 16.47
N ILE E 76 -33.90 1.44 15.98
CA ILE E 76 -33.17 0.46 15.19
C ILE E 76 -31.74 0.38 15.65
N GLU E 77 -31.17 -0.81 15.46
CA GLU E 77 -29.74 -1.05 15.37
C GLU E 77 -29.40 -1.43 13.94
N VAL E 78 -28.30 -0.89 13.42
CA VAL E 78 -27.81 -1.19 12.08
C VAL E 78 -26.36 -1.60 12.19
N GLU E 79 -25.99 -2.64 11.48
CA GLU E 79 -24.62 -3.06 11.43
C GLU E 79 -24.08 -2.67 10.06
N PHE E 80 -22.98 -1.92 10.03
CA PHE E 80 -22.27 -1.65 8.78
C PHE E 80 -20.89 -2.25 8.84
N GLY E 81 -20.77 -3.43 8.27
CA GLY E 81 -19.53 -4.15 8.44
C GLY E 81 -19.33 -4.51 9.89
N ALA E 82 -18.31 -3.96 10.54
CA ALA E 82 -18.15 -4.24 11.95
C ALA E 82 -18.44 -3.04 12.82
N SER E 83 -19.04 -1.99 12.24
CA SER E 83 -19.61 -0.91 13.02
C SER E 83 -21.10 -1.13 13.24
N LYS E 84 -21.57 -0.76 14.43
CA LYS E 84 -22.94 -1.00 14.86
C LYS E 84 -23.45 0.27 15.50
N ILE E 85 -24.62 0.72 15.09
CA ILE E 85 -25.19 1.96 15.62
C ILE E 85 -26.54 1.59 16.24
N VAL E 86 -26.79 2.11 17.44
CA VAL E 86 -28.03 1.84 18.15
C VAL E 86 -28.70 3.18 18.32
N LEU E 87 -29.89 3.30 17.76
CA LEU E 87 -30.68 4.52 17.74
C LEU E 87 -31.93 4.31 18.57
N LYS E 88 -32.27 5.29 19.41
CA LYS E 88 -33.37 5.16 20.35
C LYS E 88 -34.13 6.48 20.54
N PRO E 89 -35.44 6.50 20.31
CA PRO E 89 -36.20 7.75 20.42
C PRO E 89 -36.30 8.22 21.86
N ALA E 90 -36.47 9.53 22.03
CA ALA E 90 -36.50 10.08 23.38
C ALA E 90 -37.59 11.15 23.52
N ALA E 91 -37.87 11.51 24.78
CA ALA E 91 -38.74 12.62 25.11
C ALA E 91 -38.02 13.94 24.90
N PRO E 92 -38.77 15.03 24.73
CA PRO E 92 -38.12 16.32 24.51
C PRO E 92 -37.41 16.80 25.76
N GLY E 93 -36.35 17.59 25.54
CA GLY E 93 -35.45 17.97 26.59
C GLY E 93 -34.26 17.06 26.75
N THR E 94 -34.29 15.88 26.11
CA THR E 94 -33.18 14.95 26.22
C THR E 94 -31.92 15.51 25.60
N GLY E 95 -32.03 16.10 24.43
CA GLY E 95 -30.87 16.47 23.66
C GLY E 95 -30.48 15.36 22.71
N VAL E 96 -29.57 15.69 21.81
CA VAL E 96 -28.97 14.63 20.99
C VAL E 96 -27.84 14.06 21.84
N ILE E 97 -28.03 12.84 22.30
CA ILE E 97 -26.98 12.17 23.05
C ILE E 97 -26.31 11.15 22.14
N ALA E 98 -25.39 11.63 21.33
CA ALA E 98 -24.72 10.78 20.38
C ALA E 98 -23.23 11.02 20.47
N GLY E 99 -22.47 10.15 19.81
CA GLY E 99 -21.07 10.44 19.56
C GLY E 99 -20.90 11.60 18.59
N ALA E 100 -19.65 11.88 18.21
CA ALA E 100 -19.39 13.02 17.34
C ALA E 100 -19.99 12.83 15.94
N VAL E 101 -19.71 11.70 15.30
CA VAL E 101 -20.19 11.41 13.95
C VAL E 101 -21.72 11.36 13.89
N PRO E 102 -22.42 10.48 14.63
CA PRO E 102 -23.88 10.40 14.45
C PRO E 102 -24.60 11.65 14.92
N ARG E 103 -24.02 12.47 15.80
CA ARG E 103 -24.68 13.73 16.13
C ARG E 103 -24.77 14.62 14.90
N ALA E 104 -23.63 14.93 14.29
CA ALA E 104 -23.59 15.76 13.09
C ALA E 104 -24.63 15.31 12.06
N ILE E 105 -24.81 14.00 11.89
CA ILE E 105 -25.80 13.54 10.93
C ILE E 105 -27.20 13.74 11.48
N LEU E 106 -27.40 13.39 12.75
CA LEU E 106 -28.71 13.55 13.36
C LEU E 106 -29.10 15.03 13.48
N GLU E 107 -28.17 15.90 13.82
CA GLU E 107 -28.54 17.29 13.98
C GLU E 107 -28.98 17.90 12.66
N LEU E 108 -28.33 17.53 11.56
CA LEU E 108 -28.73 18.13 10.31
C LEU E 108 -29.97 17.46 9.73
N ALA E 109 -30.30 16.26 10.20
CA ALA E 109 -31.59 15.69 9.82
C ALA E 109 -32.73 16.33 10.59
N GLY E 110 -32.44 17.22 11.53
CA GLY E 110 -33.43 17.85 12.36
C GLY E 110 -33.80 17.10 13.63
N VAL E 111 -33.19 15.96 13.92
CA VAL E 111 -33.45 15.33 15.20
C VAL E 111 -33.00 16.27 16.30
N THR E 112 -33.79 16.36 17.35
CA THR E 112 -33.42 17.23 18.44
C THR E 112 -33.32 16.54 19.79
N ASP E 113 -33.84 15.32 19.92
CA ASP E 113 -33.75 14.55 21.16
C ASP E 113 -33.72 13.09 20.75
N ILE E 114 -32.63 12.37 21.07
CA ILE E 114 -32.49 10.97 20.69
C ILE E 114 -31.35 10.36 21.49
N LEU E 115 -31.35 9.02 21.57
CA LEU E 115 -30.36 8.24 22.33
C LEU E 115 -29.60 7.29 21.40
N THR E 116 -28.27 7.17 21.65
CA THR E 116 -27.32 6.63 20.70
C THR E 116 -26.38 5.63 21.37
N LYS E 117 -25.83 4.68 20.61
CA LYS E 117 -24.60 4.00 21.06
C LYS E 117 -23.79 3.50 19.88
N GLU E 118 -22.53 3.89 19.79
CA GLU E 118 -21.67 3.26 18.81
C GLU E 118 -21.18 1.94 19.39
N LEU E 119 -21.37 0.87 18.64
CA LEU E 119 -20.89 -0.43 19.08
C LEU E 119 -20.03 -1.04 17.97
N GLY E 120 -19.20 -2.01 18.36
CA GLY E 120 -18.27 -2.60 17.40
C GLY E 120 -17.13 -1.68 17.05
N SER E 121 -16.65 -1.69 15.80
CA SER E 121 -15.58 -0.77 15.42
C SER E 121 -16.14 0.64 15.34
N ARG E 122 -15.48 1.56 16.00
CA ARG E 122 -15.94 2.94 15.99
C ARG E 122 -15.39 3.74 14.83
N ASN E 123 -14.83 3.07 13.84
CA ASN E 123 -14.37 3.75 12.65
C ASN E 123 -15.36 4.77 12.12
N PRO E 124 -15.05 6.06 12.20
CA PRO E 124 -16.04 7.09 11.85
C PRO E 124 -16.70 6.90 10.52
N ILE E 125 -15.98 6.38 9.52
CA ILE E 125 -16.59 6.28 8.20
C ILE E 125 -17.74 5.28 8.20
N ASN E 126 -17.49 4.06 8.65
CA ASN E 126 -18.54 3.06 8.71
C ASN E 126 -19.66 3.46 9.66
N ILE E 127 -19.32 3.99 10.86
CA ILE E 127 -20.34 4.50 11.77
C ILE E 127 -21.27 5.50 11.07
N ALA E 128 -20.67 6.43 10.30
CA ALA E 128 -21.47 7.37 9.54
C ALA E 128 -22.32 6.64 8.53
N TYR E 129 -21.72 5.76 7.75
CA TYR E 129 -22.51 4.96 6.83
C TYR E 129 -23.62 4.19 7.55
N ALA E 130 -23.34 3.61 8.71
CA ALA E 130 -24.38 2.90 9.45
C ALA E 130 -25.51 3.83 9.84
N THR E 131 -25.18 5.03 10.30
CA THR E 131 -26.22 5.94 10.75
C THR E 131 -27.13 6.35 9.61
N MET E 132 -26.57 6.63 8.44
CA MET E 132 -27.43 6.78 7.27
C MET E 132 -28.30 5.55 7.09
N GLU E 133 -27.70 4.37 7.03
CA GLU E 133 -28.52 3.21 6.72
C GLU E 133 -29.60 2.99 7.74
N ALA E 134 -29.35 3.41 8.99
CA ALA E 134 -30.39 3.37 10.01
C ALA E 134 -31.55 4.31 9.66
N LEU E 135 -31.26 5.60 9.53
CA LEU E 135 -32.30 6.52 9.12
C LEU E 135 -33.01 6.02 7.85
N ARG E 136 -32.23 5.62 6.85
CA ARG E 136 -32.83 5.09 5.64
C ARG E 136 -33.86 4.00 5.94
N GLN E 137 -33.67 3.25 7.04
CA GLN E 137 -34.49 2.09 7.37
C GLN E 137 -35.66 2.39 8.29
N LEU E 138 -35.83 3.64 8.75
CA LEU E 138 -36.93 3.97 9.62
C LEU E 138 -38.26 3.77 8.87
N ARG E 139 -39.35 3.64 9.62
CA ARG E 139 -40.68 3.52 9.05
C ARG E 139 -41.62 4.11 10.07
N THR E 140 -42.78 4.54 9.62
CA THR E 140 -43.77 5.13 10.50
C THR E 140 -45.05 4.32 10.50
N LYS E 141 -45.87 4.58 11.54
CA LYS E 141 -47.14 3.90 11.70
C LYS E 141 -47.84 3.86 10.35
N ALA E 142 -47.93 5.04 9.71
CA ALA E 142 -48.39 5.17 8.32
C ALA E 142 -47.82 4.09 7.42
N ASP E 143 -46.48 3.98 7.41
CA ASP E 143 -45.81 3.16 6.39
C ASP E 143 -46.14 1.71 6.59
N VAL E 144 -46.16 1.27 7.85
CA VAL E 144 -46.53 -0.11 8.14
C VAL E 144 -47.93 -0.39 7.59
N GLU E 145 -48.87 0.51 7.89
CA GLU E 145 -50.24 0.33 7.45
C GLU E 145 -50.30 0.01 5.97
N ARG E 146 -49.61 0.81 5.15
CA ARG E 146 -49.63 0.54 3.71
C ARG E 146 -49.15 -0.87 3.43
N LEU E 147 -48.07 -1.27 4.10
CA LEU E 147 -47.43 -2.55 3.81
C LEU E 147 -48.32 -3.73 4.15
N ARG E 148 -48.93 -3.70 5.35
CA ARG E 148 -49.79 -4.80 5.79
C ARG E 148 -51.10 -4.86 5.02
N LYS E 149 -51.83 -3.75 4.94
CA LYS E 149 -53.11 -3.60 4.22
C LYS E 149 -53.27 -4.55 3.03
N GLY E 150 -54.42 -5.24 2.96
CA GLY E 150 -54.63 -6.27 1.95
C GLY E 150 -55.99 -6.27 1.28
N MET F 1 -20.37 -74.08 1.63
CA MET F 1 -20.08 -74.35 0.22
C MET F 1 -20.18 -73.11 -0.65
N ARG F 2 -19.04 -72.74 -1.23
CA ARG F 2 -18.99 -71.73 -2.27
C ARG F 2 -18.44 -72.38 -3.53
N ARG F 3 -18.62 -71.71 -4.66
CA ARG F 3 -18.15 -72.21 -5.95
C ARG F 3 -16.85 -71.52 -6.33
N TYR F 4 -15.80 -72.32 -6.52
CA TYR F 4 -14.46 -71.84 -6.81
C TYR F 4 -14.02 -72.28 -8.20
N GLU F 5 -12.81 -71.85 -8.58
CA GLU F 5 -12.10 -72.32 -9.78
C GLU F 5 -10.65 -72.56 -9.41
N VAL F 6 -10.19 -73.79 -9.61
CA VAL F 6 -8.83 -74.20 -9.27
C VAL F 6 -8.01 -74.27 -10.55
N ASN F 7 -7.02 -73.39 -10.68
CA ASN F 7 -6.07 -73.44 -11.77
C ASN F 7 -4.82 -74.15 -11.33
N ILE F 8 -4.32 -75.05 -12.17
CA ILE F 8 -3.06 -75.73 -11.92
C ILE F 8 -2.21 -75.71 -13.18
N VAL F 9 -1.03 -75.12 -13.08
CA VAL F 9 -0.03 -75.22 -14.13
C VAL F 9 0.83 -76.43 -13.83
N LEU F 10 1.22 -77.15 -14.86
CA LEU F 10 1.90 -78.42 -14.70
C LEU F 10 3.22 -78.42 -15.44
N ASN F 11 4.13 -79.25 -14.96
CA ASN F 11 5.39 -79.46 -15.64
C ASN F 11 5.10 -79.84 -17.07
N PRO F 12 5.48 -79.01 -18.04
CA PRO F 12 5.11 -79.28 -19.44
C PRO F 12 5.82 -80.47 -20.03
N ASN F 13 6.70 -81.11 -19.27
CA ASN F 13 7.68 -82.02 -19.83
C ASN F 13 7.52 -83.46 -19.40
N LEU F 14 6.51 -83.76 -18.59
CA LEU F 14 6.29 -85.13 -18.17
C LEU F 14 5.39 -85.87 -19.15
N ASP F 15 5.44 -87.20 -19.09
CA ASP F 15 4.77 -88.04 -20.06
C ASP F 15 3.42 -88.51 -19.52
N GLN F 16 2.82 -89.45 -20.24
CA GLN F 16 1.47 -89.91 -19.94
C GLN F 16 1.39 -90.47 -18.52
N SER F 17 2.48 -91.08 -18.05
CA SER F 17 2.47 -91.84 -16.82
C SER F 17 2.68 -90.95 -15.60
N GLN F 18 3.58 -89.96 -15.69
CA GLN F 18 3.75 -88.98 -14.62
C GLN F 18 2.66 -87.94 -14.64
N LEU F 19 2.00 -87.72 -15.78
CA LEU F 19 0.80 -86.89 -15.78
C LEU F 19 -0.36 -87.61 -15.10
N ALA F 20 -0.76 -88.75 -15.64
CA ALA F 20 -1.87 -89.49 -15.06
C ALA F 20 -1.68 -89.75 -13.56
N LEU F 21 -0.44 -89.78 -13.09
CA LEU F 21 -0.19 -89.88 -11.66
C LEU F 21 -0.50 -88.56 -10.97
N GLU F 22 -0.06 -87.44 -11.56
CA GLU F 22 -0.33 -86.13 -10.96
C GLU F 22 -1.83 -85.88 -10.86
N LYS F 23 -2.54 -85.99 -11.99
CA LYS F 23 -3.99 -85.77 -12.01
C LYS F 23 -4.69 -86.62 -10.96
N GLU F 24 -4.27 -87.87 -10.82
CA GLU F 24 -4.73 -88.71 -9.72
C GLU F 24 -4.60 -87.98 -8.38
N ILE F 25 -3.35 -87.68 -7.98
CA ILE F 25 -3.09 -87.03 -6.70
C ILE F 25 -3.87 -85.73 -6.57
N ILE F 26 -4.16 -85.09 -7.70
CA ILE F 26 -4.94 -83.85 -7.70
C ILE F 26 -6.41 -84.12 -7.39
N GLN F 27 -6.99 -85.16 -7.99
CA GLN F 27 -8.39 -85.45 -7.71
C GLN F 27 -8.58 -86.18 -6.40
N ARG F 28 -7.56 -86.87 -5.91
CA ARG F 28 -7.62 -87.42 -4.56
C ARG F 28 -7.42 -86.32 -3.53
N ALA F 29 -6.49 -85.39 -3.79
CA ALA F 29 -6.35 -84.23 -2.91
C ALA F 29 -7.67 -83.50 -2.77
N LEU F 30 -8.36 -83.27 -3.89
CA LEU F 30 -9.68 -82.66 -3.89
C LEU F 30 -10.68 -83.45 -3.05
N GLU F 31 -10.81 -84.75 -3.34
CA GLU F 31 -11.72 -85.62 -2.61
C GLU F 31 -11.61 -85.41 -1.11
N ASN F 32 -10.38 -85.47 -0.58
CA ASN F 32 -10.16 -85.39 0.87
C ASN F 32 -10.46 -84.02 1.45
N TYR F 33 -10.73 -83.01 0.62
CA TYR F 33 -10.92 -81.67 1.12
C TYR F 33 -12.31 -81.11 0.88
N GLY F 34 -13.23 -81.88 0.30
CA GLY F 34 -14.59 -81.46 0.14
C GLY F 34 -14.98 -81.07 -1.26
N ALA F 35 -14.07 -81.24 -2.23
CA ALA F 35 -14.27 -80.74 -3.57
C ALA F 35 -15.24 -81.61 -4.36
N ARG F 36 -16.48 -81.17 -4.43
CA ARG F 36 -17.40 -81.68 -5.44
C ARG F 36 -17.06 -81.00 -6.75
N VAL F 37 -16.76 -81.79 -7.78
CA VAL F 37 -16.19 -81.25 -9.02
C VAL F 37 -17.32 -81.06 -10.02
N GLU F 38 -17.72 -79.81 -10.26
CA GLU F 38 -18.55 -79.49 -11.42
C GLU F 38 -17.65 -79.52 -12.64
N LYS F 39 -17.90 -78.67 -13.63
CA LYS F 39 -17.26 -78.88 -14.92
C LYS F 39 -15.75 -78.58 -14.92
N VAL F 40 -15.03 -79.29 -15.79
CA VAL F 40 -13.57 -79.28 -15.87
C VAL F 40 -13.14 -79.15 -17.33
N GLU F 41 -11.89 -78.73 -17.53
CA GLU F 41 -11.32 -78.61 -18.87
C GLU F 41 -9.80 -78.63 -18.80
N GLU F 42 -9.19 -79.71 -19.30
CA GLU F 42 -7.74 -79.82 -19.43
C GLU F 42 -7.38 -79.14 -20.75
N LEU F 43 -7.08 -77.84 -20.67
CA LEU F 43 -6.74 -77.09 -21.86
C LEU F 43 -5.36 -77.46 -22.40
N GLY F 44 -4.52 -78.13 -21.61
CA GLY F 44 -3.27 -78.62 -22.11
C GLY F 44 -2.10 -77.68 -21.87
N LEU F 45 -1.18 -77.59 -22.80
CA LEU F 45 -0.02 -76.75 -22.58
C LEU F 45 0.00 -75.61 -23.60
N ARG F 46 0.40 -74.42 -23.11
CA ARG F 46 0.53 -73.22 -23.91
C ARG F 46 1.91 -72.59 -23.69
N ARG F 47 2.17 -71.52 -24.44
CA ARG F 47 3.42 -70.79 -24.33
C ARG F 47 3.30 -69.76 -23.22
N LEU F 48 4.10 -69.91 -22.17
CA LEU F 48 4.13 -68.94 -21.09
C LEU F 48 4.68 -67.60 -21.55
N ALA F 49 4.10 -66.52 -21.05
CA ALA F 49 4.65 -65.21 -21.38
C ALA F 49 6.00 -64.99 -20.75
N TYR F 50 6.37 -65.82 -19.78
CA TYR F 50 7.64 -65.71 -19.14
C TYR F 50 7.96 -67.07 -18.55
N PRO F 51 9.21 -67.52 -18.61
CA PRO F 51 9.53 -68.87 -18.13
C PRO F 51 9.18 -69.08 -16.67
N ILE F 52 8.42 -70.14 -16.43
CA ILE F 52 8.13 -70.61 -15.09
C ILE F 52 8.93 -71.89 -14.86
N ALA F 53 9.67 -71.92 -13.76
CA ALA F 53 10.51 -73.07 -13.40
C ALA F 53 11.50 -73.43 -14.51
N LYS F 54 11.95 -72.43 -15.26
CA LYS F 54 12.89 -72.52 -16.38
C LYS F 54 12.30 -73.22 -17.60
N ASP F 55 11.01 -73.55 -17.58
CA ASP F 55 10.42 -74.00 -18.82
C ASP F 55 9.73 -72.84 -19.52
N PRO F 56 9.79 -72.78 -20.83
CA PRO F 56 9.08 -71.73 -21.59
C PRO F 56 7.64 -72.09 -21.95
N GLN F 57 7.13 -73.19 -21.40
CA GLN F 57 5.78 -73.67 -21.59
C GLN F 57 5.23 -74.19 -20.27
N GLY F 58 3.94 -74.46 -20.26
CA GLY F 58 3.31 -74.99 -19.07
C GLY F 58 2.05 -75.73 -19.41
N TYR F 59 1.83 -76.88 -18.78
CA TYR F 59 0.63 -77.68 -19.00
C TYR F 59 -0.44 -77.23 -18.03
N PHE F 60 -1.65 -76.99 -18.54
CA PHE F 60 -2.68 -76.29 -17.79
C PHE F 60 -3.86 -77.18 -17.44
N LEU F 61 -4.47 -76.87 -16.30
CA LEU F 61 -5.66 -77.55 -15.79
C LEU F 61 -6.63 -76.50 -15.28
N TRP F 62 -7.87 -76.92 -15.05
CA TRP F 62 -8.90 -76.00 -14.58
C TRP F 62 -10.10 -76.79 -14.10
N TYR F 63 -10.49 -76.57 -12.86
CA TYR F 63 -11.60 -77.26 -12.26
C TYR F 63 -12.56 -76.20 -11.75
N GLN F 64 -13.86 -76.43 -11.89
CA GLN F 64 -14.85 -75.58 -11.25
C GLN F 64 -15.45 -76.40 -10.14
N VAL F 65 -15.30 -75.95 -8.91
CA VAL F 65 -15.70 -76.80 -7.80
C VAL F 65 -16.62 -76.04 -6.86
N GLU F 66 -17.49 -76.80 -6.21
CA GLU F 66 -18.13 -76.37 -4.99
C GLU F 66 -17.39 -77.07 -3.85
N MET F 67 -17.09 -76.34 -2.78
CA MET F 67 -16.32 -76.92 -1.69
C MET F 67 -16.50 -76.07 -0.45
N PRO F 68 -16.20 -76.60 0.73
CA PRO F 68 -16.30 -75.78 1.95
C PRO F 68 -15.30 -74.62 1.93
N GLU F 69 -15.80 -73.43 2.24
CA GLU F 69 -14.95 -72.24 2.28
C GLU F 69 -13.77 -72.44 3.20
N ASP F 70 -14.03 -72.88 4.43
CA ASP F 70 -12.99 -72.99 5.45
C ASP F 70 -11.88 -73.95 5.09
N ARG F 71 -11.97 -74.63 3.96
CA ARG F 71 -11.00 -75.65 3.59
C ARG F 71 -10.19 -75.28 2.35
N VAL F 72 -10.37 -74.08 1.79
CA VAL F 72 -9.80 -73.79 0.49
C VAL F 72 -8.30 -73.61 0.59
N ASN F 73 -7.83 -72.93 1.65
CA ASN F 73 -6.41 -72.65 1.74
C ASN F 73 -5.60 -73.93 1.92
N ASP F 74 -6.14 -74.90 2.66
CA ASP F 74 -5.44 -76.17 2.78
C ASP F 74 -5.44 -76.93 1.47
N LEU F 75 -6.60 -76.98 0.80
CA LEU F 75 -6.65 -77.59 -0.53
C LEU F 75 -5.57 -77.03 -1.44
N ALA F 76 -5.42 -75.69 -1.46
CA ALA F 76 -4.37 -75.10 -2.28
C ALA F 76 -3.00 -75.41 -1.70
N ARG F 77 -2.88 -75.43 -0.38
CA ARG F 77 -1.62 -75.80 0.26
C ARG F 77 -1.18 -77.18 -0.21
N GLU F 78 -2.04 -78.18 0.05
CA GLU F 78 -1.75 -79.56 -0.34
C GLU F 78 -1.38 -79.67 -1.82
N LEU F 79 -2.10 -78.96 -2.70
CA LEU F 79 -1.82 -79.08 -4.13
C LEU F 79 -0.44 -78.58 -4.50
N ARG F 80 0.09 -77.59 -3.77
CA ARG F 80 1.39 -77.03 -4.13
C ARG F 80 2.56 -77.91 -3.67
N ILE F 81 2.28 -78.84 -2.76
CA ILE F 81 3.28 -79.76 -2.20
C ILE F 81 4.01 -80.53 -3.29
N ARG F 82 3.35 -80.79 -4.41
CA ARG F 82 3.95 -81.57 -5.48
C ARG F 82 4.99 -80.76 -6.24
N ASP F 83 5.74 -81.46 -7.08
CA ASP F 83 6.91 -80.89 -7.73
C ASP F 83 6.67 -80.51 -9.17
N ASN F 84 5.78 -81.21 -9.85
CA ASN F 84 5.38 -80.82 -11.18
C ASN F 84 4.17 -79.91 -11.16
N VAL F 85 3.62 -79.65 -9.97
CA VAL F 85 2.66 -78.57 -9.77
C VAL F 85 3.42 -77.27 -9.56
N ARG F 86 3.56 -76.50 -10.65
CA ARG F 86 4.33 -75.26 -10.68
C ARG F 86 3.58 -74.05 -10.13
N ARG F 87 2.25 -74.02 -10.30
CA ARG F 87 1.39 -72.94 -9.82
C ARG F 87 0.04 -73.52 -9.48
N VAL F 88 -0.51 -73.05 -8.37
CA VAL F 88 -1.93 -73.24 -8.08
C VAL F 88 -2.54 -71.85 -7.93
N MET F 89 -3.67 -71.64 -8.60
CA MET F 89 -4.46 -70.43 -8.44
C MET F 89 -5.92 -70.82 -8.20
N VAL F 90 -6.41 -70.60 -6.97
CA VAL F 90 -7.81 -70.87 -6.62
C VAL F 90 -8.56 -69.57 -6.49
N VAL F 91 -9.40 -69.28 -7.45
CA VAL F 91 -10.26 -68.10 -7.45
C VAL F 91 -11.64 -68.56 -7.00
N LYS F 92 -12.38 -67.71 -6.33
CA LYS F 92 -13.80 -68.01 -6.19
C LYS F 92 -14.54 -67.47 -7.40
N SER F 93 -15.57 -68.20 -7.83
CA SER F 93 -16.17 -67.97 -9.13
C SER F 93 -17.04 -66.71 -9.15
N GLN F 94 -17.20 -66.14 -10.35
CA GLN F 94 -17.99 -64.93 -10.55
C GLN F 94 -18.82 -65.01 -11.82
N GLU F 95 -20.01 -64.43 -11.78
CA GLU F 95 -20.80 -64.16 -12.97
C GLU F 95 -19.94 -63.38 -13.95
N PRO F 96 -19.86 -63.77 -15.21
CA PRO F 96 -19.08 -62.99 -16.16
C PRO F 96 -19.65 -61.59 -16.30
N PHE F 97 -18.84 -60.70 -16.85
CA PHE F 97 -19.14 -59.27 -16.92
C PHE F 97 -18.86 -58.83 -18.36
N LEU F 98 -19.87 -58.86 -19.21
CA LEU F 98 -19.63 -58.53 -20.62
C LEU F 98 -19.27 -57.07 -20.78
N ALA F 99 -18.63 -56.78 -21.91
CA ALA F 99 -18.32 -55.42 -22.31
C ALA F 99 -18.39 -55.36 -23.82
N ASN F 100 -18.65 -54.16 -24.35
CA ASN F 100 -18.65 -53.99 -25.80
C ASN F 100 -19.62 -54.99 -26.45
N ALA F 101 -20.72 -55.27 -25.75
CA ALA F 101 -21.68 -56.30 -26.14
C ALA F 101 -23.10 -55.85 -25.77
N ALA G 1 24.41 -4.92 -31.40
CA ALA G 1 23.26 -5.52 -32.09
C ALA G 1 22.12 -6.11 -31.21
N ARG G 2 21.53 -5.35 -30.30
CA ARG G 2 20.41 -5.97 -29.61
C ARG G 2 19.14 -6.05 -30.48
N ARG G 3 18.93 -5.13 -31.44
CA ARG G 3 17.78 -5.21 -32.35
C ARG G 3 18.08 -5.94 -33.66
N ARG G 4 18.32 -5.16 -34.71
CA ARG G 4 18.48 -5.57 -36.11
C ARG G 4 19.76 -6.38 -36.30
N ARG G 5 19.92 -6.90 -37.51
CA ARG G 5 20.99 -7.85 -37.78
C ARG G 5 22.30 -7.17 -38.18
N ALA G 6 22.32 -5.84 -38.29
CA ALA G 6 23.52 -5.08 -38.64
C ALA G 6 24.08 -5.54 -39.99
N GLU G 7 23.79 -4.83 -41.05
CA GLU G 7 24.17 -5.31 -42.37
C GLU G 7 25.66 -5.10 -42.60
N VAL G 8 26.26 -6.00 -43.38
CA VAL G 8 27.64 -5.80 -43.82
C VAL G 8 27.70 -4.56 -44.67
N ARG G 9 28.68 -3.70 -44.40
CA ARG G 9 28.88 -2.55 -45.27
C ARG G 9 29.58 -2.99 -46.55
N GLN G 10 29.00 -2.62 -47.70
CA GLN G 10 29.60 -2.99 -48.97
C GLN G 10 30.69 -1.99 -49.31
N LEU G 11 31.92 -2.47 -49.41
CA LEU G 11 33.02 -1.60 -49.78
C LEU G 11 33.03 -1.40 -51.30
N GLN G 12 33.58 -0.28 -51.75
CA GLN G 12 33.74 -0.07 -53.18
C GLN G 12 34.87 -0.95 -53.73
N PRO G 13 34.88 -1.22 -55.03
CA PRO G 13 35.84 -2.17 -55.58
C PRO G 13 37.22 -1.56 -55.80
N ASP G 14 38.17 -2.47 -56.02
CA ASP G 14 39.57 -2.11 -56.19
C ASP G 14 39.72 -1.24 -57.44
N LEU G 15 40.73 -0.39 -57.43
CA LEU G 15 41.00 0.50 -58.55
C LEU G 15 41.98 -0.08 -59.55
N VAL G 16 42.44 -1.32 -59.36
CA VAL G 16 43.57 -1.83 -60.11
C VAL G 16 43.36 -3.33 -60.30
N TYR G 17 42.41 -3.88 -59.59
CA TYR G 17 42.03 -5.27 -59.83
C TYR G 17 40.52 -5.42 -59.74
N GLY G 18 39.79 -4.31 -59.60
CA GLY G 18 38.35 -4.29 -59.55
C GLY G 18 37.73 -5.21 -58.52
N ASP G 19 38.52 -5.59 -57.53
CA ASP G 19 38.14 -6.62 -56.59
C ASP G 19 37.86 -6.01 -55.22
N VAL G 20 36.80 -6.46 -54.56
CA VAL G 20 36.52 -5.91 -53.24
C VAL G 20 37.25 -6.66 -52.12
N LEU G 21 37.77 -7.86 -52.38
CA LEU G 21 38.71 -8.47 -51.45
C LEU G 21 39.95 -7.60 -51.29
N VAL G 22 40.37 -6.93 -52.36
CA VAL G 22 41.57 -6.10 -52.30
C VAL G 22 41.33 -4.87 -51.44
N THR G 23 40.17 -4.25 -51.57
CA THR G 23 39.89 -3.08 -50.75
C THR G 23 39.76 -3.47 -49.27
N ALA G 24 39.13 -4.60 -49.00
CA ALA G 24 39.15 -5.16 -47.65
C ALA G 24 40.57 -5.28 -47.12
N PHE G 25 41.51 -5.73 -47.96
CA PHE G 25 42.88 -5.94 -47.52
C PHE G 25 43.66 -4.64 -47.41
N ILE G 26 43.39 -3.69 -48.31
CA ILE G 26 44.10 -2.41 -48.20
C ILE G 26 43.62 -1.68 -46.96
N ASN G 27 42.36 -1.87 -46.58
CA ASN G 27 41.86 -1.26 -45.36
C ASN G 27 42.61 -1.78 -44.14
N LYS G 28 42.70 -3.10 -43.97
CA LYS G 28 43.40 -3.64 -42.81
C LYS G 28 44.90 -3.33 -42.80
N ILE G 29 45.51 -3.00 -43.94
CA ILE G 29 46.87 -2.48 -43.90
C ILE G 29 46.87 -1.06 -43.36
N MET G 30 45.85 -0.28 -43.69
CA MET G 30 45.85 1.15 -43.39
C MET G 30 45.77 1.41 -41.90
N ARG G 31 46.61 2.31 -41.41
CA ARG G 31 46.49 2.77 -40.04
C ARG G 31 46.22 4.27 -40.10
N ASP G 32 45.58 4.78 -39.05
CA ASP G 32 45.38 6.21 -38.85
C ASP G 32 44.77 6.88 -40.08
N GLY G 33 43.98 6.13 -40.84
CA GLY G 33 43.31 6.74 -41.98
C GLY G 33 44.23 7.17 -43.10
N LYS G 34 45.54 6.96 -42.99
CA LYS G 34 46.47 6.96 -44.11
C LYS G 34 46.16 5.85 -45.11
N LYS G 35 45.14 6.07 -45.95
CA LYS G 35 44.77 5.09 -46.97
C LYS G 35 45.69 5.14 -48.17
N ASN G 36 46.25 6.32 -48.46
CA ASN G 36 47.09 6.44 -49.63
C ASN G 36 48.26 5.48 -49.51
N LEU G 37 49.10 5.66 -48.49
CA LEU G 37 50.25 4.78 -48.44
C LEU G 37 49.87 3.35 -48.14
N ALA G 38 48.61 3.09 -47.82
CA ALA G 38 48.22 1.69 -47.62
C ALA G 38 48.14 0.97 -48.94
N ALA G 39 47.51 1.59 -49.94
CA ALA G 39 47.58 1.09 -51.31
C ALA G 39 49.03 1.03 -51.78
N ARG G 40 49.65 2.21 -51.93
CA ARG G 40 51.08 2.38 -52.13
C ARG G 40 51.90 1.25 -51.48
N ILE G 41 51.46 0.69 -50.34
CA ILE G 41 52.08 -0.53 -49.85
C ILE G 41 51.60 -1.73 -50.65
N PHE G 42 50.29 -1.97 -50.63
CA PHE G 42 49.78 -3.20 -51.22
C PHE G 42 50.19 -3.34 -52.68
N TYR G 43 50.04 -2.26 -53.44
CA TYR G 43 50.36 -2.31 -54.86
C TYR G 43 51.84 -2.53 -55.07
N ASP G 44 52.69 -1.83 -54.32
CA ASP G 44 54.11 -2.11 -54.38
C ASP G 44 54.39 -3.56 -54.07
N ALA G 45 53.64 -4.15 -53.13
CA ALA G 45 53.83 -5.56 -52.84
C ALA G 45 53.35 -6.43 -54.00
N CYS G 46 52.40 -5.92 -54.78
CA CYS G 46 51.87 -6.69 -55.88
C CYS G 46 52.89 -6.86 -57.00
N LYS G 47 53.59 -5.76 -57.34
CA LYS G 47 54.67 -5.86 -58.32
C LYS G 47 55.95 -6.44 -57.73
N ILE G 48 55.87 -7.06 -56.56
CA ILE G 48 56.91 -7.97 -56.11
C ILE G 48 56.47 -9.43 -56.21
N ILE G 49 55.18 -9.69 -56.38
CA ILE G 49 54.71 -11.06 -56.55
C ILE G 49 54.97 -11.54 -57.97
N GLN G 50 54.98 -10.64 -58.96
CA GLN G 50 55.41 -11.04 -60.31
C GLN G 50 56.93 -11.10 -60.40
N GLU G 51 57.62 -10.07 -59.96
CA GLU G 51 59.07 -9.97 -60.14
C GLU G 51 59.79 -11.05 -59.36
N LYS G 52 59.04 -11.99 -58.79
CA LYS G 52 59.59 -13.20 -58.19
C LYS G 52 58.78 -14.44 -58.51
N THR G 53 57.67 -14.32 -59.23
CA THR G 53 56.80 -15.45 -59.55
C THR G 53 55.91 -15.06 -60.72
N GLY G 54 56.07 -15.75 -61.85
CA GLY G 54 55.45 -15.31 -63.10
C GLY G 54 53.96 -15.11 -63.01
N GLN G 55 53.29 -15.79 -62.06
CA GLN G 55 51.85 -15.70 -61.90
C GLN G 55 51.47 -14.30 -61.45
N GLU G 56 50.37 -13.80 -61.99
CA GLU G 56 49.96 -12.45 -61.66
C GLU G 56 49.41 -12.40 -60.24
N PRO G 57 49.59 -11.28 -59.54
CA PRO G 57 49.39 -11.29 -58.08
C PRO G 57 47.97 -11.66 -57.68
N LEU G 58 46.98 -11.30 -58.49
CA LEU G 58 45.59 -11.48 -58.07
C LEU G 58 45.26 -12.93 -57.80
N LYS G 59 45.83 -13.88 -58.55
CA LYS G 59 45.60 -15.27 -58.17
C LYS G 59 46.39 -15.60 -56.91
N VAL G 60 47.66 -15.16 -56.84
CA VAL G 60 48.51 -15.44 -55.69
C VAL G 60 47.89 -14.90 -54.42
N PHE G 61 47.32 -13.70 -54.52
CA PHE G 61 46.65 -13.10 -53.37
C PHE G 61 45.48 -13.96 -52.93
N LYS G 62 44.49 -14.12 -53.81
CA LYS G 62 43.30 -14.88 -53.41
C LYS G 62 43.62 -16.34 -53.09
N GLN G 63 44.69 -16.88 -53.65
CA GLN G 63 45.17 -18.20 -53.23
C GLN G 63 45.62 -18.17 -51.77
N ALA G 64 46.32 -17.11 -51.37
CA ALA G 64 46.87 -17.00 -50.02
C ALA G 64 45.77 -16.87 -49.00
N VAL G 65 44.82 -15.97 -49.26
CA VAL G 65 43.64 -15.83 -48.40
C VAL G 65 43.06 -17.21 -48.11
N GLU G 66 42.85 -18.00 -49.16
CA GLU G 66 42.15 -19.28 -49.01
C GLU G 66 42.87 -20.21 -48.05
N ASN G 67 44.18 -20.15 -48.01
CA ASN G 67 44.86 -21.06 -47.12
C ASN G 67 44.71 -20.63 -45.66
N VAL G 68 44.33 -19.38 -45.43
CA VAL G 68 44.29 -18.87 -44.07
C VAL G 68 42.87 -18.89 -43.49
N LYS G 69 41.84 -18.88 -44.33
CA LYS G 69 40.48 -18.95 -43.81
C LYS G 69 40.32 -20.20 -42.96
N PRO G 70 39.80 -20.09 -41.73
CA PRO G 70 39.60 -21.26 -40.87
C PRO G 70 38.25 -21.93 -41.04
N ARG G 71 38.22 -23.24 -40.75
CA ARG G 71 37.00 -24.03 -40.85
C ARG G 71 36.36 -24.31 -39.51
N MET G 72 37.03 -23.98 -38.42
CA MET G 72 36.49 -24.28 -37.11
C MET G 72 37.27 -23.41 -36.13
N GLU G 73 36.64 -23.05 -35.03
CA GLU G 73 37.32 -22.23 -34.05
C GLU G 73 36.62 -22.39 -32.73
N VAL G 74 37.34 -22.15 -31.65
CA VAL G 74 36.74 -22.18 -30.31
C VAL G 74 36.43 -20.77 -29.88
N ARG G 75 35.41 -20.64 -29.05
CA ARG G 75 35.11 -19.40 -28.35
C ARG G 75 34.52 -19.76 -26.99
N SER G 76 35.15 -19.24 -25.94
CA SER G 76 34.84 -19.68 -24.59
C SER G 76 33.38 -19.37 -24.25
N ARG G 77 32.73 -20.30 -23.54
CA ARG G 77 31.36 -20.14 -23.11
C ARG G 77 31.29 -20.24 -21.60
N ARG G 78 30.61 -19.27 -20.98
CA ARG G 78 30.31 -19.32 -19.57
C ARG G 78 29.32 -20.46 -19.31
N VAL G 79 29.62 -21.32 -18.33
CA VAL G 79 28.73 -22.40 -17.97
C VAL G 79 28.49 -22.38 -16.47
N GLY G 80 27.46 -23.12 -16.04
CA GLY G 80 27.19 -23.34 -14.62
C GLY G 80 28.24 -24.22 -13.96
N GLY G 81 29.52 -23.82 -14.09
CA GLY G 81 30.65 -24.50 -13.51
C GLY G 81 31.93 -23.68 -13.67
N ALA G 82 32.14 -23.17 -14.89
CA ALA G 82 33.26 -22.29 -15.25
C ALA G 82 33.23 -21.91 -16.73
N ASN G 83 34.37 -22.15 -17.41
CA ASN G 83 34.58 -21.76 -18.81
C ASN G 83 34.95 -22.96 -19.66
N TYR G 84 34.48 -22.96 -20.91
CA TYR G 84 34.59 -24.11 -21.82
C TYR G 84 34.88 -23.62 -23.23
N GLN G 85 36.07 -23.92 -23.73
CA GLN G 85 36.37 -23.73 -25.15
C GLN G 85 35.41 -24.56 -25.98
N VAL G 86 34.53 -23.95 -26.76
CA VAL G 86 33.52 -24.70 -27.48
C VAL G 86 33.81 -24.61 -28.97
N PRO G 87 33.98 -25.73 -29.67
CA PRO G 87 34.26 -25.66 -31.10
C PRO G 87 33.02 -25.29 -31.88
N MET G 88 33.17 -24.32 -32.76
CA MET G 88 32.08 -23.74 -33.52
C MET G 88 32.37 -23.86 -35.01
N GLU G 89 31.31 -23.79 -35.80
CA GLU G 89 31.47 -23.45 -37.20
C GLU G 89 32.09 -22.07 -37.32
N VAL G 90 32.45 -21.69 -38.54
CA VAL G 90 32.94 -20.34 -38.81
C VAL G 90 32.16 -19.79 -40.00
N SER G 91 31.28 -18.84 -39.74
CA SER G 91 30.52 -18.22 -40.82
C SER G 91 31.46 -17.77 -41.93
N PRO G 92 31.06 -17.89 -43.20
CA PRO G 92 31.98 -17.50 -44.28
C PRO G 92 32.29 -16.01 -44.28
N ARG G 93 31.44 -15.18 -43.67
CA ARG G 93 31.75 -13.76 -43.52
C ARG G 93 32.89 -13.54 -42.55
N ARG G 94 32.95 -14.35 -41.49
CA ARG G 94 34.01 -14.24 -40.49
C ARG G 94 35.33 -14.87 -40.94
N GLN G 95 35.29 -15.92 -41.78
CA GLN G 95 36.52 -16.44 -42.38
C GLN G 95 37.23 -15.37 -43.19
N GLN G 96 36.46 -14.61 -43.99
CA GLN G 96 36.97 -13.44 -44.69
C GLN G 96 37.79 -12.56 -43.74
N SER G 97 37.15 -12.09 -42.67
CA SER G 97 37.76 -11.10 -41.80
C SER G 97 38.95 -11.68 -41.06
N LEU G 98 38.83 -12.93 -40.64
CA LEU G 98 39.90 -13.57 -39.87
C LEU G 98 41.16 -13.73 -40.71
N ALA G 99 41.01 -14.18 -41.95
CA ALA G 99 42.19 -14.42 -42.78
C ALA G 99 42.87 -13.11 -43.16
N LEU G 100 42.10 -12.10 -43.57
CA LEU G 100 42.71 -10.83 -43.93
C LEU G 100 43.51 -10.26 -42.76
N ARG G 101 42.91 -10.21 -41.57
CA ARG G 101 43.62 -9.75 -40.39
C ARG G 101 44.91 -10.54 -40.18
N TRP G 102 44.79 -11.85 -39.95
CA TRP G 102 45.98 -12.66 -39.67
C TRP G 102 47.05 -12.47 -40.72
N LEU G 103 46.66 -12.21 -41.97
CA LEU G 103 47.65 -11.94 -43.00
C LEU G 103 48.45 -10.71 -42.66
N VAL G 104 47.76 -9.61 -42.35
CA VAL G 104 48.45 -8.34 -42.14
C VAL G 104 49.22 -8.35 -40.83
N GLN G 105 48.74 -9.10 -39.83
CA GLN G 105 49.49 -9.22 -38.59
C GLN G 105 50.74 -10.08 -38.78
N ALA G 106 50.59 -11.24 -39.42
CA ALA G 106 51.76 -12.06 -39.70
C ALA G 106 52.75 -11.32 -40.56
N ALA G 107 52.26 -10.52 -41.51
CA ALA G 107 53.14 -9.75 -42.36
C ALA G 107 54.02 -8.82 -41.53
N ASN G 108 53.51 -8.29 -40.42
CA ASN G 108 54.29 -7.30 -39.71
C ASN G 108 55.06 -7.86 -38.55
N GLN G 109 54.94 -9.16 -38.29
CA GLN G 109 55.92 -9.84 -37.48
C GLN G 109 57.18 -10.15 -38.28
N ARG G 110 57.05 -10.25 -39.60
CA ARG G 110 58.18 -10.56 -40.45
C ARG G 110 59.31 -9.56 -40.22
N PRO G 111 60.55 -9.98 -40.45
CA PRO G 111 61.73 -9.14 -40.19
C PRO G 111 62.21 -8.30 -41.36
N GLU G 112 61.49 -8.31 -42.48
CA GLU G 112 61.87 -7.50 -43.62
C GLU G 112 61.55 -6.03 -43.37
N ARG G 113 62.48 -5.18 -43.80
CA ARG G 113 62.46 -3.77 -43.42
C ARG G 113 61.32 -3.01 -44.11
N ARG G 114 61.33 -2.95 -45.45
CA ARG G 114 60.25 -2.30 -46.18
C ARG G 114 58.95 -3.07 -45.98
N ALA G 115 57.81 -2.35 -45.97
CA ALA G 115 56.55 -3.01 -45.63
C ALA G 115 55.99 -3.83 -46.78
N ALA G 116 56.13 -3.32 -48.02
CA ALA G 116 55.62 -4.04 -49.18
C ALA G 116 56.25 -5.43 -49.27
N VAL G 117 57.58 -5.50 -49.13
CA VAL G 117 58.32 -6.75 -48.95
C VAL G 117 57.64 -7.70 -47.96
N ARG G 118 57.31 -7.21 -46.77
CA ARG G 118 56.69 -8.08 -45.79
C ARG G 118 55.38 -8.63 -46.30
N ILE G 119 54.54 -7.78 -46.88
CA ILE G 119 53.26 -8.27 -47.37
C ILE G 119 53.46 -9.27 -48.49
N ALA G 120 54.27 -8.89 -49.49
CA ALA G 120 54.58 -9.81 -50.58
C ALA G 120 55.02 -11.17 -50.03
N HIS G 121 56.11 -11.21 -49.28
CA HIS G 121 56.64 -12.49 -48.82
C HIS G 121 55.59 -13.25 -48.01
N GLU G 122 54.79 -12.53 -47.21
CA GLU G 122 53.71 -13.20 -46.49
C GLU G 122 52.61 -13.68 -47.43
N LEU G 123 52.25 -12.87 -48.43
CA LEU G 123 51.27 -13.32 -49.40
C LEU G 123 51.74 -14.60 -50.10
N MET G 124 53.03 -14.64 -50.52
CA MET G 124 53.57 -15.80 -51.21
C MET G 124 53.58 -17.04 -50.30
N ASP G 125 54.25 -16.94 -49.15
CA ASP G 125 54.27 -18.07 -48.20
C ASP G 125 52.89 -18.61 -47.90
N ALA G 126 51.90 -17.74 -47.70
CA ALA G 126 50.56 -18.22 -47.45
C ALA G 126 50.04 -19.03 -48.62
N ALA G 127 50.06 -18.42 -49.81
CA ALA G 127 49.68 -19.11 -51.04
C ALA G 127 50.44 -20.42 -51.20
N GLU G 128 51.61 -20.53 -50.59
CA GLU G 128 52.43 -21.72 -50.65
C GLU G 128 52.16 -22.68 -49.49
N GLY G 129 51.18 -22.36 -48.62
CA GLY G 129 50.81 -23.22 -47.52
C GLY G 129 51.63 -23.08 -46.25
N LYS G 130 52.57 -22.15 -46.20
CA LYS G 130 53.41 -21.93 -45.01
C LYS G 130 53.38 -20.45 -44.64
N GLY G 131 54.38 -20.01 -43.90
CA GLY G 131 54.36 -18.66 -43.37
C GLY G 131 53.46 -18.52 -42.15
N GLY G 132 53.65 -17.40 -41.44
CA GLY G 132 53.10 -17.27 -40.09
C GLY G 132 51.58 -17.30 -40.03
N ALA G 133 50.92 -16.72 -41.04
CA ALA G 133 49.46 -16.66 -41.00
C ALA G 133 48.85 -18.05 -40.98
N VAL G 134 49.31 -18.92 -41.87
CA VAL G 134 48.75 -20.25 -41.97
C VAL G 134 48.97 -21.05 -40.69
N LYS G 135 49.97 -20.70 -39.88
CA LYS G 135 50.06 -21.35 -38.58
C LYS G 135 48.82 -21.02 -37.75
N LYS G 136 48.70 -19.77 -37.28
CA LYS G 136 47.54 -19.31 -36.50
C LYS G 136 46.24 -19.57 -37.28
N LYS G 137 46.03 -20.82 -37.68
CA LYS G 137 44.88 -21.18 -38.49
C LYS G 137 44.80 -22.68 -38.44
N GLU G 138 45.79 -23.36 -39.01
CA GLU G 138 46.03 -24.74 -38.58
C GLU G 138 46.14 -24.80 -37.07
N ASP G 139 46.52 -23.68 -36.46
CA ASP G 139 46.64 -23.62 -35.02
C ASP G 139 45.28 -23.48 -34.36
N VAL G 140 44.38 -22.74 -35.02
CA VAL G 140 43.04 -22.59 -34.47
C VAL G 140 42.25 -23.89 -34.61
N GLU G 141 42.09 -24.38 -35.84
CA GLU G 141 41.35 -25.61 -36.07
C GLU G 141 41.81 -26.74 -35.17
N ARG G 142 43.10 -26.75 -34.82
CA ARG G 142 43.59 -27.68 -33.81
C ARG G 142 42.75 -27.62 -32.55
N MET G 143 42.63 -26.44 -31.93
CA MET G 143 41.89 -26.37 -30.67
C MET G 143 40.44 -26.77 -30.85
N ALA G 144 39.82 -26.39 -31.96
CA ALA G 144 38.46 -26.82 -32.22
C ALA G 144 38.35 -28.34 -32.19
N GLU G 145 39.31 -29.02 -32.83
CA GLU G 145 39.37 -30.47 -32.76
C GLU G 145 39.90 -30.98 -31.43
N ALA G 146 40.72 -30.20 -30.72
CA ALA G 146 41.24 -30.67 -29.44
C ALA G 146 40.18 -30.61 -28.35
N ASN G 147 39.19 -29.73 -28.51
CA ASN G 147 38.06 -29.66 -27.60
C ASN G 147 36.78 -30.24 -28.21
N ARG G 148 36.91 -31.27 -29.04
CA ARG G 148 35.75 -31.93 -29.63
C ARG G 148 34.78 -32.45 -28.58
N ALA G 149 35.27 -32.80 -27.39
CA ALA G 149 34.37 -33.32 -26.37
C ALA G 149 33.27 -32.32 -26.01
N TYR G 150 33.56 -31.03 -26.12
CA TYR G 150 32.59 -29.99 -25.78
C TYR G 150 31.79 -29.48 -26.98
N ALA G 151 31.92 -30.11 -28.13
CA ALA G 151 31.29 -29.60 -29.34
C ALA G 151 29.78 -29.77 -29.30
N HIS G 152 29.23 -29.97 -28.11
CA HIS G 152 27.78 -30.09 -27.91
C HIS G 152 27.23 -28.97 -27.03
N TYR G 153 27.89 -27.80 -27.01
CA TYR G 153 27.30 -26.60 -26.42
C TYR G 153 27.28 -25.47 -27.45
N ARG G 154 26.94 -25.79 -28.70
CA ARG G 154 27.27 -24.93 -29.85
C ARG G 154 26.48 -23.62 -29.94
N TRP G 155 26.20 -22.97 -28.80
CA TRP G 155 25.44 -21.69 -28.74
C TRP G 155 24.14 -21.67 -29.54
N MET H 1 -35.47 -35.22 13.25
CA MET H 1 -36.20 -34.49 14.29
C MET H 1 -35.72 -33.02 14.40
N LEU H 2 -36.68 -32.13 14.22
CA LEU H 2 -36.45 -30.74 14.56
C LEU H 2 -36.35 -30.61 16.08
N THR H 3 -35.31 -29.93 16.56
CA THR H 3 -35.26 -29.68 18.00
C THR H 3 -36.26 -28.62 18.43
N ASP H 4 -36.45 -27.59 17.63
CA ASP H 4 -37.45 -26.56 17.92
C ASP H 4 -38.28 -26.36 16.66
N PRO H 5 -39.41 -27.04 16.56
CA PRO H 5 -40.29 -26.84 15.40
C PRO H 5 -40.75 -25.41 15.19
N ILE H 6 -41.06 -24.66 16.25
CA ILE H 6 -41.46 -23.26 16.07
C ILE H 6 -40.34 -22.43 15.45
N ALA H 7 -39.12 -22.59 15.97
CA ALA H 7 -38.01 -21.86 15.39
C ALA H 7 -37.93 -22.16 13.92
N ASP H 8 -38.26 -23.39 13.55
CA ASP H 8 -38.09 -23.82 12.18
C ASP H 8 -39.09 -23.14 11.27
N MET H 9 -40.37 -23.11 11.68
CA MET H 9 -41.36 -22.37 10.92
C MET H 9 -40.96 -20.91 10.77
N LEU H 10 -40.66 -20.24 11.89
CA LEU H 10 -40.19 -18.87 11.81
C LEU H 10 -39.04 -18.73 10.80
N THR H 11 -38.14 -19.70 10.80
CA THR H 11 -37.02 -19.68 9.88
C THR H 11 -37.47 -19.94 8.46
N ARG H 12 -38.21 -21.02 8.22
CA ARG H 12 -38.76 -21.35 6.90
C ARG H 12 -39.38 -20.12 6.24
N ILE H 13 -40.12 -19.34 7.03
CA ILE H 13 -40.66 -18.05 6.59
C ILE H 13 -39.52 -17.07 6.30
N ARG H 14 -38.62 -16.87 7.27
CA ARG H 14 -37.54 -15.90 7.05
C ARG H 14 -36.82 -16.18 5.74
N ASN H 15 -36.44 -17.44 5.52
CA ASN H 15 -35.71 -17.82 4.32
C ASN H 15 -36.59 -17.69 3.09
N ALA H 16 -37.85 -18.11 3.16
CA ALA H 16 -38.72 -18.03 1.98
C ALA H 16 -38.81 -16.61 1.46
N THR H 17 -39.01 -15.64 2.36
CA THR H 17 -39.30 -14.30 1.89
C THR H 17 -38.08 -13.61 1.29
N ARG H 18 -36.86 -13.89 1.79
CA ARG H 18 -35.68 -13.21 1.27
C ARG H 18 -35.40 -13.56 -0.19
N VAL H 19 -35.91 -14.69 -0.69
CA VAL H 19 -35.89 -14.94 -2.13
C VAL H 19 -37.25 -14.64 -2.76
N TYR H 20 -38.13 -14.01 -1.99
CA TYR H 20 -39.44 -13.60 -2.46
C TYR H 20 -40.24 -14.76 -3.03
N LYS H 21 -40.22 -15.89 -2.34
CA LYS H 21 -41.05 -17.01 -2.77
C LYS H 21 -42.52 -16.64 -2.73
N GLU H 22 -43.33 -17.45 -3.40
CA GLU H 22 -44.78 -17.27 -3.39
C GLU H 22 -45.41 -17.78 -2.11
N SER H 23 -44.85 -18.85 -1.58
CA SER H 23 -45.46 -19.58 -0.49
C SER H 23 -44.42 -20.55 0.03
N THR H 24 -44.72 -21.17 1.17
CA THR H 24 -43.81 -22.15 1.74
C THR H 24 -44.59 -23.10 2.62
N ASP H 25 -44.28 -24.39 2.47
CA ASP H 25 -44.87 -25.43 3.29
C ASP H 25 -44.06 -25.57 4.58
N VAL H 26 -44.74 -25.44 5.71
CA VAL H 26 -44.17 -25.85 6.99
C VAL H 26 -44.93 -27.08 7.45
N PRO H 27 -44.28 -28.11 8.03
CA PRO H 27 -45.03 -29.25 8.55
C PRO H 27 -45.86 -28.80 9.73
N ALA H 28 -46.99 -29.46 9.93
CA ALA H 28 -48.14 -28.84 10.56
C ALA H 28 -48.32 -29.29 12.00
N SER H 29 -48.57 -28.33 12.87
CA SER H 29 -48.85 -28.58 14.27
C SER H 29 -49.93 -27.60 14.65
N ARG H 30 -50.76 -28.00 15.61
CA ARG H 30 -51.81 -27.07 16.04
C ARG H 30 -51.17 -25.76 16.44
N PHE H 31 -50.13 -25.83 17.26
CA PHE H 31 -49.48 -24.63 17.75
C PHE H 31 -49.07 -23.73 16.59
N LYS H 32 -48.30 -24.28 15.64
CA LYS H 32 -47.83 -23.49 14.51
C LYS H 32 -48.98 -22.78 13.87
N GLU H 33 -50.03 -23.56 13.56
CA GLU H 33 -51.26 -23.01 13.01
C GLU H 33 -51.77 -21.84 13.83
N GLU H 34 -51.76 -21.99 15.16
CA GLU H 34 -52.24 -20.92 16.02
C GLU H 34 -51.40 -19.66 15.88
N ILE H 35 -50.14 -19.79 15.48
CA ILE H 35 -49.27 -18.63 15.34
C ILE H 35 -49.51 -17.93 14.00
N LEU H 36 -49.51 -18.71 12.92
CA LEU H 36 -49.88 -18.17 11.61
C LEU H 36 -51.22 -17.43 11.67
N ARG H 37 -52.18 -17.94 12.46
CA ARG H 37 -53.43 -17.23 12.69
C ARG H 37 -53.12 -15.76 12.98
N ILE H 38 -52.15 -15.52 13.87
CA ILE H 38 -51.83 -14.17 14.30
C ILE H 38 -51.14 -13.40 13.19
N LEU H 39 -50.03 -13.95 12.68
CA LEU H 39 -49.42 -13.38 11.47
C LEU H 39 -50.46 -12.94 10.44
N ALA H 40 -51.39 -13.82 10.10
CA ALA H 40 -52.39 -13.51 9.09
C ALA H 40 -53.33 -12.42 9.56
N ARG H 41 -53.77 -12.48 10.82
CA ARG H 41 -54.56 -11.38 11.36
C ARG H 41 -53.80 -10.07 11.25
N GLU H 42 -52.57 -10.00 11.76
CA GLU H 42 -51.89 -8.71 11.74
C GLU H 42 -51.41 -8.33 10.35
N GLY H 43 -51.47 -9.24 9.39
CA GLY H 43 -51.20 -8.91 8.01
C GLY H 43 -49.77 -9.03 7.57
N PHE H 44 -48.99 -9.93 8.18
CA PHE H 44 -47.63 -10.20 7.74
C PHE H 44 -47.59 -11.28 6.68
N ILE H 45 -48.63 -12.08 6.61
CA ILE H 45 -48.78 -13.05 5.54
C ILE H 45 -50.09 -12.75 4.84
N LYS H 46 -50.20 -13.18 3.59
CA LYS H 46 -51.50 -13.17 2.97
C LYS H 46 -52.41 -14.27 3.52
N GLY H 47 -51.89 -15.19 4.32
CA GLY H 47 -52.69 -16.23 4.92
C GLY H 47 -52.09 -17.61 4.70
N TYR H 48 -52.62 -18.56 5.45
CA TYR H 48 -52.16 -19.94 5.44
C TYR H 48 -53.31 -20.88 5.10
N GLU H 49 -52.97 -22.16 4.97
CA GLU H 49 -53.86 -23.14 4.33
C GLU H 49 -53.29 -24.52 4.53
N ARG H 50 -54.12 -25.49 4.88
CA ARG H 50 -53.61 -26.77 5.34
C ARG H 50 -53.62 -27.73 4.17
N VAL H 51 -52.68 -27.54 3.26
CA VAL H 51 -52.34 -28.51 2.22
C VAL H 51 -51.92 -29.85 2.81
N ASP H 52 -51.29 -30.68 2.00
CA ASP H 52 -51.07 -32.08 2.37
C ASP H 52 -50.04 -32.72 1.43
N VAL H 53 -48.78 -32.39 1.66
CA VAL H 53 -47.68 -32.80 0.79
C VAL H 53 -47.31 -34.26 1.01
N ASP H 54 -47.46 -35.06 -0.04
CA ASP H 54 -46.78 -36.35 -0.15
C ASP H 54 -47.18 -37.32 0.97
N GLY H 55 -48.43 -37.22 1.42
CA GLY H 55 -48.89 -38.15 2.42
C GLY H 55 -49.25 -37.49 3.73
N LYS H 56 -48.45 -36.53 4.18
CA LYS H 56 -48.58 -35.94 5.51
C LYS H 56 -48.90 -34.45 5.45
N PRO H 57 -49.40 -33.87 6.55
CA PRO H 57 -50.05 -32.55 6.46
C PRO H 57 -49.15 -31.36 6.73
N TYR H 58 -49.22 -30.36 5.87
CA TYR H 58 -48.41 -29.15 5.98
C TYR H 58 -49.33 -27.93 6.12
N LEU H 59 -48.72 -26.74 6.18
CA LEU H 59 -49.43 -25.46 6.21
C LEU H 59 -48.74 -24.64 5.13
N ARG H 60 -49.32 -24.64 3.96
CA ARG H 60 -48.83 -23.74 2.93
C ARG H 60 -49.01 -22.31 3.42
N VAL H 61 -47.91 -21.56 3.51
CA VAL H 61 -47.98 -20.19 3.98
C VAL H 61 -47.77 -19.26 2.80
N TYR H 62 -48.70 -18.34 2.60
CA TYR H 62 -48.70 -17.44 1.46
C TYR H 62 -48.14 -16.11 1.92
N LEU H 63 -47.05 -15.69 1.29
CA LEU H 63 -46.24 -14.56 1.74
C LEU H 63 -46.67 -13.26 1.08
N LYS H 64 -46.17 -12.17 1.63
CA LYS H 64 -46.55 -10.83 1.23
C LYS H 64 -45.32 -9.94 1.21
N TYR H 65 -45.21 -9.11 0.18
CA TYR H 65 -44.11 -8.16 0.08
C TYR H 65 -44.66 -6.82 -0.32
N GLY H 66 -43.77 -5.85 -0.53
CA GLY H 66 -44.18 -4.52 -0.88
C GLY H 66 -44.38 -4.38 -2.37
N PRO H 67 -44.40 -3.14 -2.85
CA PRO H 67 -44.36 -2.89 -4.29
C PRO H 67 -42.93 -2.78 -4.80
N ARG H 68 -42.79 -3.15 -6.07
CA ARG H 68 -41.50 -3.04 -6.76
C ARG H 68 -40.92 -1.64 -6.60
N ARG H 69 -39.66 -1.54 -6.18
CA ARG H 69 -39.03 -0.24 -5.98
C ARG H 69 -38.35 0.18 -7.28
N GLN H 70 -37.82 1.38 -7.31
CA GLN H 70 -37.10 1.81 -8.52
C GLN H 70 -35.71 2.29 -8.15
N GLY H 71 -34.84 2.32 -9.15
CA GLY H 71 -33.42 2.36 -8.89
C GLY H 71 -32.82 1.02 -9.27
N PRO H 72 -31.59 0.77 -8.86
CA PRO H 72 -31.04 -0.59 -9.01
C PRO H 72 -31.41 -1.38 -7.77
N ASP H 73 -31.64 -2.67 -7.99
CA ASP H 73 -32.33 -3.54 -7.02
C ASP H 73 -33.78 -3.07 -6.83
N PRO H 74 -34.65 -3.40 -7.80
CA PRO H 74 -36.07 -3.13 -7.63
C PRO H 74 -36.73 -3.88 -6.50
N ARG H 75 -36.28 -5.09 -6.17
CA ARG H 75 -36.89 -6.04 -5.25
C ARG H 75 -37.66 -5.35 -4.13
N PRO H 76 -38.88 -5.78 -3.86
CA PRO H 76 -39.77 -5.01 -2.98
C PRO H 76 -39.28 -5.04 -1.55
N GLU H 77 -39.72 -4.04 -0.78
CA GLU H 77 -39.62 -4.07 0.68
C GLU H 77 -40.31 -5.31 1.21
N GLN H 78 -39.75 -5.86 2.27
CA GLN H 78 -40.34 -7.03 2.88
C GLN H 78 -41.40 -6.53 3.83
N VAL H 79 -42.47 -7.30 3.99
CA VAL H 79 -43.43 -7.00 5.05
C VAL H 79 -42.89 -7.52 6.37
N ILE H 80 -42.58 -8.82 6.41
CA ILE H 80 -41.81 -9.38 7.52
C ILE H 80 -40.35 -8.96 7.41
N HIS H 81 -40.06 -7.75 7.88
CA HIS H 81 -38.66 -7.37 7.92
C HIS H 81 -37.88 -8.33 8.79
N HIS H 82 -38.48 -8.81 9.88
CA HIS H 82 -37.70 -9.37 10.99
C HIS H 82 -38.57 -10.25 11.87
N ILE H 83 -38.06 -11.42 12.22
CA ILE H 83 -38.91 -12.39 12.89
C ILE H 83 -38.06 -13.40 13.67
N ARG H 84 -38.01 -13.27 15.02
CA ARG H 84 -37.00 -13.96 15.80
C ARG H 84 -37.63 -14.79 16.91
N ARG H 85 -37.10 -15.99 17.18
CA ARG H 85 -37.56 -16.73 18.36
C ARG H 85 -37.02 -16.06 19.61
N ILE H 86 -37.85 -15.97 20.63
CA ILE H 86 -37.41 -15.42 21.92
C ILE H 86 -37.14 -16.58 22.85
N SER H 87 -38.18 -17.14 23.44
CA SER H 87 -38.03 -18.41 24.16
C SER H 87 -37.66 -19.53 23.20
N LYS H 88 -36.71 -20.36 23.62
CA LYS H 88 -36.24 -21.52 22.87
C LYS H 88 -36.14 -22.68 23.87
N PRO H 89 -36.12 -23.91 23.36
CA PRO H 89 -35.82 -25.04 24.25
C PRO H 89 -34.52 -24.79 24.95
N GLY H 90 -34.40 -25.31 26.13
CA GLY H 90 -33.17 -25.00 26.85
C GLY H 90 -32.75 -23.54 26.94
N ARG H 91 -33.70 -22.61 26.82
CA ARG H 91 -33.76 -21.42 27.67
C ARG H 91 -35.11 -20.74 27.41
N ARG H 92 -36.12 -21.23 28.14
CA ARG H 92 -37.47 -20.72 28.06
C ARG H 92 -37.56 -19.31 28.63
N VAL H 93 -38.47 -18.52 28.07
CA VAL H 93 -38.63 -17.10 28.36
C VAL H 93 -40.09 -16.84 28.67
N TYR H 94 -40.38 -16.39 29.90
CA TYR H 94 -41.74 -16.17 30.36
C TYR H 94 -41.86 -14.78 30.98
N VAL H 95 -42.53 -13.90 30.33
CA VAL H 95 -42.83 -12.63 30.96
C VAL H 95 -44.17 -12.72 31.65
N GLY H 96 -44.29 -11.96 32.72
CA GLY H 96 -45.59 -11.65 33.28
C GLY H 96 -46.19 -10.48 32.55
N VAL H 97 -47.39 -10.09 32.99
CA VAL H 97 -48.12 -9.11 32.18
C VAL H 97 -47.48 -7.73 32.27
N LYS H 98 -46.85 -7.43 33.40
CA LYS H 98 -46.19 -6.14 33.54
C LYS H 98 -44.91 -6.07 32.72
N GLU H 99 -44.43 -7.19 32.17
CA GLU H 99 -43.20 -7.21 31.40
C GLU H 99 -43.39 -7.68 29.97
N ILE H 100 -44.60 -7.62 29.43
CA ILE H 100 -44.70 -7.98 28.04
C ILE H 100 -44.03 -6.84 27.29
N PRO H 101 -43.06 -7.11 26.43
CA PRO H 101 -42.32 -6.02 25.75
C PRO H 101 -43.17 -5.30 24.72
N ARG H 102 -42.79 -4.05 24.43
CA ARG H 102 -43.43 -3.25 23.37
C ARG H 102 -42.48 -3.21 22.16
N VAL H 103 -42.87 -3.95 21.11
CA VAL H 103 -42.05 -4.12 19.91
C VAL H 103 -42.19 -2.90 19.01
N ARG H 104 -41.13 -2.10 18.93
CA ARG H 104 -41.04 -1.02 17.94
C ARG H 104 -42.13 0.01 18.15
N ARG H 105 -42.20 0.56 19.37
CA ARG H 105 -43.30 1.44 19.74
C ARG H 105 -44.55 0.97 19.03
N GLY H 106 -44.82 -0.34 19.09
CA GLY H 106 -46.03 -0.91 18.55
C GLY H 106 -46.05 -1.18 17.06
N LEU H 107 -45.11 -0.66 16.29
CA LEU H 107 -45.11 -0.95 14.87
C LEU H 107 -44.89 -2.43 14.60
N GLY H 108 -44.37 -3.18 15.57
CA GLY H 108 -44.25 -4.61 15.48
C GLY H 108 -45.02 -5.28 16.60
N ILE H 109 -45.03 -6.60 16.56
CA ILE H 109 -45.81 -7.40 17.52
C ILE H 109 -44.85 -8.29 18.29
N ALA H 110 -45.37 -8.92 19.35
CA ALA H 110 -44.70 -10.05 19.94
C ALA H 110 -45.78 -11.09 20.25
N ILE H 111 -45.72 -12.22 19.56
CA ILE H 111 -46.59 -13.35 19.85
C ILE H 111 -46.13 -14.02 21.11
N LEU H 112 -47.03 -14.20 22.07
CA LEU H 112 -46.74 -15.02 23.23
C LEU H 112 -47.92 -15.95 23.49
N SER H 113 -47.60 -17.13 23.99
CA SER H 113 -48.58 -18.12 24.43
C SER H 113 -48.95 -17.90 25.90
N THR H 114 -50.25 -17.79 26.18
CA THR H 114 -50.79 -17.71 27.53
C THR H 114 -51.80 -18.83 27.73
N SER H 115 -52.13 -19.07 29.01
CA SER H 115 -53.22 -19.93 29.42
C SER H 115 -54.58 -19.40 29.02
N LYS H 116 -54.68 -18.20 28.45
CA LYS H 116 -55.85 -17.83 27.67
C LYS H 116 -55.60 -18.00 26.17
N GLY H 117 -54.50 -18.66 25.77
CA GLY H 117 -54.20 -19.00 24.39
C GLY H 117 -53.20 -18.05 23.76
N VAL H 118 -52.91 -18.30 22.47
CA VAL H 118 -51.83 -17.62 21.77
C VAL H 118 -52.28 -16.21 21.42
N LEU H 119 -51.48 -15.21 21.79
CA LEU H 119 -51.94 -13.84 21.66
C LEU H 119 -50.80 -12.91 21.29
N THR H 120 -51.15 -11.82 20.64
CA THR H 120 -50.19 -10.74 20.50
C THR H 120 -49.94 -10.10 21.86
N ASP H 121 -49.05 -9.11 21.87
CA ASP H 121 -48.82 -8.35 23.09
C ASP H 121 -50.04 -7.49 23.45
N ARG H 122 -50.52 -6.66 22.51
CA ARG H 122 -51.69 -5.84 22.83
C ARG H 122 -52.82 -6.73 23.32
N GLU H 123 -52.93 -7.94 22.79
CA GLU H 123 -54.01 -8.84 23.18
C GLU H 123 -53.82 -9.32 24.61
N ALA H 124 -52.67 -9.92 24.91
CA ALA H 124 -52.36 -10.28 26.29
C ALA H 124 -52.52 -9.10 27.23
N ARG H 125 -52.03 -7.93 26.82
CA ARG H 125 -52.10 -6.79 27.71
C ARG H 125 -53.53 -6.49 28.09
N LYS H 126 -54.43 -6.30 27.10
CA LYS H 126 -55.86 -6.11 27.38
C LYS H 126 -56.38 -7.22 28.27
N LEU H 127 -56.15 -8.45 27.86
CA LEU H 127 -56.67 -9.60 28.57
C LEU H 127 -56.09 -9.74 29.96
N GLY H 128 -55.05 -8.99 30.29
CA GLY H 128 -54.41 -9.00 31.61
C GLY H 128 -53.62 -10.24 31.95
N VAL H 129 -52.83 -10.74 30.99
CA VAL H 129 -52.23 -12.07 31.09
C VAL H 129 -50.84 -12.03 30.46
N GLY H 130 -49.85 -12.63 31.11
CA GLY H 130 -48.58 -12.92 30.49
C GLY H 130 -48.41 -14.41 30.21
N GLY H 131 -47.22 -14.76 29.77
CA GLY H 131 -46.93 -16.17 29.51
C GLY H 131 -45.57 -16.38 28.89
N GLU H 132 -45.46 -17.45 28.11
CA GLU H 132 -44.22 -17.79 27.40
C GLU H 132 -44.12 -16.88 26.19
N LEU H 133 -43.18 -15.91 26.25
CA LEU H 133 -42.85 -15.05 25.12
C LEU H 133 -42.34 -15.88 23.95
N ILE H 134 -43.12 -16.04 22.88
CA ILE H 134 -42.78 -16.99 21.81
C ILE H 134 -41.78 -16.39 20.83
N CYS H 135 -42.05 -15.18 20.36
CA CYS H 135 -41.23 -14.59 19.32
C CYS H 135 -41.60 -13.13 19.20
N GLU H 136 -40.79 -12.38 18.49
CA GLU H 136 -41.18 -11.03 18.12
C GLU H 136 -41.10 -10.91 16.60
N VAL H 137 -41.99 -10.10 16.01
CA VAL H 137 -42.07 -9.86 14.57
C VAL H 137 -42.28 -8.37 14.32
N TRP H 138 -41.46 -7.79 13.45
CA TRP H 138 -41.72 -6.43 13.04
C TRP H 138 -41.34 -6.24 11.59
N GLU I 1 28.06 26.48 -75.84
CA GLU I 1 29.36 26.14 -76.41
C GLU I 1 29.91 24.85 -75.75
N GLN I 2 29.59 24.65 -74.47
CA GLN I 2 30.17 23.60 -73.66
C GLN I 2 29.07 22.92 -72.85
N TYR I 3 29.46 22.24 -71.77
CA TYR I 3 28.51 21.54 -70.90
C TYR I 3 29.00 21.59 -69.45
N TYR I 4 28.06 21.80 -68.52
CA TYR I 4 28.43 22.21 -67.17
C TYR I 4 27.61 21.47 -66.10
N GLY I 5 28.30 21.14 -65.02
CA GLY I 5 27.64 20.76 -63.78
C GLY I 5 28.52 21.13 -62.63
N THR I 6 27.90 21.36 -61.46
CA THR I 6 28.64 21.77 -60.26
C THR I 6 29.16 20.57 -59.46
N GLY I 7 28.43 20.08 -58.46
CA GLY I 7 29.01 18.98 -57.71
C GLY I 7 29.92 19.35 -56.54
N ARG I 8 29.48 19.00 -55.34
CA ARG I 8 30.16 19.31 -54.10
C ARG I 8 30.34 18.05 -53.27
N ARG I 9 31.18 18.18 -52.26
CA ARG I 9 31.54 17.05 -51.42
C ARG I 9 32.33 17.55 -50.23
N LYS I 10 31.68 17.67 -49.07
CA LYS I 10 32.39 17.79 -47.80
C LYS I 10 33.32 19.02 -47.85
N GLU I 11 32.70 20.18 -48.02
CA GLU I 11 33.34 21.49 -47.95
C GLU I 11 34.18 21.79 -49.19
N ALA I 12 34.13 20.92 -50.22
CA ALA I 12 34.87 21.09 -51.47
C ALA I 12 33.89 21.18 -52.64
N VAL I 13 34.14 22.10 -53.56
CA VAL I 13 33.26 22.35 -54.71
C VAL I 13 34.06 22.21 -56.00
N ALA I 14 33.48 21.50 -56.97
CA ALA I 14 34.10 21.35 -58.28
C ALA I 14 33.27 22.09 -59.32
N ARG I 15 33.95 22.74 -60.26
CA ARG I 15 33.31 23.34 -61.43
C ARG I 15 33.77 22.55 -62.65
N VAL I 16 32.85 21.87 -63.31
CA VAL I 16 33.20 20.99 -64.41
C VAL I 16 32.58 21.54 -65.70
N PHE I 17 33.44 21.99 -66.61
CA PHE I 17 33.07 22.36 -67.96
C PHE I 17 33.56 21.26 -68.90
N LEU I 18 32.64 20.63 -69.62
CA LEU I 18 33.00 19.65 -70.64
C LEU I 18 32.96 20.33 -72.01
N ARG I 19 33.98 20.07 -72.81
CA ARG I 19 34.03 20.42 -74.23
C ARG I 19 34.23 19.12 -75.01
N PRO I 20 33.89 19.08 -76.29
CA PRO I 20 34.11 17.86 -77.07
C PRO I 20 35.57 17.69 -77.44
N GLY I 21 35.96 16.44 -77.67
CA GLY I 21 37.28 16.20 -78.24
C GLY I 21 38.07 14.97 -77.79
N ASN I 22 39.23 15.23 -77.18
CA ASN I 22 40.34 14.30 -77.07
C ASN I 22 40.32 13.49 -75.78
N GLY I 23 40.18 14.15 -74.63
CA GLY I 23 40.24 13.49 -73.34
C GLY I 23 41.02 14.26 -72.28
N LYS I 24 41.59 15.40 -72.69
CA LYS I 24 42.59 16.10 -71.88
C LYS I 24 41.90 16.96 -70.82
N VAL I 25 42.35 16.80 -69.57
CA VAL I 25 41.71 17.38 -68.40
C VAL I 25 42.67 18.33 -67.71
N THR I 26 42.16 19.48 -67.30
CA THR I 26 43.00 20.52 -66.69
C THR I 26 42.26 21.11 -65.49
N VAL I 27 42.74 20.79 -64.30
CA VAL I 27 42.19 21.32 -63.06
C VAL I 27 43.05 22.47 -62.57
N ASN I 28 42.41 23.62 -62.30
CA ASN I 28 43.07 24.76 -61.66
C ASN I 28 44.32 25.19 -62.41
N GLY I 29 44.15 25.47 -63.70
CA GLY I 29 45.30 25.86 -64.51
C GLY I 29 46.45 24.88 -64.40
N GLN I 30 46.13 23.59 -64.32
CA GLN I 30 47.18 22.59 -64.24
C GLN I 30 46.69 21.28 -64.85
N ASP I 31 47.62 20.54 -65.44
CA ASP I 31 47.33 19.18 -65.90
C ASP I 31 46.70 18.37 -64.78
N PHE I 32 45.98 17.30 -65.13
CA PHE I 32 45.28 16.51 -64.13
C PHE I 32 46.25 15.93 -63.13
N ASN I 33 47.33 15.34 -63.63
CA ASN I 33 48.27 14.71 -62.74
C ASN I 33 49.22 15.70 -62.11
N GLU I 34 49.49 16.82 -62.79
CA GLU I 34 50.25 17.89 -62.14
C GLU I 34 49.62 18.25 -60.78
N TYR I 35 48.29 18.16 -60.68
CA TYR I 35 47.57 18.47 -59.43
C TYR I 35 47.49 17.23 -58.54
N PHE I 36 46.65 16.27 -58.91
CA PHE I 36 46.45 15.02 -58.16
C PHE I 36 47.63 14.06 -58.29
N GLN I 37 48.83 14.60 -58.15
CA GLN I 37 50.00 13.83 -58.52
C GLN I 37 50.20 12.70 -57.53
N GLY I 38 50.26 11.47 -58.07
CA GLY I 38 50.46 10.32 -57.24
C GLY I 38 49.55 10.19 -56.02
N LEU I 39 48.25 10.28 -56.24
CA LEU I 39 47.26 9.94 -55.23
C LEU I 39 46.41 8.80 -55.76
N VAL I 40 46.61 7.59 -55.24
CA VAL I 40 46.01 6.38 -55.79
C VAL I 40 44.54 6.53 -56.16
N ARG I 41 43.82 7.45 -55.53
CA ARG I 41 42.38 7.58 -55.76
C ARG I 41 42.00 8.43 -56.98
N ALA I 42 42.93 9.20 -57.54
CA ALA I 42 42.55 10.30 -58.43
C ALA I 42 41.76 9.79 -59.63
N VAL I 43 42.23 8.72 -60.27
CA VAL I 43 41.65 8.16 -61.48
C VAL I 43 40.13 8.02 -61.38
N ALA I 44 39.63 7.98 -60.14
CA ALA I 44 38.23 7.70 -59.91
C ALA I 44 37.32 8.89 -60.12
N ALA I 45 37.86 10.10 -60.25
CA ALA I 45 36.97 11.23 -60.55
C ALA I 45 36.40 11.17 -61.95
N LEU I 46 36.93 10.30 -62.80
CA LEU I 46 36.53 10.21 -64.20
C LEU I 46 35.70 8.96 -64.49
N GLU I 47 35.29 8.25 -63.44
CA GLU I 47 34.45 7.08 -63.65
C GLU I 47 33.14 7.39 -64.35
N PRO I 48 32.52 8.57 -64.21
CA PRO I 48 31.36 8.86 -65.08
C PRO I 48 31.66 8.58 -66.54
N LEU I 49 32.76 9.12 -67.06
CA LEU I 49 33.08 8.93 -68.47
C LEU I 49 33.43 7.47 -68.74
N ARG I 50 34.27 6.89 -67.89
CA ARG I 50 34.70 5.50 -68.06
C ARG I 50 33.51 4.54 -68.11
N ALA I 51 32.31 5.00 -67.75
CA ALA I 51 31.12 4.16 -67.75
C ALA I 51 30.01 4.72 -68.63
N VAL I 52 30.31 5.71 -69.47
CA VAL I 52 29.42 6.09 -70.55
C VAL I 52 30.13 5.99 -71.89
N ASP I 53 31.26 5.28 -71.90
CA ASP I 53 32.19 5.31 -73.02
C ASP I 53 32.37 6.74 -73.48
N ALA I 54 33.12 7.52 -72.69
CA ALA I 54 33.50 8.87 -73.07
C ALA I 54 34.97 9.14 -72.77
N LEU I 55 35.75 8.10 -72.41
CA LEU I 55 37.21 8.11 -72.39
C LEU I 55 37.77 9.25 -73.23
N GLY I 56 37.84 9.05 -74.56
CA GLY I 56 38.45 10.02 -75.46
C GLY I 56 37.50 10.73 -76.39
N HIS I 57 36.29 11.00 -75.90
CA HIS I 57 35.26 11.71 -76.66
C HIS I 57 34.98 13.09 -76.11
N PHE I 58 35.56 13.43 -74.94
CA PHE I 58 35.36 14.70 -74.26
C PHE I 58 36.68 15.24 -73.72
N ASP I 59 36.80 16.58 -73.72
CA ASP I 59 37.77 17.34 -72.95
C ASP I 59 37.07 18.01 -71.78
N ALA I 60 37.85 18.37 -70.75
CA ALA I 60 37.27 18.92 -69.51
C ALA I 60 38.16 20.00 -68.92
N TYR I 61 37.57 21.16 -68.61
CA TYR I 61 38.26 22.23 -67.91
C TYR I 61 37.56 22.42 -66.58
N ILE I 62 38.32 22.37 -65.49
CA ILE I 62 37.78 22.29 -64.13
C ILE I 62 38.51 23.27 -63.24
N THR I 63 37.78 23.92 -62.33
CA THR I 63 38.38 24.65 -61.24
C THR I 63 37.73 24.15 -59.97
N VAL I 64 38.55 23.91 -58.94
CA VAL I 64 38.10 23.29 -57.70
C VAL I 64 38.62 24.12 -56.52
N ARG I 65 37.73 24.41 -55.57
CA ARG I 65 38.00 25.37 -54.49
C ARG I 65 37.35 24.85 -53.22
N GLY I 66 38.16 24.36 -52.28
CA GLY I 66 37.64 24.03 -50.97
C GLY I 66 38.05 22.67 -50.41
N GLY I 67 38.22 22.63 -49.09
CA GLY I 67 38.53 21.36 -48.44
C GLY I 67 39.90 20.82 -48.81
N GLY I 68 39.95 19.50 -49.07
CA GLY I 68 41.19 18.84 -49.36
C GLY I 68 41.06 17.93 -50.57
N LYS I 69 42.19 17.41 -51.02
CA LYS I 69 42.23 16.85 -52.37
C LYS I 69 41.30 15.65 -52.53
N SER I 70 41.16 14.82 -51.51
CA SER I 70 40.29 13.65 -51.69
C SER I 70 38.83 14.03 -51.76
N GLY I 71 38.44 15.14 -51.12
CA GLY I 71 37.07 15.61 -51.26
C GLY I 71 36.84 16.24 -52.61
N GLN I 72 37.82 17.01 -53.09
CA GLN I 72 37.75 17.58 -54.43
C GLN I 72 37.62 16.49 -55.46
N ILE I 73 38.27 15.35 -55.25
CA ILE I 73 38.22 14.24 -56.21
C ILE I 73 36.79 13.77 -56.39
N ASP I 74 36.01 13.75 -55.30
CA ASP I 74 34.59 13.37 -55.39
C ASP I 74 33.75 14.49 -55.99
N ALA I 75 34.02 15.74 -55.62
CA ALA I 75 33.26 16.84 -56.18
C ALA I 75 33.38 16.88 -57.69
N ILE I 76 34.56 16.51 -58.19
CA ILE I 76 34.72 16.43 -59.64
C ILE I 76 33.85 15.31 -60.19
N LYS I 77 33.86 14.15 -59.54
CA LYS I 77 33.07 13.03 -60.04
C LYS I 77 31.58 13.36 -60.17
N LEU I 78 31.08 14.32 -59.38
CA LEU I 78 29.72 14.83 -59.62
C LEU I 78 29.68 15.82 -60.78
N GLY I 79 30.47 16.89 -60.69
CA GLY I 79 30.51 17.86 -61.76
C GLY I 79 30.57 17.22 -63.13
N ILE I 80 31.42 16.21 -63.29
CA ILE I 80 31.48 15.47 -64.54
C ILE I 80 30.15 14.77 -64.80
N ALA I 81 29.61 14.07 -63.79
CA ALA I 81 28.36 13.37 -64.01
C ALA I 81 27.20 14.32 -64.29
N ARG I 82 27.21 15.51 -63.68
CA ARG I 82 26.10 16.44 -63.85
C ARG I 82 26.15 17.12 -65.21
N ALA I 83 27.34 17.55 -65.63
CA ALA I 83 27.49 18.14 -66.96
C ALA I 83 27.10 17.14 -68.04
N LEU I 84 27.50 15.88 -67.85
CA LEU I 84 27.25 14.83 -68.82
C LEU I 84 25.76 14.56 -69.02
N VAL I 85 24.91 15.05 -68.11
CA VAL I 85 23.49 14.77 -68.13
C VAL I 85 22.67 15.93 -68.69
N GLN I 86 23.09 17.16 -68.43
CA GLN I 86 22.57 18.26 -69.24
C GLN I 86 23.11 18.21 -70.66
N TYR I 87 24.19 17.47 -70.90
CA TYR I 87 24.56 17.19 -72.27
C TYR I 87 23.58 16.21 -72.89
N ASN I 88 23.18 15.17 -72.15
CA ASN I 88 22.29 14.14 -72.69
C ASN I 88 21.45 13.55 -71.58
N PRO I 89 20.19 14.00 -71.43
CA PRO I 89 19.34 13.48 -70.36
C PRO I 89 19.05 11.98 -70.46
N ASP I 90 19.30 11.35 -71.61
CA ASP I 90 19.12 9.90 -71.72
C ASP I 90 20.20 9.13 -70.96
N TYR I 91 21.28 9.80 -70.55
CA TYR I 91 22.41 9.18 -69.86
C TYR I 91 22.13 8.84 -68.40
N ARG I 92 20.96 9.20 -67.87
CA ARG I 92 20.68 8.99 -66.45
C ARG I 92 20.60 7.51 -66.12
N ALA I 93 19.69 6.78 -66.79
CA ALA I 93 19.51 5.36 -66.50
C ALA I 93 20.83 4.60 -66.66
N LYS I 94 21.66 5.03 -67.60
CA LYS I 94 23.03 4.55 -67.64
C LYS I 94 23.74 4.84 -66.33
N LEU I 95 23.67 6.09 -65.87
CA LEU I 95 24.53 6.66 -64.84
C LEU I 95 23.94 6.59 -63.43
N LYS I 96 22.62 6.69 -63.29
CA LYS I 96 22.01 6.75 -61.96
C LYS I 96 22.29 5.51 -61.11
N PRO I 97 22.10 4.27 -61.60
CA PRO I 97 22.32 3.10 -60.72
C PRO I 97 23.75 2.96 -60.18
N LEU I 98 24.71 3.67 -60.75
CA LEU I 98 26.04 3.77 -60.16
C LEU I 98 26.14 4.89 -59.13
N GLY I 99 25.06 5.63 -58.95
CA GLY I 99 24.98 6.61 -57.89
C GLY I 99 25.77 7.87 -58.12
N PHE I 100 26.50 7.99 -59.22
CA PHE I 100 27.35 9.15 -59.46
C PHE I 100 26.58 10.46 -59.31
N LEU I 101 25.25 10.40 -59.26
CA LEU I 101 24.43 11.60 -59.26
C LEU I 101 23.99 12.03 -57.87
N THR I 102 24.46 11.36 -56.82
CA THR I 102 23.99 11.57 -55.45
C THR I 102 25.06 12.29 -54.64
N ARG I 103 24.80 13.54 -54.26
CA ARG I 103 25.83 14.31 -53.57
C ARG I 103 25.94 13.84 -52.13
N ASP I 104 27.18 13.62 -51.67
CA ASP I 104 27.47 12.86 -50.45
C ASP I 104 27.29 13.73 -49.21
N ALA I 105 26.14 13.59 -48.57
CA ALA I 105 25.76 14.42 -47.45
C ALA I 105 26.72 14.35 -46.29
N ARG I 106 27.60 13.34 -46.29
CA ARG I 106 28.50 13.04 -45.19
C ARG I 106 29.44 14.22 -44.93
N VAL I 107 29.30 14.89 -43.77
CA VAL I 107 30.14 16.02 -43.44
C VAL I 107 30.67 15.84 -42.03
N VAL I 108 31.81 16.49 -41.77
CA VAL I 108 32.43 16.46 -40.45
C VAL I 108 31.41 16.79 -39.38
N GLU I 109 31.35 15.95 -38.34
CA GLU I 109 30.41 16.13 -37.24
C GLU I 109 30.96 17.08 -36.16
N ARG I 110 30.06 17.85 -35.58
CA ARG I 110 30.41 18.97 -34.70
C ARG I 110 31.05 18.50 -33.40
N LYS I 111 31.93 19.34 -32.85
CA LYS I 111 32.50 19.04 -31.55
C LYS I 111 31.57 19.44 -30.41
N LYS I 112 31.27 18.49 -29.52
CA LYS I 112 30.38 18.65 -28.38
C LYS I 112 31.20 18.98 -27.10
N TYR I 113 30.55 19.61 -26.14
CA TYR I 113 31.27 19.91 -24.91
C TYR I 113 31.21 18.71 -23.96
N GLY I 114 32.24 18.62 -23.10
CA GLY I 114 32.38 17.47 -22.25
C GLY I 114 32.70 16.20 -23.00
N LYS I 115 32.84 16.30 -24.30
CA LYS I 115 33.50 15.28 -25.08
C LYS I 115 34.90 15.79 -25.45
N HIS I 116 35.71 14.88 -25.95
CA HIS I 116 37.01 15.30 -26.41
C HIS I 116 36.99 15.71 -27.85
N LYS I 117 35.93 15.39 -28.58
CA LYS I 117 36.16 15.14 -29.99
C LYS I 117 34.87 14.71 -30.68
N ALA I 118 33.75 15.33 -30.28
CA ALA I 118 32.46 15.11 -30.93
C ALA I 118 31.79 13.79 -30.56
N ARG I 119 32.57 12.75 -30.20
CA ARG I 119 32.01 11.52 -29.65
C ARG I 119 32.95 10.93 -28.62
N ARG I 120 34.25 10.98 -28.92
CA ARG I 120 35.28 10.54 -28.00
C ARG I 120 34.97 11.06 -26.61
N ALA I 121 34.46 10.20 -25.77
CA ALA I 121 34.12 10.59 -24.41
C ALA I 121 35.36 10.53 -23.54
N PRO I 122 35.56 11.49 -22.65
CA PRO I 122 36.75 11.44 -21.81
C PRO I 122 36.68 10.25 -20.89
N GLN I 123 37.86 9.79 -20.50
CA GLN I 123 38.01 8.55 -19.78
C GLN I 123 37.78 8.77 -18.29
N TYR I 124 37.16 7.79 -17.63
CA TYR I 124 36.89 7.93 -16.20
C TYR I 124 37.37 6.72 -15.44
N SER I 125 37.36 6.87 -14.11
CA SER I 125 37.90 5.89 -13.17
C SER I 125 36.89 5.62 -12.03
N LYS I 126 37.25 4.69 -11.14
CA LYS I 126 36.42 4.15 -10.06
C LYS I 126 34.95 4.03 -10.45
N ARG I 127 34.56 2.85 -10.93
CA ARG I 127 33.15 2.52 -11.22
C ARG I 127 32.83 1.00 -11.07
N LYS J 1 28.05 56.80 -56.30
CA LYS J 1 29.08 56.20 -55.47
C LYS J 1 28.96 56.64 -54.02
N ILE J 2 27.74 56.72 -53.49
CA ILE J 2 27.54 56.87 -52.04
C ILE J 2 27.48 55.46 -51.45
N ARG J 3 28.55 55.08 -50.76
CA ARG J 3 28.70 53.76 -50.15
C ARG J 3 28.08 53.78 -48.77
N ILE J 4 27.10 52.91 -48.52
CA ILE J 4 26.42 52.97 -47.22
C ILE J 4 26.29 51.60 -46.55
N LYS J 5 27.32 51.18 -45.83
CA LYS J 5 27.29 49.89 -45.15
C LYS J 5 26.34 49.91 -43.96
N LEU J 6 25.40 48.96 -43.92
CA LEU J 6 24.35 48.89 -42.93
C LEU J 6 24.47 47.61 -42.13
N ARG J 7 24.53 47.72 -40.80
CA ARG J 7 24.66 46.54 -39.97
C ARG J 7 23.82 46.65 -38.70
N GLY J 8 23.58 45.51 -38.09
CA GLY J 8 22.85 45.46 -36.84
C GLY J 8 22.80 44.03 -36.34
N PHE J 9 21.93 43.80 -35.35
CA PHE J 9 21.79 42.48 -34.76
C PHE J 9 20.59 41.72 -35.30
N ASP J 10 19.66 42.37 -36.01
CA ASP J 10 18.44 41.71 -36.44
C ASP J 10 18.29 41.80 -37.95
N HIS J 11 18.34 40.64 -38.62
CA HIS J 11 18.33 40.57 -40.08
C HIS J 11 16.98 40.94 -40.67
N LYS J 12 15.90 40.88 -39.89
CA LYS J 12 14.61 41.33 -40.40
C LYS J 12 14.57 42.86 -40.48
N THR J 13 15.19 43.52 -39.51
CA THR J 13 15.16 44.95 -39.41
C THR J 13 16.31 45.59 -40.18
N LEU J 14 17.16 44.81 -40.84
CA LEU J 14 18.11 45.35 -41.82
C LEU J 14 17.49 45.32 -43.22
N ASP J 15 17.35 44.11 -43.78
CA ASP J 15 16.84 43.95 -45.13
C ASP J 15 15.55 44.72 -45.35
N ALA J 16 14.71 44.79 -44.31
CA ALA J 16 13.53 45.66 -44.40
C ALA J 16 13.95 47.10 -44.55
N SER J 17 14.86 47.57 -43.69
CA SER J 17 15.20 48.99 -43.63
C SER J 17 16.26 49.39 -44.65
N ALA J 18 16.98 48.44 -45.24
CA ALA J 18 17.77 48.73 -46.44
C ALA J 18 16.92 48.67 -47.70
N GLN J 19 15.81 47.93 -47.67
CA GLN J 19 14.83 48.03 -48.75
C GLN J 19 14.20 49.41 -48.77
N LYS J 20 14.09 50.03 -47.59
CA LYS J 20 13.53 51.37 -47.52
C LYS J 20 14.47 52.43 -48.09
N ILE J 21 15.79 52.18 -48.03
CA ILE J 21 16.76 53.09 -48.62
C ILE J 21 17.00 52.68 -50.08
N VAL J 22 15.90 52.57 -50.84
CA VAL J 22 15.88 52.51 -52.30
C VAL J 22 14.58 53.18 -52.77
N GLU J 23 14.60 54.53 -52.97
CA GLU J 23 13.33 55.23 -53.16
C GLU J 23 13.39 56.43 -54.11
N ALA J 24 14.27 56.43 -55.11
CA ALA J 24 14.03 57.25 -56.30
C ALA J 24 13.40 56.43 -57.42
N ALA J 25 13.65 55.11 -57.40
CA ALA J 25 12.81 54.05 -57.93
C ALA J 25 13.54 52.72 -57.80
N ARG J 26 12.97 51.64 -58.31
CA ARG J 26 13.67 50.35 -58.34
C ARG J 26 14.91 50.41 -59.23
N ARG J 27 14.76 50.97 -60.43
CA ARG J 27 15.87 51.40 -61.28
C ARG J 27 15.36 52.41 -62.30
N SER J 28 14.48 53.32 -61.86
CA SER J 28 13.82 54.30 -62.73
C SER J 28 13.66 55.66 -62.02
N GLY J 29 14.80 56.25 -61.60
CA GLY J 29 14.83 57.53 -60.89
C GLY J 29 16.19 57.87 -60.30
N ALA J 30 17.16 56.97 -60.49
CA ALA J 30 18.54 57.07 -60.00
C ALA J 30 19.41 56.01 -60.67
N GLN J 31 19.49 54.81 -60.07
CA GLN J 31 20.05 53.63 -60.71
C GLN J 31 19.90 52.36 -59.85
N VAL J 32 20.54 52.34 -58.67
CA VAL J 32 20.43 51.29 -57.66
C VAL J 32 21.21 50.04 -58.05
N SER J 33 21.90 49.43 -57.08
CA SER J 33 22.74 48.26 -57.35
C SER J 33 22.38 47.06 -56.47
N GLY J 34 21.14 47.01 -55.95
CA GLY J 34 20.65 45.89 -55.18
C GLY J 34 21.36 45.76 -53.85
N PRO J 35 20.59 45.52 -52.79
CA PRO J 35 21.18 45.44 -51.45
C PRO J 35 22.06 44.20 -51.33
N ILE J 36 23.32 44.40 -50.93
CA ILE J 36 24.31 43.32 -51.01
C ILE J 36 24.33 42.47 -49.75
N PRO J 37 24.24 41.12 -49.89
CA PRO J 37 24.16 40.26 -48.70
C PRO J 37 25.28 40.45 -47.70
N LEU J 38 26.55 40.17 -48.07
CA LEU J 38 27.77 40.54 -47.33
C LEU J 38 27.84 39.86 -45.95
N PRO J 39 28.80 38.94 -45.75
CA PRO J 39 28.67 37.95 -44.67
C PRO J 39 28.54 38.55 -43.28
N THR J 40 28.01 37.71 -42.38
CA THR J 40 27.77 38.05 -40.98
C THR J 40 28.92 37.55 -40.10
N ARG J 41 29.11 38.23 -38.96
CA ARG J 41 30.24 38.03 -38.06
C ARG J 41 29.73 37.63 -36.68
N VAL J 42 30.05 36.40 -36.26
CA VAL J 42 29.34 35.68 -35.19
C VAL J 42 30.28 35.52 -34.00
N ARG J 43 30.07 36.31 -32.94
CA ARG J 43 30.87 36.23 -31.72
C ARG J 43 30.16 35.29 -30.76
N ARG J 44 30.92 34.35 -30.18
CA ARG J 44 30.34 33.24 -29.42
C ARG J 44 30.88 33.16 -27.99
N PHE J 45 29.97 32.93 -27.05
CA PHE J 45 30.28 32.80 -25.64
C PHE J 45 29.84 31.43 -25.17
N THR J 46 30.74 30.71 -24.52
CA THR J 46 30.39 29.43 -23.92
C THR J 46 30.66 29.49 -22.43
N VAL J 47 29.69 29.02 -21.66
CA VAL J 47 29.66 29.27 -20.24
C VAL J 47 29.12 28.04 -19.54
N ILE J 48 29.97 27.44 -18.71
CA ILE J 48 29.68 26.60 -17.55
C ILE J 48 28.32 26.93 -16.95
N ARG J 49 27.36 26.01 -17.05
CA ARG J 49 25.95 26.33 -16.78
C ARG J 49 25.69 26.72 -15.32
N GLY J 50 26.06 25.85 -14.37
CA GLY J 50 25.88 26.15 -12.97
C GLY J 50 26.93 27.09 -12.42
N PRO J 51 26.77 27.46 -11.16
CA PRO J 51 27.68 28.43 -10.54
C PRO J 51 28.97 27.86 -9.96
N PHE J 52 29.12 26.53 -9.89
CA PHE J 52 30.17 25.88 -9.10
C PHE J 52 30.40 24.47 -9.61
N LYS J 53 31.68 24.12 -9.81
CA LYS J 53 32.09 22.86 -10.43
C LYS J 53 31.18 22.49 -11.59
N HIS J 54 30.94 21.21 -11.84
CA HIS J 54 30.17 20.78 -13.01
C HIS J 54 30.81 21.27 -14.30
N LYS J 55 32.10 20.96 -14.43
CA LYS J 55 32.91 21.40 -15.57
C LYS J 55 32.22 21.14 -16.90
N ASP J 56 31.53 19.99 -17.03
CA ASP J 56 31.09 19.46 -18.32
C ASP J 56 29.64 19.80 -18.63
N SER J 57 29.16 20.94 -18.14
CA SER J 57 27.78 21.36 -18.30
C SER J 57 27.63 22.29 -19.51
N ARG J 58 27.93 23.60 -19.37
CA ARG J 58 28.07 24.46 -20.56
C ARG J 58 26.78 24.81 -21.34
N GLU J 59 26.74 26.03 -21.88
CA GLU J 59 25.61 26.48 -22.68
C GLU J 59 26.11 27.61 -23.58
N HIS J 60 25.72 27.58 -24.86
CA HIS J 60 26.38 28.37 -25.91
C HIS J 60 25.59 29.61 -26.27
N PHE J 61 26.25 30.77 -26.26
CA PHE J 61 25.64 32.05 -26.63
C PHE J 61 26.38 32.69 -27.79
N GLU J 62 25.64 33.11 -28.81
CA GLU J 62 26.20 33.84 -29.94
C GLU J 62 25.57 35.23 -29.99
N LEU J 63 26.23 36.15 -30.75
CA LEU J 63 25.83 37.56 -30.90
C LEU J 63 26.12 37.98 -32.36
N ARG J 64 25.30 37.50 -33.29
CA ARG J 64 25.59 37.71 -34.70
C ARG J 64 25.31 39.13 -35.17
N THR J 65 26.12 39.59 -36.14
CA THR J 65 26.07 40.96 -36.69
C THR J 65 26.03 40.88 -38.21
N HIS J 66 24.90 41.29 -38.80
CA HIS J 66 24.67 41.15 -40.23
C HIS J 66 24.85 42.48 -40.95
N ASN J 67 25.43 42.43 -42.16
CA ASN J 67 25.89 43.62 -42.87
C ASN J 67 25.40 43.64 -44.31
N ARG J 68 24.95 44.81 -44.77
CA ARG J 68 24.44 45.02 -46.13
C ARG J 68 25.11 46.26 -46.73
N LEU J 69 25.02 46.41 -48.06
CA LEU J 69 25.83 47.40 -48.79
C LEU J 69 25.03 48.51 -49.45
N VAL J 70 24.19 48.19 -50.46
CA VAL J 70 23.36 49.12 -51.23
C VAL J 70 24.11 49.74 -52.42
N ASP J 71 24.85 50.84 -52.19
CA ASP J 71 25.59 51.54 -53.26
C ASP J 71 24.73 52.10 -54.39
N ILE J 72 24.73 53.43 -54.54
CA ILE J 72 24.00 54.11 -55.62
C ILE J 72 24.99 54.90 -56.47
N ILE J 73 24.86 54.77 -57.79
CA ILE J 73 25.57 55.61 -58.75
C ILE J 73 24.62 56.73 -59.19
N ASN J 74 25.20 57.90 -59.51
CA ASN J 74 24.51 59.17 -59.72
C ASN J 74 24.04 59.72 -58.38
N PRO J 75 24.97 60.31 -57.56
CA PRO J 75 24.63 60.87 -56.24
C PRO J 75 23.94 62.24 -56.35
N ASN J 76 22.95 62.35 -57.22
CA ASN J 76 22.20 63.60 -57.37
C ASN J 76 21.58 64.01 -56.04
N ARG J 77 21.54 65.32 -55.80
CA ARG J 77 21.04 65.83 -54.53
C ARG J 77 19.52 65.82 -54.44
N LYS J 78 18.81 65.66 -55.57
CA LYS J 78 17.35 65.54 -55.54
C LYS J 78 16.93 64.32 -54.74
N THR J 79 17.51 63.15 -55.08
CA THR J 79 17.18 61.90 -54.40
C THR J 79 17.66 61.93 -52.94
N ILE J 80 18.86 62.45 -52.70
CA ILE J 80 19.39 62.62 -51.35
C ILE J 80 18.39 63.36 -50.47
N GLU J 81 17.65 64.31 -51.07
CA GLU J 81 16.60 65.04 -50.37
C GLU J 81 15.44 64.13 -49.97
N GLN J 82 15.76 62.88 -49.61
CA GLN J 82 14.83 62.00 -48.91
C GLN J 82 15.37 61.52 -47.58
N LEU J 83 16.67 61.65 -47.34
CA LEU J 83 17.30 61.15 -46.11
C LEU J 83 17.14 62.14 -44.95
N MET J 84 15.94 62.72 -44.82
CA MET J 84 15.62 63.68 -43.76
C MET J 84 15.18 62.91 -42.51
N THR J 85 13.87 62.82 -42.27
CA THR J 85 13.32 62.07 -41.14
C THR J 85 12.76 60.71 -41.59
N LEU J 86 13.18 60.24 -42.76
CA LEU J 86 12.61 59.05 -43.38
C LEU J 86 13.39 57.81 -42.90
N ASP J 87 12.98 57.32 -41.71
CA ASP J 87 13.52 56.10 -41.11
C ASP J 87 12.45 55.53 -40.16
N LEU J 88 12.77 54.36 -39.54
CA LEU J 88 11.97 53.63 -38.54
C LEU J 88 12.72 52.46 -37.87
N PRO J 89 13.87 51.99 -38.37
CA PRO J 89 14.65 51.01 -37.59
C PRO J 89 15.46 51.65 -36.48
N THR J 90 15.31 51.12 -35.26
CA THR J 90 16.02 51.56 -34.07
C THR J 90 17.42 50.96 -33.99
N GLY J 91 17.53 49.70 -33.53
CA GLY J 91 18.81 49.04 -33.41
C GLY J 91 19.47 48.64 -34.72
N VAL J 92 19.44 49.56 -35.69
CA VAL J 92 20.30 49.53 -36.87
C VAL J 92 21.24 50.73 -36.75
N GLU J 93 22.47 50.58 -37.25
CA GLU J 93 23.42 51.68 -37.26
C GLU J 93 23.98 51.86 -38.65
N ILE J 94 24.18 53.12 -39.03
CA ILE J 94 24.39 53.56 -40.40
C ILE J 94 25.81 54.09 -40.57
N GLU J 95 26.40 53.83 -41.74
CA GLU J 95 27.73 54.30 -42.08
C GLU J 95 27.71 54.79 -43.52
N ILE J 96 28.45 55.85 -43.79
CA ILE J 96 28.44 56.50 -45.10
C ILE J 96 29.88 56.86 -45.48
N LYS J 97 30.28 56.45 -46.68
CA LYS J 97 31.51 56.90 -47.33
C LYS J 97 31.20 57.23 -48.78
N THR J 98 32.15 57.83 -49.48
CA THR J 98 32.01 58.08 -50.92
C THR J 98 33.33 57.84 -51.67
N LYS K 1 40.27 -63.27 -32.45
CA LYS K 1 40.32 -64.18 -33.61
C LYS K 1 39.68 -65.56 -33.31
N ARG K 2 38.68 -65.55 -32.42
CA ARG K 2 37.84 -66.70 -32.13
C ARG K 2 36.66 -66.81 -33.09
N GLN K 3 36.46 -65.79 -33.93
CA GLN K 3 35.47 -65.76 -35.00
C GLN K 3 34.04 -65.92 -34.49
N VAL K 4 33.21 -64.88 -34.70
CA VAL K 4 31.85 -64.87 -34.19
C VAL K 4 30.88 -64.28 -35.21
N ALA K 5 31.31 -63.22 -35.90
CA ALA K 5 30.56 -62.60 -36.98
C ALA K 5 29.42 -61.74 -36.45
N SER K 6 28.48 -62.36 -35.75
CA SER K 6 27.33 -61.65 -35.19
C SER K 6 27.27 -61.84 -33.68
N GLY K 7 26.68 -60.85 -33.01
CA GLY K 7 26.48 -60.90 -31.57
C GLY K 7 25.73 -59.68 -31.07
N ARG K 8 25.86 -59.43 -29.77
CA ARG K 8 25.18 -58.33 -29.09
C ARG K 8 26.17 -57.27 -28.62
N ALA K 9 25.76 -56.00 -28.75
CA ALA K 9 26.42 -54.83 -28.17
C ALA K 9 25.53 -54.25 -27.08
N TYR K 10 26.08 -54.09 -25.89
CA TYR K 10 25.36 -53.52 -24.76
C TYR K 10 25.89 -52.11 -24.57
N ILE K 11 25.01 -51.13 -24.63
CA ILE K 11 25.38 -49.78 -24.29
C ILE K 11 24.88 -49.59 -22.87
N HIS K 12 25.75 -49.29 -21.94
CA HIS K 12 25.33 -48.97 -20.58
C HIS K 12 25.52 -47.47 -20.38
N ALA K 13 24.45 -46.71 -20.55
CA ALA K 13 24.53 -45.27 -20.54
C ALA K 13 24.21 -44.73 -19.15
N SER K 14 24.98 -43.73 -18.73
CA SER K 14 24.89 -43.20 -17.39
C SER K 14 25.29 -41.74 -17.43
N TYR K 15 25.05 -41.04 -16.33
CA TYR K 15 25.37 -39.63 -16.28
C TYR K 15 26.85 -39.37 -16.13
N ASN K 16 27.61 -40.34 -15.64
CA ASN K 16 28.99 -40.13 -15.23
C ASN K 16 30.03 -40.78 -16.15
N ASN K 17 29.56 -41.52 -17.17
CA ASN K 17 30.33 -42.44 -18.01
C ASN K 17 29.42 -43.26 -18.91
N THR K 18 29.92 -43.61 -20.08
CA THR K 18 29.27 -44.56 -20.97
C THR K 18 30.24 -45.72 -21.18
N ILE K 19 29.69 -46.88 -21.54
CA ILE K 19 30.44 -48.14 -21.41
C ILE K 19 29.81 -49.21 -22.27
N VAL K 20 30.56 -49.78 -23.19
CA VAL K 20 30.02 -50.62 -24.25
C VAL K 20 30.66 -51.99 -24.18
N THR K 21 29.84 -53.03 -24.08
CA THR K 21 30.32 -54.40 -24.05
C THR K 21 29.81 -55.13 -25.29
N ILE K 22 30.66 -55.92 -25.91
CA ILE K 22 30.29 -56.71 -27.09
C ILE K 22 30.36 -58.18 -26.71
N THR K 23 29.34 -58.95 -27.10
CA THR K 23 29.27 -60.34 -26.71
C THR K 23 28.86 -61.21 -27.90
N ASP K 24 29.16 -62.51 -27.77
CA ASP K 24 28.71 -63.54 -28.69
C ASP K 24 27.20 -63.73 -28.58
N PRO K 25 26.57 -64.43 -29.52
CA PRO K 25 25.10 -64.53 -29.50
C PRO K 25 24.52 -65.15 -28.25
N ASP K 26 25.37 -65.46 -27.26
CA ASP K 26 24.92 -65.98 -25.97
C ASP K 26 25.10 -65.00 -24.82
N GLY K 27 25.88 -63.94 -25.01
CA GLY K 27 26.03 -62.91 -23.99
C GLY K 27 27.35 -62.93 -23.27
N ASN K 28 28.25 -63.85 -23.62
CA ASN K 28 29.59 -63.82 -23.03
C ASN K 28 30.42 -62.77 -23.76
N PRO K 29 31.03 -61.83 -23.04
CA PRO K 29 31.68 -60.71 -23.70
C PRO K 29 32.87 -61.12 -24.56
N ILE K 30 32.98 -60.46 -25.71
CA ILE K 30 34.13 -60.58 -26.58
C ILE K 30 35.16 -59.52 -26.26
N THR K 31 34.69 -58.30 -26.03
CA THR K 31 35.52 -57.12 -25.82
C THR K 31 34.65 -55.98 -25.29
N TRP K 32 35.30 -54.94 -24.77
CA TRP K 32 34.58 -53.81 -24.19
C TRP K 32 35.46 -52.59 -24.19
N SER K 33 34.84 -51.46 -23.83
CA SER K 33 35.46 -50.14 -23.88
C SER K 33 34.61 -49.17 -23.08
N SER K 34 35.13 -47.97 -22.88
CA SER K 34 34.43 -46.99 -22.06
C SER K 34 35.15 -45.67 -22.12
N GLY K 35 34.54 -44.64 -21.52
CA GLY K 35 35.16 -43.33 -21.49
C GLY K 35 36.53 -43.31 -20.82
N GLY K 36 36.70 -44.08 -19.75
CA GLY K 36 38.02 -44.17 -19.14
C GLY K 36 39.00 -44.92 -20.02
N VAL K 37 38.54 -46.02 -20.63
CA VAL K 37 39.39 -46.76 -21.55
C VAL K 37 39.93 -45.86 -22.63
N ILE K 38 39.14 -44.90 -23.12
CA ILE K 38 39.68 -44.00 -24.14
C ILE K 38 40.33 -42.78 -23.50
N GLY K 39 40.99 -42.97 -22.36
CA GLY K 39 41.84 -41.94 -21.79
C GLY K 39 41.16 -40.70 -21.28
N TYR K 40 39.84 -40.67 -21.19
CA TYR K 40 39.28 -39.57 -20.43
C TYR K 40 39.38 -39.92 -18.95
N LYS K 41 39.18 -38.91 -18.10
CA LYS K 41 39.49 -39.04 -16.67
C LYS K 41 38.34 -38.69 -15.76
N GLY K 42 37.80 -37.48 -15.87
CA GLY K 42 36.81 -37.09 -14.89
C GLY K 42 35.40 -37.05 -15.43
N SER K 43 34.85 -35.85 -15.43
CA SER K 43 33.52 -35.68 -15.98
C SER K 43 33.51 -35.82 -17.49
N ARG K 44 34.69 -35.80 -18.13
CA ARG K 44 34.70 -35.90 -19.58
C ARG K 44 34.18 -37.24 -20.06
N LYS K 45 34.18 -38.27 -19.20
CA LYS K 45 33.84 -39.62 -19.64
C LYS K 45 32.37 -39.77 -20.01
N GLY K 46 31.50 -39.04 -19.33
CA GLY K 46 30.10 -39.13 -19.68
C GLY K 46 29.68 -38.25 -20.82
N THR K 47 30.60 -37.45 -21.33
CA THR K 47 30.30 -36.62 -22.49
C THR K 47 29.93 -37.49 -23.68
N PRO K 48 29.11 -36.97 -24.62
CA PRO K 48 28.74 -37.79 -25.78
C PRO K 48 29.88 -38.01 -26.77
N TYR K 49 30.92 -37.18 -26.75
CA TYR K 49 32.13 -37.51 -27.50
C TYR K 49 32.80 -38.76 -26.95
N ALA K 50 32.87 -38.87 -25.63
CA ALA K 50 33.39 -40.08 -25.03
C ALA K 50 32.60 -41.29 -25.51
N ALA K 51 31.27 -41.20 -25.48
CA ALA K 51 30.47 -42.33 -25.91
C ALA K 51 30.75 -42.68 -27.38
N GLN K 52 30.94 -41.68 -28.23
CA GLN K 52 31.40 -41.98 -29.59
C GLN K 52 32.70 -42.76 -29.57
N LEU K 53 33.76 -42.19 -29.00
CA LEU K 53 35.05 -42.88 -28.98
C LEU K 53 34.93 -44.27 -28.36
N ALA K 54 34.25 -44.38 -27.22
CA ALA K 54 34.13 -45.66 -26.53
C ALA K 54 33.45 -46.69 -27.41
N ALA K 55 32.33 -46.31 -28.01
CA ALA K 55 31.63 -47.23 -28.88
C ALA K 55 32.52 -47.63 -30.05
N LEU K 56 33.21 -46.66 -30.65
CA LEU K 56 34.01 -46.98 -31.81
C LEU K 56 35.17 -47.91 -31.44
N ASP K 57 35.78 -47.70 -30.27
CA ASP K 57 36.85 -48.57 -29.80
C ASP K 57 36.35 -49.99 -29.62
N ALA K 58 35.22 -50.16 -28.94
CA ALA K 58 34.71 -51.50 -28.77
C ALA K 58 34.19 -52.12 -30.06
N ALA K 59 34.02 -51.34 -31.12
CA ALA K 59 33.70 -51.95 -32.41
C ALA K 59 34.97 -52.42 -33.09
N LYS K 60 35.89 -51.50 -33.38
CA LYS K 60 37.19 -51.87 -33.94
C LYS K 60 37.80 -53.04 -33.19
N LYS K 61 37.73 -53.01 -31.85
CA LYS K 61 38.26 -54.11 -31.05
C LYS K 61 37.53 -55.39 -31.36
N ALA K 62 36.26 -55.30 -31.75
CA ALA K 62 35.47 -56.49 -31.99
C ALA K 62 35.54 -56.97 -33.43
N MET K 63 35.75 -56.08 -34.39
CA MET K 63 35.88 -56.54 -35.77
C MET K 63 37.17 -57.35 -35.97
N ALA K 64 38.12 -57.24 -35.05
CA ALA K 64 39.29 -58.12 -35.08
C ALA K 64 38.89 -59.57 -34.83
N TYR K 65 38.08 -59.82 -33.81
CA TYR K 65 37.51 -61.15 -33.62
C TYR K 65 36.53 -61.47 -34.75
N GLY K 66 36.48 -60.61 -35.76
CA GLY K 66 35.72 -60.89 -36.96
C GLY K 66 34.24 -60.60 -36.89
N MET K 67 33.79 -59.73 -35.97
CA MET K 67 32.39 -59.35 -35.93
C MET K 67 31.97 -58.69 -37.24
N GLN K 68 30.71 -58.91 -37.62
CA GLN K 68 30.13 -58.15 -38.73
C GLN K 68 28.79 -57.53 -38.40
N SER K 69 27.88 -58.25 -37.76
CA SER K 69 26.58 -57.74 -37.40
C SER K 69 26.44 -57.70 -35.88
N VAL K 70 25.53 -56.84 -35.39
CA VAL K 70 25.32 -56.65 -33.96
C VAL K 70 23.87 -56.32 -33.69
N ASP K 71 23.31 -56.95 -32.65
CA ASP K 71 22.09 -56.47 -32.00
C ASP K 71 22.47 -55.52 -30.87
N VAL K 72 21.88 -54.35 -30.84
CA VAL K 72 22.23 -53.36 -29.83
C VAL K 72 21.22 -53.37 -28.69
N ILE K 73 21.70 -53.18 -27.47
CA ILE K 73 20.87 -53.21 -26.26
C ILE K 73 21.24 -52.01 -25.41
N VAL K 74 20.47 -50.92 -25.54
CA VAL K 74 20.65 -49.72 -24.75
C VAL K 74 20.23 -49.98 -23.33
N ARG K 75 20.91 -49.35 -22.38
CA ARG K 75 20.54 -49.61 -20.98
C ARG K 75 21.01 -48.41 -20.16
N GLY K 76 20.09 -47.54 -19.81
CA GLY K 76 20.46 -46.29 -19.20
C GLY K 76 19.89 -45.11 -19.95
N THR K 77 19.98 -43.97 -19.28
CA THR K 77 19.47 -42.67 -19.71
C THR K 77 20.53 -41.63 -19.47
N GLY K 78 21.72 -41.89 -19.98
CA GLY K 78 22.82 -40.97 -19.83
C GLY K 78 22.92 -40.02 -20.98
N ALA K 79 23.87 -39.10 -20.85
CA ALA K 79 24.32 -38.33 -22.00
C ALA K 79 24.99 -39.29 -22.99
N GLY K 80 24.85 -38.97 -24.28
CA GLY K 80 25.49 -39.79 -25.29
C GLY K 80 25.16 -41.27 -25.22
N ARG K 81 24.02 -41.61 -24.63
CA ARG K 81 23.42 -42.91 -24.92
C ARG K 81 23.23 -43.08 -26.41
N GLU K 82 22.82 -41.99 -27.07
CA GLU K 82 22.46 -42.07 -28.49
C GLU K 82 23.66 -41.83 -29.38
N GLN K 83 24.58 -40.94 -28.97
CA GLN K 83 25.83 -40.80 -29.71
C GLN K 83 26.62 -42.10 -29.69
N ALA K 84 26.31 -43.00 -28.76
CA ALA K 84 26.92 -44.32 -28.80
C ALA K 84 26.29 -45.18 -29.88
N ILE K 85 24.98 -45.07 -30.05
CA ILE K 85 24.31 -45.84 -31.10
C ILE K 85 24.75 -45.35 -32.48
N ARG K 86 24.78 -44.03 -32.68
CA ARG K 86 25.17 -43.51 -33.99
C ARG K 86 26.54 -44.03 -34.37
N ALA K 87 27.43 -44.12 -33.40
CA ALA K 87 28.77 -44.63 -33.67
C ALA K 87 28.73 -46.09 -34.10
N LEU K 88 27.93 -46.89 -33.39
CA LEU K 88 27.82 -48.31 -33.74
C LEU K 88 27.32 -48.50 -35.16
N GLN K 89 26.36 -47.68 -35.60
CA GLN K 89 25.84 -47.82 -36.95
C GLN K 89 26.92 -47.49 -37.97
N ALA K 90 27.47 -46.28 -37.88
CA ALA K 90 28.56 -45.88 -38.76
C ALA K 90 29.86 -46.46 -38.23
N SER K 91 30.16 -47.71 -38.59
CA SER K 91 31.31 -48.33 -37.95
C SER K 91 31.75 -49.58 -38.67
N GLY K 92 30.90 -50.04 -39.59
CA GLY K 92 31.13 -51.32 -40.22
C GLY K 92 30.56 -52.49 -39.44
N LEU K 93 29.58 -52.22 -38.61
CA LEU K 93 28.84 -53.27 -37.94
C LEU K 93 27.38 -53.15 -38.33
N GLN K 94 26.82 -54.22 -38.84
CA GLN K 94 25.38 -54.25 -39.08
C GLN K 94 24.67 -54.08 -37.75
N VAL K 95 23.91 -52.99 -37.62
CA VAL K 95 23.04 -52.84 -36.47
C VAL K 95 21.69 -53.43 -36.88
N LYS K 96 21.45 -54.69 -36.48
CA LYS K 96 20.22 -55.37 -36.86
C LYS K 96 19.04 -54.99 -36.00
N SER K 97 19.27 -54.45 -34.81
CA SER K 97 18.17 -54.01 -33.95
C SER K 97 18.73 -53.10 -32.88
N ILE K 98 17.88 -52.25 -32.34
CA ILE K 98 18.18 -51.53 -31.11
C ILE K 98 17.02 -51.71 -30.17
N VAL K 99 17.30 -52.13 -28.95
CA VAL K 99 16.28 -52.46 -27.97
C VAL K 99 16.67 -51.77 -26.68
N ASP K 100 15.76 -51.02 -26.09
CA ASP K 100 16.07 -50.43 -24.80
C ASP K 100 15.56 -51.33 -23.70
N ASP K 101 16.45 -51.68 -22.79
CA ASP K 101 16.18 -52.65 -21.73
C ASP K 101 16.60 -52.08 -20.39
N THR K 102 16.49 -50.77 -20.22
CA THR K 102 16.89 -50.17 -18.96
C THR K 102 16.12 -50.82 -17.83
N PRO K 103 16.78 -51.25 -16.75
CA PRO K 103 16.10 -51.95 -15.68
C PRO K 103 15.43 -50.99 -14.72
N VAL K 104 14.28 -51.40 -14.21
CA VAL K 104 13.46 -50.49 -13.43
C VAL K 104 12.57 -51.27 -12.46
N PRO K 105 12.71 -51.03 -11.16
CA PRO K 105 11.97 -51.83 -10.19
C PRO K 105 10.49 -51.53 -10.22
N HIS K 106 9.71 -52.50 -9.73
CA HIS K 106 8.27 -52.33 -9.53
C HIS K 106 7.99 -51.82 -8.12
N ASN K 107 8.55 -50.62 -7.91
CA ASN K 107 8.88 -50.01 -6.63
C ASN K 107 9.47 -50.98 -5.62
N GLY K 108 10.80 -50.94 -5.45
CA GLY K 108 11.56 -52.02 -4.85
C GLY K 108 12.44 -51.59 -3.70
N CYS K 109 13.58 -50.96 -3.97
CA CYS K 109 14.53 -50.60 -2.92
C CYS K 109 14.50 -49.10 -2.67
N ARG K 110 14.43 -48.70 -1.40
CA ARG K 110 14.50 -47.30 -1.06
C ARG K 110 15.71 -46.65 -1.71
N PRO K 111 15.52 -45.71 -2.63
CA PRO K 111 16.67 -45.10 -3.29
C PRO K 111 17.52 -44.25 -2.34
N LYS K 112 18.73 -43.96 -2.81
CA LYS K 112 19.60 -42.98 -2.18
C LYS K 112 18.85 -41.65 -2.10
N LYS K 113 19.23 -40.82 -1.13
CA LYS K 113 18.54 -39.53 -0.99
C LYS K 113 18.68 -38.69 -2.25
N LYS K 114 19.84 -38.76 -2.90
CA LYS K 114 20.05 -38.04 -4.16
C LYS K 114 18.92 -38.31 -5.14
N PHE K 115 18.29 -39.49 -5.05
CA PHE K 115 17.46 -40.02 -6.13
C PHE K 115 16.01 -40.20 -5.74
N ARG K 116 15.51 -39.49 -4.74
CA ARG K 116 14.08 -39.66 -4.47
C ARG K 116 13.38 -38.32 -4.35
N LYS K 117 13.94 -37.43 -3.54
CA LYS K 117 13.41 -36.11 -3.19
C LYS K 117 11.88 -36.00 -3.21
N ALA K 118 11.32 -35.03 -3.95
CA ALA K 118 9.88 -34.70 -3.89
C ALA K 118 8.96 -35.89 -4.17
N SER K 119 9.16 -36.99 -3.43
CA SER K 119 8.72 -38.40 -3.71
C SER K 119 9.41 -38.96 -4.98
N PRO L 1 -20.86 -19.60 24.39
CA PRO L 1 -21.15 -20.87 25.07
C PRO L 1 -22.64 -21.07 25.31
N THR L 2 -23.12 -22.31 25.22
CA THR L 2 -24.56 -22.53 25.41
C THR L 2 -24.99 -22.10 26.82
N ILE L 3 -26.29 -21.83 26.96
CA ILE L 3 -26.77 -21.45 28.28
C ILE L 3 -26.48 -22.54 29.30
N ASN L 4 -26.75 -23.80 28.94
CA ASN L 4 -26.44 -24.89 29.84
C ASN L 4 -24.97 -24.84 30.21
N GLN L 5 -24.11 -24.51 29.25
CA GLN L 5 -22.71 -24.28 29.57
C GLN L 5 -22.53 -23.16 30.61
N LEU L 6 -23.13 -22.00 30.36
CA LEU L 6 -22.95 -20.87 31.25
C LEU L 6 -23.55 -21.13 32.61
N VAL L 7 -24.49 -22.05 32.66
CA VAL L 7 -25.06 -22.51 33.92
C VAL L 7 -24.10 -23.47 34.62
N ARG L 8 -23.39 -24.32 33.87
CA ARG L 8 -22.45 -25.29 34.45
C ARG L 8 -21.14 -24.62 34.90
N LYS L 9 -20.34 -24.16 33.95
CA LYS L 9 -19.24 -23.25 34.26
C LYS L 9 -19.82 -21.84 34.40
N GLY L 10 -19.08 -20.95 34.94
CA GLY L 10 -19.60 -19.61 35.16
C GLY L 10 -19.37 -18.73 33.97
N ARG L 11 -19.40 -17.42 34.23
CA ARG L 11 -18.39 -16.54 33.67
C ARG L 11 -17.26 -16.45 34.68
N GLU L 12 -16.28 -15.58 34.44
CA GLU L 12 -15.09 -15.53 35.27
C GLU L 12 -14.77 -14.08 35.54
N LYS L 13 -14.92 -13.62 36.78
CA LYS L 13 -14.70 -12.20 37.00
C LYS L 13 -13.22 -11.91 36.90
N VAL L 14 -12.82 -10.67 37.15
CA VAL L 14 -11.47 -10.27 36.80
C VAL L 14 -10.55 -10.12 38.01
N ARG L 15 -9.59 -9.20 37.91
CA ARG L 15 -8.46 -9.15 38.84
C ARG L 15 -7.53 -8.01 38.45
N LYS L 16 -7.60 -6.91 39.19
CA LYS L 16 -6.71 -5.79 38.95
C LYS L 16 -5.38 -6.07 39.65
N LYS L 17 -4.32 -6.33 38.90
CA LYS L 17 -2.99 -6.40 39.49
C LYS L 17 -2.56 -4.99 39.91
N SER L 18 -2.05 -4.86 41.14
CA SER L 18 -1.77 -3.53 41.66
C SER L 18 -0.41 -3.07 41.18
N LYS L 19 -0.39 -2.18 40.20
CA LYS L 19 0.85 -1.68 39.64
C LYS L 19 1.77 -0.99 40.66
N VAL L 20 1.44 -1.02 41.96
CA VAL L 20 2.29 -0.41 42.98
C VAL L 20 2.09 -1.05 44.34
N PRO L 21 2.72 -2.20 44.67
CA PRO L 21 2.71 -2.66 46.09
C PRO L 21 3.54 -1.81 47.08
N ALA L 22 2.98 -0.60 47.34
CA ALA L 22 3.22 0.26 48.50
C ALA L 22 2.58 -0.49 49.66
N LEU L 23 3.03 -1.75 49.81
CA LEU L 23 2.33 -2.93 50.36
C LEU L 23 0.91 -2.62 50.74
N LYS L 24 0.78 -2.10 51.95
CA LYS L 24 -0.48 -1.64 52.55
C LYS L 24 -1.32 -0.85 51.56
N GLY L 25 -0.92 -0.78 50.28
CA GLY L 25 -1.68 -0.09 49.27
C GLY L 25 -2.23 1.20 49.84
N ALA L 26 -1.50 1.75 50.79
CA ALA L 26 -1.72 3.07 51.31
C ALA L 26 -1.30 4.03 50.20
N PRO L 27 -1.42 5.33 50.36
CA PRO L 27 -1.01 6.23 49.28
C PRO L 27 0.41 6.71 49.36
N PHE L 28 1.13 6.38 50.45
CA PHE L 28 2.54 6.68 50.66
C PHE L 28 3.14 5.75 51.72
N ARG L 29 4.33 5.23 51.44
CA ARG L 29 5.21 4.60 52.42
C ARG L 29 6.48 5.41 52.61
N ARG L 30 6.90 5.49 53.88
CA ARG L 30 8.18 6.04 54.29
C ARG L 30 9.30 5.00 54.17
N GLY L 31 10.47 5.47 53.77
CA GLY L 31 11.58 4.58 53.47
C GLY L 31 12.89 5.29 53.64
N VAL L 32 13.95 4.50 53.76
CA VAL L 32 15.30 5.01 53.93
C VAL L 32 16.09 4.69 52.68
N CYS L 33 16.81 5.67 52.16
CA CYS L 33 17.66 5.40 51.00
C CYS L 33 18.80 4.49 51.40
N THR L 34 19.21 3.68 50.47
CA THR L 34 20.33 2.79 50.65
C THR L 34 21.35 3.00 49.56
N VAL L 35 20.88 3.27 48.35
CA VAL L 35 21.72 3.69 47.24
C VAL L 35 21.06 4.90 46.62
N VAL L 36 21.80 5.99 46.51
CA VAL L 36 21.51 6.93 45.44
C VAL L 36 22.38 6.53 44.27
N ARG L 37 21.92 6.85 43.09
CA ARG L 37 22.46 6.30 41.86
C ARG L 37 22.03 7.22 40.73
N THR L 38 22.25 6.74 39.51
CA THR L 38 21.97 7.44 38.28
C THR L 38 21.63 6.32 37.33
N VAL L 39 20.67 6.53 36.44
CA VAL L 39 20.27 5.46 35.53
C VAL L 39 20.13 6.00 34.13
N THR L 40 20.49 5.16 33.15
CA THR L 40 20.28 5.42 31.74
C THR L 40 18.84 5.10 31.34
N PRO L 41 18.16 5.99 30.60
CA PRO L 41 16.83 5.66 30.11
C PRO L 41 16.96 4.71 28.95
N LYS L 42 15.90 4.50 28.19
CA LYS L 42 15.92 3.43 27.21
C LYS L 42 15.43 3.95 25.86
N LYS L 43 15.05 3.01 25.03
CA LYS L 43 14.35 3.09 23.75
C LYS L 43 14.96 4.23 22.94
N PRO L 44 14.36 5.50 22.86
CA PRO L 44 15.06 6.55 22.12
C PRO L 44 15.33 7.76 22.99
N ASN L 45 15.74 7.53 24.21
CA ASN L 45 16.09 8.62 25.11
C ASN L 45 17.52 8.45 25.60
N SER L 46 18.14 9.57 25.94
CA SER L 46 19.38 9.56 26.68
C SER L 46 19.26 10.65 27.74
N ALA L 47 19.75 10.34 28.94
CA ALA L 47 20.17 11.32 29.95
C ALA L 47 20.58 10.55 31.19
N LEU L 48 20.73 11.25 32.31
CA LEU L 48 21.21 10.64 33.55
C LEU L 48 20.12 10.84 34.59
N ARG L 49 19.31 9.81 34.81
CA ARG L 49 18.13 9.96 35.63
C ARG L 49 18.46 9.60 37.06
N LYS L 50 18.08 10.48 37.98
CA LYS L 50 18.37 10.34 39.40
C LYS L 50 17.39 9.38 40.05
N VAL L 51 17.91 8.47 40.88
CA VAL L 51 17.14 7.33 41.32
C VAL L 51 17.69 6.87 42.66
N ALA L 52 16.82 6.60 43.62
CA ALA L 52 17.21 6.01 44.89
C ALA L 52 16.59 4.61 45.06
N LYS L 53 17.38 3.64 45.51
CA LYS L 53 16.84 2.43 46.11
C LYS L 53 16.35 2.72 47.52
N VAL L 54 15.14 2.29 47.84
CA VAL L 54 14.54 2.64 49.11
C VAL L 54 14.13 1.36 49.83
N ARG L 55 14.32 1.35 51.15
CA ARG L 55 13.95 0.24 52.01
C ARG L 55 12.77 0.75 52.79
N LEU L 56 11.62 0.07 52.68
CA LEU L 56 10.37 0.63 53.18
C LEU L 56 9.92 0.03 54.50
N THR L 57 9.10 0.82 55.21
CA THR L 57 8.33 0.29 56.33
C THR L 57 7.44 -0.85 55.87
N SER L 58 6.93 -0.78 54.64
CA SER L 58 6.19 -1.93 54.11
C SER L 58 7.06 -3.20 53.98
N GLY L 59 8.27 -3.24 54.56
CA GLY L 59 9.19 -4.36 54.41
C GLY L 59 9.71 -4.58 53.00
N TYR L 60 9.69 -3.55 52.17
CA TYR L 60 10.02 -3.66 50.75
C TYR L 60 11.22 -2.79 50.43
N GLU L 61 12.10 -3.30 49.57
CA GLU L 61 13.27 -2.56 49.05
C GLU L 61 12.98 -2.30 47.56
N VAL L 62 12.67 -1.06 47.22
CA VAL L 62 12.29 -0.72 45.86
C VAL L 62 12.91 0.60 45.46
N THR L 63 12.97 0.80 44.17
CA THR L 63 13.68 1.90 43.56
C THR L 63 12.71 2.97 43.11
N ALA L 64 12.98 4.23 43.49
CA ALA L 64 12.09 5.35 43.22
C ALA L 64 12.80 6.46 42.47
N TYR L 65 12.06 7.21 41.69
CA TYR L 65 12.62 8.33 40.94
C TYR L 65 12.71 9.56 41.80
N ILE L 66 13.72 10.39 41.54
CA ILE L 66 13.94 11.60 42.32
C ILE L 66 13.65 12.82 41.46
N PRO L 67 12.38 13.22 41.39
CA PRO L 67 11.98 14.26 40.45
C PRO L 67 12.51 15.63 40.82
N GLY L 68 13.00 16.35 39.81
CA GLY L 68 13.41 17.72 39.96
C GLY L 68 14.79 17.97 39.35
N GLU L 69 15.10 19.28 39.23
CA GLU L 69 16.38 19.74 38.69
C GLU L 69 17.57 19.13 39.44
N GLY L 70 17.61 19.30 40.76
CA GLY L 70 18.63 18.62 41.55
C GLY L 70 18.12 18.28 42.93
N HIS L 71 18.66 17.20 43.51
CA HIS L 71 18.23 16.65 44.80
C HIS L 71 19.37 16.63 45.82
N ASN L 72 19.10 16.02 46.98
CA ASN L 72 20.01 16.07 48.13
C ASN L 72 19.93 14.78 48.94
N LEU L 73 19.98 13.64 48.26
CA LEU L 73 19.65 12.37 48.89
C LEU L 73 20.91 11.54 48.99
N GLN L 74 21.17 11.01 50.20
CA GLN L 74 22.38 10.25 50.49
C GLN L 74 22.05 8.90 51.08
N GLU L 75 23.04 8.03 51.04
CA GLU L 75 22.87 6.64 51.40
C GLU L 75 22.38 6.42 52.84
N HIS L 76 21.61 7.36 53.40
CA HIS L 76 20.90 7.12 54.65
C HIS L 76 19.72 8.06 54.81
N SER L 77 19.32 8.73 53.71
CA SER L 77 18.20 9.66 53.75
C SER L 77 16.87 8.94 53.91
N VAL L 78 15.98 9.53 54.72
CA VAL L 78 14.66 8.97 54.96
C VAL L 78 13.63 9.80 54.18
N VAL L 79 12.78 9.08 53.46
CA VAL L 79 12.12 9.56 52.27
C VAL L 79 10.70 9.06 52.30
N LEU L 80 9.79 9.79 51.67
CA LEU L 80 8.41 9.37 51.46
C LEU L 80 8.16 9.07 50.00
N ILE L 81 7.64 7.88 49.69
CA ILE L 81 7.39 7.54 48.29
C ILE L 81 5.90 7.49 48.00
N ARG L 82 5.57 7.42 46.68
CA ARG L 82 4.23 7.83 46.26
C ARG L 82 3.72 7.20 44.98
N GLY L 83 4.45 6.35 44.31
CA GLY L 83 3.74 5.67 43.24
C GLY L 83 3.68 6.55 42.01
N GLY L 84 3.94 5.94 40.86
CA GLY L 84 4.08 6.69 39.62
C GLY L 84 5.23 6.17 38.80
N ARG L 85 4.92 5.44 37.71
CA ARG L 85 5.94 4.90 36.81
C ARG L 85 6.88 5.99 36.33
N VAL L 86 8.01 5.59 35.76
CA VAL L 86 8.81 6.47 34.94
C VAL L 86 8.98 5.74 33.62
N LYS L 87 8.33 6.22 32.55
CA LYS L 87 8.18 5.45 31.32
C LYS L 87 9.51 4.97 30.74
N ASP L 88 10.63 5.63 31.09
CA ASP L 88 11.94 5.42 30.51
C ASP L 88 12.80 4.45 31.25
N LEU L 89 12.64 4.38 32.55
CA LEU L 89 13.50 3.54 33.35
C LEU L 89 12.72 2.31 33.76
N PRO L 90 12.73 1.22 32.99
CA PRO L 90 11.96 0.05 33.42
C PRO L 90 12.33 -0.31 34.86
N GLY L 91 11.33 -0.80 35.60
CA GLY L 91 11.50 -1.14 37.00
C GLY L 91 11.50 0.02 37.97
N VAL L 92 11.22 1.23 37.52
CA VAL L 92 11.02 2.36 38.41
C VAL L 92 9.52 2.66 38.38
N ARG L 93 8.85 2.30 39.46
CA ARG L 93 7.40 2.34 39.55
C ARG L 93 6.86 3.37 40.54
N TYR L 94 7.70 3.93 41.40
CA TYR L 94 7.26 4.85 42.42
C TYR L 94 8.09 6.12 42.33
N HIS L 95 7.50 7.24 42.68
CA HIS L 95 8.22 8.50 42.81
C HIS L 95 8.53 8.80 44.26
N ILE L 96 9.46 9.73 44.46
CA ILE L 96 9.82 10.22 45.79
C ILE L 96 9.14 11.56 45.98
N VAL L 97 8.42 11.73 47.09
CA VAL L 97 7.78 13.02 47.31
C VAL L 97 8.86 14.04 47.63
N ARG L 98 9.02 14.99 46.74
CA ARG L 98 9.96 16.06 46.96
C ARG L 98 9.37 17.07 47.95
N GLY L 99 10.14 17.43 48.95
CA GLY L 99 9.69 18.38 49.95
C GLY L 99 9.19 17.76 51.22
N VAL L 100 9.39 16.46 51.40
CA VAL L 100 8.96 15.76 52.60
C VAL L 100 10.15 14.99 53.18
N TYR L 101 10.47 15.26 54.46
CA TYR L 101 11.58 14.63 55.20
C TYR L 101 12.93 15.13 54.71
N ASP L 102 13.92 14.21 54.66
CA ASP L 102 15.29 14.50 54.22
C ASP L 102 15.40 15.04 52.80
N ALA L 103 14.42 14.78 51.94
CA ALA L 103 14.46 15.27 50.55
C ALA L 103 14.02 16.71 50.57
N ALA L 104 14.95 17.61 50.26
CA ALA L 104 14.67 19.02 50.29
C ALA L 104 13.60 19.34 49.26
N GLY L 105 13.07 20.55 49.35
CA GLY L 105 12.22 21.04 48.28
C GLY L 105 12.94 21.08 46.93
N VAL L 106 12.74 22.16 46.19
CA VAL L 106 13.47 22.35 44.96
C VAL L 106 13.86 23.82 44.89
N LYS L 107 15.16 24.08 44.89
CA LYS L 107 15.70 25.41 45.15
C LYS L 107 15.25 26.34 44.03
N ASP L 108 14.42 27.31 44.37
CA ASP L 108 13.99 28.37 43.45
C ASP L 108 13.27 27.82 42.23
N ARG L 109 11.96 27.63 42.35
CA ARG L 109 11.10 27.22 41.25
C ARG L 109 9.85 28.08 41.31
N LYS L 110 9.42 28.58 40.16
CA LYS L 110 8.30 29.50 40.13
C LYS L 110 7.01 28.86 39.64
N LYS L 111 7.12 27.82 38.81
CA LYS L 111 5.98 27.27 38.08
C LYS L 111 5.26 26.16 38.86
N SER L 112 5.51 24.90 38.55
CA SER L 112 4.62 23.87 39.10
C SER L 112 5.04 23.57 40.53
N ARG L 113 4.72 24.49 41.44
CA ARG L 113 5.37 24.46 42.75
C ARG L 113 4.86 23.36 43.68
N SER L 114 3.55 23.03 43.62
CA SER L 114 2.96 22.04 44.53
C SER L 114 3.69 20.72 44.44
N LYS L 115 3.75 20.16 43.24
CA LYS L 115 4.73 19.13 42.96
C LYS L 115 6.10 19.77 43.05
N TYR L 116 7.11 18.98 43.44
CA TYR L 116 8.47 19.47 43.68
C TYR L 116 8.59 20.17 45.04
N GLY L 117 7.50 20.63 45.63
CA GLY L 117 7.47 20.91 47.05
C GLY L 117 8.14 22.17 47.55
N THR L 118 7.95 23.30 46.88
CA THR L 118 8.63 24.52 47.28
C THR L 118 7.62 25.58 47.67
N LYS L 119 7.93 26.34 48.72
CA LYS L 119 6.96 27.29 49.26
C LYS L 119 6.71 28.43 48.29
N LYS L 120 5.67 29.19 48.58
CA LYS L 120 5.36 30.37 47.78
C LYS L 120 6.44 31.42 48.05
N PRO L 121 7.25 31.79 47.05
CA PRO L 121 8.33 32.73 47.32
C PRO L 121 7.76 34.09 47.70
N LYS L 122 8.54 34.84 48.46
CA LYS L 122 8.05 36.08 49.05
C LYS L 122 8.27 37.22 48.07
N GLU L 123 7.34 38.17 48.09
CA GLU L 123 7.36 39.28 47.15
C GLU L 123 6.33 40.30 47.61
N ALA L 124 6.57 41.57 47.27
CA ALA L 124 5.64 42.66 47.55
C ALA L 124 4.37 42.53 46.69
N ALA M 1 89.25 9.54 -36.70
CA ALA M 1 89.76 8.90 -35.49
C ALA M 1 90.69 9.84 -34.69
N ARG M 2 90.38 10.04 -33.41
CA ARG M 2 91.12 10.92 -32.51
C ARG M 2 90.89 12.38 -32.84
N ILE M 3 89.64 12.73 -33.15
CA ILE M 3 89.32 14.09 -33.59
C ILE M 3 89.27 15.04 -32.42
N ALA M 4 88.53 14.69 -31.38
CA ALA M 4 88.81 15.27 -30.08
C ALA M 4 89.62 14.27 -29.31
N GLY M 5 90.23 14.75 -28.23
CA GLY M 5 90.98 13.88 -27.36
C GLY M 5 90.28 12.55 -27.19
N VAL M 6 91.02 11.46 -27.42
CA VAL M 6 90.56 10.08 -27.20
C VAL M 6 89.33 9.74 -28.04
N GLU M 7 88.62 10.74 -28.53
CA GLU M 7 87.39 10.47 -29.26
C GLU M 7 87.79 9.86 -30.59
N ILE M 8 87.58 8.55 -30.75
CA ILE M 8 87.62 7.97 -32.09
C ILE M 8 86.18 7.61 -32.46
N PRO M 9 85.49 8.44 -33.23
CA PRO M 9 84.20 8.01 -33.81
C PRO M 9 84.43 7.46 -35.21
N ARG M 10 83.88 6.31 -35.60
CA ARG M 10 84.27 5.79 -36.91
C ARG M 10 83.05 5.30 -37.67
N ASN M 11 83.22 5.18 -39.00
CA ASN M 11 82.41 4.32 -39.85
C ASN M 11 81.02 4.87 -40.18
N LYS M 12 80.55 5.86 -39.43
CA LYS M 12 79.34 6.59 -39.76
C LYS M 12 79.73 7.82 -40.57
N ARG M 13 78.73 8.58 -41.01
CA ARG M 13 79.00 9.87 -41.62
C ARG M 13 79.76 10.76 -40.64
N VAL M 14 80.60 11.65 -41.17
CA VAL M 14 81.48 12.45 -40.31
C VAL M 14 80.69 13.42 -39.45
N ASP M 15 79.59 13.96 -39.98
CA ASP M 15 78.75 14.82 -39.15
C ASP M 15 78.12 14.05 -37.98
N VAL M 16 77.65 12.83 -38.21
CA VAL M 16 77.16 12.03 -37.09
C VAL M 16 78.29 11.72 -36.12
N ALA M 17 79.44 11.28 -36.65
CA ALA M 17 80.55 10.84 -35.81
C ALA M 17 80.97 11.92 -34.82
N LEU M 18 81.27 13.12 -35.30
CA LEU M 18 81.70 14.21 -34.42
C LEU M 18 80.80 14.37 -33.19
N THR M 19 79.50 14.09 -33.34
CA THR M 19 78.60 14.21 -32.19
C THR M 19 78.95 13.23 -31.07
N TYR M 20 79.72 12.17 -31.40
CA TYR M 20 80.25 11.24 -30.41
C TYR M 20 81.30 11.88 -29.52
N ILE M 21 81.70 13.11 -29.83
CA ILE M 21 82.54 13.92 -28.96
C ILE M 21 81.67 14.64 -27.94
N TYR M 22 82.29 15.07 -26.83
CA TYR M 22 81.51 15.67 -25.76
C TYR M 22 80.93 17.01 -26.20
N GLY M 23 81.68 18.10 -26.09
CA GLY M 23 81.03 19.38 -26.36
C GLY M 23 80.66 19.66 -27.80
N ILE M 24 80.20 18.65 -28.54
CA ILE M 24 79.98 18.73 -29.97
C ILE M 24 78.66 18.04 -30.29
N GLY M 25 77.82 18.72 -31.09
CA GLY M 25 76.50 18.21 -31.41
C GLY M 25 76.09 18.43 -32.86
N LYS M 26 74.79 18.31 -33.14
CA LYS M 26 74.33 18.41 -34.53
C LYS M 26 74.81 19.71 -35.14
N ALA M 27 74.74 20.79 -34.37
CA ALA M 27 75.21 22.12 -34.77
C ALA M 27 76.70 22.15 -35.03
N ARG M 28 77.51 22.11 -33.97
CA ARG M 28 78.96 22.28 -34.12
C ARG M 28 79.54 21.30 -35.13
N ALA M 29 78.89 20.14 -35.30
CA ALA M 29 79.30 19.23 -36.36
C ALA M 29 79.14 19.87 -37.72
N LYS M 30 77.89 20.20 -38.08
CA LYS M 30 77.60 20.98 -39.29
C LYS M 30 78.58 22.13 -39.47
N GLU M 31 78.82 22.90 -38.40
CA GLU M 31 79.66 24.08 -38.47
C GLU M 31 81.10 23.70 -38.79
N ALA M 32 81.71 22.85 -37.96
CA ALA M 32 83.14 22.54 -38.13
C ALA M 32 83.41 21.84 -39.45
N LEU M 33 82.40 21.22 -40.05
CA LEU M 33 82.57 20.68 -41.39
C LEU M 33 82.58 21.78 -42.45
N GLU M 34 81.71 22.78 -42.28
CA GLU M 34 81.75 23.93 -43.18
C GLU M 34 83.08 24.66 -43.05
N LYS M 35 83.42 25.08 -41.84
CA LYS M 35 84.58 25.96 -41.66
C LYS M 35 85.91 25.27 -42.01
N THR M 36 85.95 23.94 -42.10
CA THR M 36 87.14 23.22 -42.54
C THR M 36 86.98 22.56 -43.90
N GLY M 37 85.80 22.61 -44.48
CA GLY M 37 85.59 22.28 -45.88
C GLY M 37 85.40 20.82 -46.22
N ILE M 38 85.16 19.97 -45.25
CA ILE M 38 84.97 18.54 -45.50
C ILE M 38 83.50 18.26 -45.76
N ASN M 39 83.23 17.43 -46.76
CA ASN M 39 81.85 17.07 -47.07
C ASN M 39 81.23 16.35 -45.87
N PRO M 40 80.02 16.74 -45.45
CA PRO M 40 79.33 15.98 -44.38
C PRO M 40 79.20 14.50 -44.67
N ALA M 41 78.96 14.14 -45.93
CA ALA M 41 78.44 12.81 -46.24
C ALA M 41 79.48 11.72 -46.08
N THR M 42 80.76 12.03 -46.28
CA THR M 42 81.79 11.00 -46.39
C THR M 42 81.88 10.16 -45.14
N ARG M 43 82.06 8.86 -45.33
CA ARG M 43 82.26 7.99 -44.18
C ARG M 43 83.58 8.32 -43.52
N VAL M 44 83.68 8.06 -42.22
CA VAL M 44 84.87 8.46 -41.49
C VAL M 44 86.08 7.69 -42.00
N LYS M 45 85.88 6.42 -42.37
CA LYS M 45 86.99 5.61 -42.85
C LYS M 45 87.52 6.11 -44.19
N ASP M 46 86.72 6.90 -44.90
CA ASP M 46 87.09 7.49 -46.19
C ASP M 46 87.46 8.96 -46.01
N LEU M 47 88.55 9.21 -45.30
CA LEU M 47 88.94 10.57 -44.97
C LEU M 47 90.44 10.70 -45.16
N THR M 48 90.83 11.74 -45.90
CA THR M 48 92.23 12.07 -46.07
C THR M 48 92.86 12.40 -44.72
N GLU M 49 94.07 11.91 -44.48
CA GLU M 49 94.73 12.28 -43.24
C GLU M 49 94.90 13.78 -43.16
N ALA M 50 95.07 14.43 -44.31
CA ALA M 50 95.15 15.89 -44.35
C ALA M 50 93.84 16.55 -43.91
N GLU M 51 92.70 15.88 -44.10
CA GLU M 51 91.40 16.38 -43.66
C GLU M 51 91.20 16.17 -42.17
N VAL M 52 91.58 14.98 -41.68
CA VAL M 52 91.45 14.68 -40.26
C VAL M 52 92.27 15.63 -39.41
N VAL M 53 93.30 16.23 -40.01
CA VAL M 53 94.10 17.20 -39.27
C VAL M 53 93.41 18.55 -39.23
N ARG M 54 93.03 19.08 -40.40
CA ARG M 54 92.22 20.31 -40.44
C ARG M 54 91.02 20.24 -39.50
N LEU M 55 90.48 19.04 -39.28
CA LEU M 55 89.41 18.86 -38.32
C LEU M 55 89.95 19.01 -36.91
N ARG M 56 90.78 18.06 -36.50
CA ARG M 56 91.44 18.11 -35.20
C ARG M 56 91.97 19.51 -34.88
N GLU M 57 92.76 20.10 -35.79
CA GLU M 57 93.26 21.47 -35.60
C GLU M 57 92.17 22.49 -35.34
N TYR M 58 90.93 22.20 -35.72
CA TYR M 58 89.85 23.16 -35.55
C TYR M 58 89.09 22.88 -34.27
N VAL M 59 88.27 21.83 -34.30
CA VAL M 59 87.53 21.30 -33.17
C VAL M 59 88.37 21.35 -31.88
N GLU M 60 89.57 20.74 -31.90
CA GLU M 60 90.35 20.66 -30.67
C GLU M 60 90.83 22.05 -30.22
N ASN M 61 91.22 22.90 -31.17
CA ASN M 61 91.73 24.24 -30.90
C ASN M 61 90.66 25.33 -31.02
N THR M 62 89.40 25.04 -30.75
CA THR M 62 88.45 26.14 -30.92
C THR M 62 87.30 26.12 -29.93
N TRP M 63 87.11 25.00 -29.21
CA TRP M 63 86.08 24.92 -28.18
C TRP M 63 86.57 24.09 -27.00
N LYS M 64 85.98 24.37 -25.85
CA LYS M 64 86.18 23.56 -24.66
C LYS M 64 85.47 22.24 -24.86
N LEU M 65 86.22 21.15 -24.94
CA LEU M 65 85.65 19.85 -25.28
C LEU M 65 86.03 18.80 -24.25
N GLU M 66 85.34 17.65 -24.33
CA GLU M 66 85.57 16.50 -23.46
C GLU M 66 85.79 16.85 -21.99
N GLY M 67 86.63 16.09 -21.29
CA GLY M 67 86.85 16.33 -19.86
C GLY M 67 87.08 17.79 -19.54
N GLU M 68 87.84 18.48 -20.40
CA GLU M 68 88.03 19.93 -20.26
C GLU M 68 86.71 20.68 -20.10
N LEU M 69 85.61 20.13 -20.60
CA LEU M 69 84.27 20.66 -20.31
C LEU M 69 83.73 20.11 -19.00
N ARG M 70 83.53 18.80 -18.93
CA ARG M 70 83.12 18.07 -17.73
C ARG M 70 83.80 18.58 -16.47
N ALA M 71 85.03 19.06 -16.63
CA ALA M 71 85.74 19.71 -15.52
C ALA M 71 85.07 21.03 -15.15
N GLU M 72 84.97 21.95 -16.12
CA GLU M 72 84.32 23.24 -15.87
C GLU M 72 82.90 23.09 -15.33
N VAL M 73 82.08 22.24 -15.96
CA VAL M 73 80.71 22.05 -15.50
C VAL M 73 80.70 21.65 -14.03
N ALA M 74 81.57 20.71 -13.65
CA ALA M 74 81.60 20.22 -12.28
C ALA M 74 81.97 21.32 -11.30
N ALA M 75 83.03 22.07 -11.61
CA ALA M 75 83.38 23.22 -10.77
C ALA M 75 82.41 24.37 -10.97
N ASN M 76 81.75 24.44 -12.12
CA ASN M 76 80.69 25.42 -12.28
C ASN M 76 79.53 25.17 -11.34
N ILE M 77 79.31 23.91 -10.95
CA ILE M 77 78.22 23.58 -10.05
C ILE M 77 78.65 23.72 -8.60
N LYS M 78 79.81 23.16 -8.25
CA LYS M 78 80.36 23.42 -6.93
C LYS M 78 80.44 24.92 -6.66
N ARG M 79 80.65 25.73 -7.70
CA ARG M 79 80.69 27.18 -7.50
C ARG M 79 79.44 27.67 -6.79
N LEU M 80 78.28 27.38 -7.35
CA LEU M 80 77.06 27.84 -6.67
C LEU M 80 76.66 26.92 -5.52
N MET M 81 77.44 25.89 -5.24
CA MET M 81 77.26 25.12 -4.01
C MET M 81 78.01 25.76 -2.85
N ASP M 82 79.21 26.27 -3.11
CA ASP M 82 79.98 26.91 -2.06
C ASP M 82 79.28 28.16 -1.53
N ILE M 83 78.89 29.07 -2.44
CA ILE M 83 78.05 30.18 -2.01
C ILE M 83 76.69 29.66 -1.59
N GLY M 84 75.94 30.51 -0.90
CA GLY M 84 74.65 30.08 -0.34
C GLY M 84 73.56 29.82 -1.35
N CYS M 85 73.85 30.00 -2.64
CA CYS M 85 72.86 30.19 -3.70
C CYS M 85 71.70 29.20 -3.62
N TYR M 86 70.52 29.64 -4.10
CA TYR M 86 69.34 28.77 -4.01
C TYR M 86 69.48 27.58 -4.96
N ARG M 87 69.87 27.83 -6.21
CA ARG M 87 70.14 26.72 -7.11
C ARG M 87 71.19 25.79 -6.54
N GLY M 88 72.16 26.35 -5.80
CA GLY M 88 73.13 25.48 -5.15
C GLY M 88 72.48 24.50 -4.19
N LEU M 89 71.58 25.00 -3.34
CA LEU M 89 70.90 24.12 -2.40
C LEU M 89 70.16 23.02 -3.15
N ARG M 90 69.39 23.39 -4.17
CA ARG M 90 68.66 22.40 -4.95
C ARG M 90 69.62 21.34 -5.50
N HIS M 91 70.78 21.77 -6.00
CA HIS M 91 71.80 20.80 -6.43
C HIS M 91 72.22 19.91 -5.28
N ARG M 92 72.40 20.50 -4.10
CA ARG M 92 72.87 19.76 -2.95
C ARG M 92 71.89 18.67 -2.54
N ARG M 93 70.61 19.01 -2.49
CA ARG M 93 69.60 18.02 -2.14
C ARG M 93 69.32 17.06 -3.29
N GLY M 94 69.65 17.46 -4.52
CA GLY M 94 69.37 16.64 -5.69
C GLY M 94 67.92 16.67 -6.09
N LEU M 95 67.38 17.87 -6.25
CA LEU M 95 66.02 18.14 -6.67
C LEU M 95 66.06 19.01 -7.93
N PRO M 96 64.95 19.12 -8.66
CA PRO M 96 64.93 20.02 -9.81
C PRO M 96 65.46 21.39 -9.46
N VAL M 97 66.00 22.06 -10.48
CA VAL M 97 66.70 23.31 -10.32
C VAL M 97 66.08 24.43 -11.14
N ARG M 98 65.27 24.11 -12.15
CA ARG M 98 64.69 25.10 -13.04
C ARG M 98 63.23 25.39 -12.71
N GLY M 99 62.94 25.49 -11.42
CA GLY M 99 61.61 25.83 -10.94
C GLY M 99 60.53 24.85 -11.33
N GLN M 100 60.83 23.56 -11.33
CA GLN M 100 59.81 22.57 -11.65
C GLN M 100 59.04 22.22 -10.39
N ARG M 101 58.00 21.41 -10.55
CA ARG M 101 57.23 20.93 -9.40
C ARG M 101 57.89 19.70 -8.75
N THR M 102 57.70 19.53 -7.44
CA THR M 102 58.28 18.35 -6.80
C THR M 102 57.26 17.50 -6.08
N ARG M 103 55.98 17.85 -6.15
CA ARG M 103 54.98 17.06 -5.45
C ARG M 103 54.78 15.73 -6.15
N THR M 104 54.56 15.79 -7.45
CA THR M 104 54.65 14.64 -8.33
C THR M 104 55.83 14.87 -9.23
N ASN M 105 56.24 13.83 -9.98
CA ASN M 105 56.88 14.09 -11.26
C ASN M 105 58.26 14.73 -11.13
N ALA M 106 59.10 14.30 -10.20
CA ALA M 106 60.45 14.83 -10.25
C ALA M 106 61.46 13.72 -10.46
N ARG M 107 61.00 12.60 -11.04
CA ARG M 107 61.73 11.34 -10.96
C ARG M 107 63.13 11.46 -11.54
N THR M 108 63.28 12.22 -12.63
CA THR M 108 64.53 12.16 -13.37
C THR M 108 65.69 12.72 -12.55
N ARG M 109 65.42 13.69 -11.68
CA ARG M 109 66.44 14.21 -10.78
C ARG M 109 66.46 13.46 -9.45
N LYS M 110 65.27 13.09 -8.96
CA LYS M 110 65.14 12.37 -7.69
C LYS M 110 65.72 10.96 -7.77
N GLY M 111 65.63 10.32 -8.94
CA GLY M 111 65.99 8.93 -9.06
C GLY M 111 64.80 8.04 -8.80
N PRO M 112 65.01 6.72 -8.80
CA PRO M 112 63.92 5.76 -8.58
C PRO M 112 63.19 6.02 -7.27
N ARG M 113 61.98 5.45 -7.16
CA ARG M 113 61.05 5.81 -6.09
C ARG M 113 61.37 5.13 -4.76
N LYS M 114 61.46 5.93 -3.71
CA LYS M 114 61.76 5.44 -2.37
C LYS M 114 60.45 5.30 -1.57
N THR M 115 59.67 4.28 -1.91
CA THR M 115 58.29 4.17 -1.42
C THR M 115 58.25 3.97 0.09
N VAL M 116 57.24 4.60 0.73
CA VAL M 116 56.99 4.51 2.17
C VAL M 116 55.54 4.10 2.41
N ALA M 117 55.19 3.95 3.69
CA ALA M 117 53.88 3.49 4.11
C ALA M 117 52.80 4.52 3.78
N GLY M 118 51.55 4.04 3.81
CA GLY M 118 50.42 4.82 3.33
C GLY M 118 49.55 5.42 4.41
N LYS M 119 48.90 4.57 5.21
CA LYS M 119 47.93 5.01 6.20
C LYS M 119 48.17 4.29 7.53
N LYS M 120 47.47 4.78 8.55
CA LYS M 120 47.36 4.14 9.86
C LYS M 120 45.93 3.80 10.21
N LYS M 121 44.96 4.60 9.77
CA LYS M 121 43.55 4.45 10.12
C LYS M 121 42.70 5.30 9.17
N ALA M 122 42.23 4.72 8.06
CA ALA M 122 41.62 5.46 6.96
C ALA M 122 40.89 4.53 5.99
N PRO M 123 40.42 5.00 4.76
CA PRO M 123 39.89 4.06 3.75
C PRO M 123 40.88 3.03 3.19
N ARG M 124 40.57 2.48 2.02
CA ARG M 124 41.16 1.22 1.54
C ARG M 124 42.64 1.33 1.18
N LYS M 125 43.14 2.54 0.89
CA LYS M 125 44.49 2.68 0.33
C LYS M 125 45.56 2.60 1.45
N ALA N 1 32.12 40.38 -4.23
CA ALA N 1 33.03 39.85 -3.23
C ALA N 1 32.91 40.69 -1.97
N ARG N 2 34.02 40.89 -1.26
CA ARG N 2 34.08 41.90 -0.21
C ARG N 2 33.90 43.28 -0.82
N LYS N 3 33.00 44.08 -0.22
CA LYS N 3 32.74 45.39 -0.79
C LYS N 3 34.00 46.24 -0.80
N ALA N 4 34.89 46.02 0.18
CA ALA N 4 36.14 46.77 0.26
C ALA N 4 37.06 46.48 -0.92
N LEU N 5 36.87 45.35 -1.58
CA LEU N 5 37.70 44.93 -2.70
C LEU N 5 37.14 45.41 -4.01
N ILE N 6 36.19 46.32 -3.99
CA ILE N 6 35.84 47.00 -5.21
C ILE N 6 36.56 48.35 -5.10
N GLU N 7 37.74 48.30 -4.48
CA GLU N 7 38.85 49.16 -4.74
C GLU N 7 39.52 48.83 -6.11
N LYS N 8 38.94 47.96 -6.95
CA LYS N 8 39.23 48.03 -8.39
C LYS N 8 38.91 49.42 -8.93
N ALA N 9 38.02 50.14 -8.26
CA ALA N 9 37.66 51.49 -8.60
C ALA N 9 38.89 52.41 -8.71
N LYS N 10 40.08 51.91 -8.34
CA LYS N 10 41.30 52.73 -8.32
C LYS N 10 41.74 53.03 -9.76
N ARG N 11 41.05 54.00 -10.36
CA ARG N 11 41.42 54.58 -11.66
C ARG N 11 42.88 55.03 -11.70
N THR N 12 43.46 55.32 -10.53
CA THR N 12 44.89 55.40 -10.31
C THR N 12 45.26 54.18 -9.46
N PRO N 13 45.68 53.07 -10.09
CA PRO N 13 46.01 51.87 -9.32
C PRO N 13 47.51 51.66 -9.21
N LYS N 14 48.27 52.75 -9.07
CA LYS N 14 49.72 52.74 -8.87
C LYS N 14 50.45 52.25 -10.12
N PHE N 15 50.89 51.00 -10.13
CA PHE N 15 51.43 50.39 -11.33
C PHE N 15 50.28 49.88 -12.20
N LYS N 16 50.48 49.94 -13.51
CA LYS N 16 49.40 49.59 -14.44
C LYS N 16 49.05 48.11 -14.36
N VAL N 17 50.02 47.26 -14.05
CA VAL N 17 49.86 45.83 -14.13
C VAL N 17 49.25 45.32 -12.85
N ARG N 18 48.52 46.16 -12.14
CA ARG N 18 47.65 45.69 -11.10
C ARG N 18 46.19 45.81 -11.48
N ALA N 19 45.89 46.42 -12.62
CA ALA N 19 44.53 46.49 -13.14
C ALA N 19 43.90 45.11 -13.16
N TYR N 20 42.63 45.01 -12.73
CA TYR N 20 41.93 43.77 -13.00
C TYR N 20 40.44 44.02 -13.17
N THR N 21 39.74 43.00 -13.68
CA THR N 21 38.47 43.21 -14.37
C THR N 21 37.28 43.38 -13.44
N ARG N 22 36.85 42.28 -12.80
CA ARG N 22 35.69 42.23 -11.90
C ARG N 22 34.36 42.46 -12.61
N CYS N 23 33.43 41.53 -12.41
CA CYS N 23 32.10 41.68 -12.97
C CYS N 23 31.45 42.94 -12.43
N VAL N 24 31.07 43.82 -13.35
CA VAL N 24 30.43 45.08 -12.96
C VAL N 24 29.16 44.84 -12.16
N ARG N 25 28.52 43.68 -12.32
CA ARG N 25 27.21 43.39 -11.75
C ARG N 25 27.25 42.72 -10.38
N CYS N 26 28.15 41.75 -10.16
CA CYS N 26 28.19 41.01 -8.90
C CYS N 26 29.60 40.93 -8.33
N GLY N 27 30.55 41.69 -8.86
CA GLY N 27 31.89 41.76 -8.33
C GLY N 27 32.78 40.61 -8.73
N ARG N 28 32.19 39.49 -9.18
CA ARG N 28 32.90 38.27 -9.57
C ARG N 28 34.18 38.53 -10.35
N ALA N 29 35.33 38.25 -9.76
CA ALA N 29 36.63 38.58 -10.35
C ALA N 29 37.10 37.60 -11.43
N ARG N 30 36.53 36.38 -11.45
CA ARG N 30 36.94 35.29 -12.33
C ARG N 30 35.91 35.05 -13.43
N SER N 31 36.38 34.48 -14.54
CA SER N 31 35.61 34.30 -15.78
C SER N 31 34.77 35.51 -16.15
N VAL N 32 35.43 36.62 -16.50
CA VAL N 32 34.76 37.89 -16.69
C VAL N 32 34.86 38.31 -18.15
N TYR N 33 34.04 37.69 -19.00
CA TYR N 33 33.97 38.00 -20.43
C TYR N 33 33.99 39.51 -20.67
N ARG N 34 35.08 40.05 -21.23
CA ARG N 34 35.27 41.50 -21.23
C ARG N 34 34.46 42.26 -22.29
N PHE N 35 33.91 41.58 -23.29
CA PHE N 35 33.01 42.26 -24.21
C PHE N 35 31.85 42.87 -23.47
N PHE N 36 31.40 42.19 -22.43
CA PHE N 36 30.22 42.59 -21.66
C PHE N 36 30.53 43.19 -20.30
N GLY N 37 31.76 43.10 -19.80
CA GLY N 37 32.01 43.47 -18.42
C GLY N 37 31.29 42.61 -17.40
N LEU N 38 30.51 41.64 -17.85
CA LEU N 38 29.81 40.71 -16.99
C LEU N 38 30.60 39.43 -16.83
N CYS N 39 30.46 38.79 -15.66
CA CYS N 39 31.07 37.48 -15.41
C CYS N 39 30.21 36.39 -16.03
N ARG N 40 30.72 35.16 -16.00
CA ARG N 40 30.08 34.06 -16.71
C ARG N 40 28.67 33.74 -16.20
N ILE N 41 28.31 34.09 -14.96
CA ILE N 41 26.97 33.80 -14.46
C ILE N 41 26.04 34.94 -14.84
N CYS N 42 26.42 36.14 -14.40
CA CYS N 42 25.69 37.34 -14.79
C CYS N 42 25.48 37.36 -16.29
N LEU N 43 26.46 36.92 -17.07
CA LEU N 43 26.29 36.81 -18.52
C LEU N 43 25.08 35.94 -18.88
N ARG N 44 24.97 34.74 -18.29
CA ARG N 44 23.85 33.87 -18.63
C ARG N 44 22.53 34.40 -18.10
N GLU N 45 22.53 34.96 -16.88
CA GLU N 45 21.28 35.45 -16.31
C GLU N 45 20.67 36.55 -17.17
N LEU N 46 21.49 37.54 -17.55
CA LEU N 46 21.01 38.63 -18.38
C LEU N 46 20.63 38.13 -19.76
N ALA N 47 21.39 37.18 -20.30
CA ALA N 47 21.08 36.69 -21.64
C ALA N 47 19.70 36.04 -21.68
N HIS N 48 19.28 35.43 -20.58
CA HIS N 48 17.96 34.80 -20.53
C HIS N 48 16.84 35.82 -20.29
N LYS N 49 17.15 36.97 -19.70
CA LYS N 49 16.20 38.06 -19.58
C LYS N 49 16.18 38.95 -20.82
N GLY N 50 16.83 38.55 -21.91
CA GLY N 50 16.82 39.32 -23.14
C GLY N 50 17.41 40.70 -23.07
N GLN N 51 18.18 41.02 -22.01
CA GLN N 51 18.69 42.36 -21.74
C GLN N 51 20.07 42.63 -22.33
N LEU N 52 20.63 41.70 -23.11
CA LEU N 52 21.80 41.96 -23.94
C LEU N 52 21.36 41.89 -25.39
N PRO N 53 21.25 43.00 -26.11
CA PRO N 53 20.61 42.95 -27.43
C PRO N 53 21.41 42.06 -28.36
N GLY N 54 20.69 41.46 -29.31
CA GLY N 54 21.29 40.64 -30.35
C GLY N 54 21.91 39.34 -29.89
N VAL N 55 21.76 38.96 -28.62
CA VAL N 55 22.44 37.81 -28.04
C VAL N 55 21.44 36.68 -27.98
N ARG N 56 21.55 35.75 -28.90
CA ARG N 56 20.62 34.64 -28.94
C ARG N 56 21.23 33.45 -28.19
N LYS N 57 20.45 32.38 -28.11
CA LYS N 57 20.96 31.06 -27.82
C LYS N 57 21.62 30.51 -29.07
N ALA N 58 22.80 29.92 -28.92
CA ALA N 58 23.56 29.43 -30.06
C ALA N 58 23.39 27.93 -30.17
N SER N 59 23.25 27.43 -31.39
CA SER N 59 23.29 25.99 -31.64
C SER N 59 23.55 25.76 -33.12
N TRP N 60 24.29 24.69 -33.42
CA TRP N 60 24.62 24.38 -34.81
C TRP N 60 25.13 22.95 -34.97
N PRO O 1 -19.86 -66.72 8.10
CA PRO O 1 -20.79 -65.60 8.26
C PRO O 1 -22.09 -65.99 8.95
N ILE O 2 -23.22 -65.45 8.50
CA ILE O 2 -24.52 -65.89 8.97
C ILE O 2 -25.46 -65.92 7.77
N THR O 3 -26.00 -67.11 7.46
CA THR O 3 -26.77 -67.25 6.24
C THR O 3 -28.24 -66.89 6.44
N LYS O 4 -28.89 -66.68 5.30
CA LYS O 4 -30.30 -66.30 5.26
C LYS O 4 -31.10 -67.19 6.18
N GLU O 5 -31.07 -68.51 5.95
CA GLU O 5 -31.86 -69.42 6.77
C GLU O 5 -31.33 -69.51 8.20
N GLU O 6 -30.04 -69.27 8.42
CA GLU O 6 -29.56 -69.06 9.77
C GLU O 6 -30.30 -67.92 10.44
N LYS O 7 -30.26 -66.75 9.78
CA LYS O 7 -31.01 -65.59 10.26
C LYS O 7 -32.48 -65.91 10.44
N GLN O 8 -33.07 -66.60 9.46
CA GLN O 8 -34.49 -66.87 9.49
C GLN O 8 -34.89 -67.57 10.76
N LYS O 9 -34.14 -68.60 11.16
CA LYS O 9 -34.49 -69.34 12.35
C LYS O 9 -34.52 -68.46 13.58
N VAL O 10 -34.00 -67.23 13.48
CA VAL O 10 -33.98 -66.30 14.60
C VAL O 10 -35.16 -65.35 14.56
N ILE O 11 -35.51 -64.85 13.39
CA ILE O 11 -36.67 -63.99 13.29
C ILE O 11 -37.93 -64.75 13.65
N GLN O 12 -38.10 -65.94 13.07
CA GLN O 12 -39.28 -66.76 13.40
C GLN O 12 -39.22 -67.25 14.84
N GLU O 13 -38.02 -67.42 15.39
CA GLU O 13 -37.87 -67.77 16.79
C GLU O 13 -38.32 -66.65 17.72
N PHE O 14 -38.45 -65.43 17.23
CA PHE O 14 -38.69 -64.31 18.11
C PHE O 14 -39.87 -63.43 17.74
N ALA O 15 -40.42 -63.56 16.54
CA ALA O 15 -41.49 -62.67 16.13
C ALA O 15 -42.65 -62.75 17.12
N ARG O 16 -43.17 -61.58 17.51
CA ARG O 16 -44.38 -61.53 18.32
C ARG O 16 -45.56 -62.18 17.61
N PHE O 17 -45.52 -62.24 16.29
CA PHE O 17 -46.60 -62.79 15.48
C PHE O 17 -46.02 -63.16 14.13
N PRO O 18 -46.73 -63.96 13.33
CA PRO O 18 -46.18 -64.29 12.00
C PRO O 18 -45.97 -63.00 11.22
N GLY O 19 -44.90 -62.98 10.42
CA GLY O 19 -44.57 -61.79 9.65
C GLY O 19 -44.00 -60.62 10.44
N ASP O 20 -43.86 -60.74 11.76
CA ASP O 20 -43.21 -59.72 12.56
C ASP O 20 -41.70 -59.68 12.26
N THR O 21 -41.29 -58.82 11.36
CA THR O 21 -39.88 -58.69 11.03
C THR O 21 -39.14 -57.72 11.94
N GLY O 22 -39.83 -56.75 12.54
CA GLY O 22 -39.07 -55.66 13.15
C GLY O 22 -39.43 -55.17 14.53
N SER O 23 -39.87 -56.07 15.42
CA SER O 23 -40.14 -55.70 16.79
C SER O 23 -38.84 -55.64 17.61
N THR O 24 -38.86 -54.83 18.66
CA THR O 24 -37.75 -54.78 19.62
C THR O 24 -37.20 -56.15 19.95
N GLU O 25 -38.07 -57.10 20.28
CA GLU O 25 -37.62 -58.46 20.54
C GLU O 25 -36.81 -59.02 19.38
N VAL O 26 -37.31 -58.85 18.15
CA VAL O 26 -36.62 -59.40 16.99
C VAL O 26 -35.26 -58.75 16.82
N GLN O 27 -35.17 -57.44 17.04
CA GLN O 27 -33.93 -56.74 16.80
C GLN O 27 -32.90 -57.10 17.86
N VAL O 28 -33.28 -56.99 19.14
CA VAL O 28 -32.35 -57.31 20.21
C VAL O 28 -31.87 -58.74 20.07
N ALA O 29 -32.66 -59.61 19.44
CA ALA O 29 -32.20 -60.96 19.17
C ALA O 29 -31.16 -60.97 18.05
N LEU O 30 -31.54 -60.45 16.88
CA LEU O 30 -30.64 -60.39 15.74
C LEU O 30 -29.26 -59.82 16.07
N LEU O 31 -29.21 -58.72 16.84
CA LEU O 31 -27.92 -58.16 17.29
C LEU O 31 -27.11 -59.17 18.10
N THR O 32 -27.75 -59.77 19.10
CA THR O 32 -27.04 -60.76 19.89
C THR O 32 -26.49 -61.86 19.03
N LEU O 33 -27.14 -62.14 17.91
CA LEU O 33 -26.55 -63.05 16.95
C LEU O 33 -25.26 -62.44 16.39
N ARG O 34 -25.31 -61.17 15.98
CA ARG O 34 -24.14 -60.55 15.38
C ARG O 34 -23.05 -60.31 16.40
N ILE O 35 -23.43 -59.95 17.64
CA ILE O 35 -22.45 -59.62 18.66
C ILE O 35 -21.63 -60.84 19.03
N ASN O 36 -22.30 -61.95 19.33
CA ASN O 36 -21.56 -63.14 19.72
C ASN O 36 -20.64 -63.61 18.60
N ARG O 37 -21.12 -63.56 17.34
CA ARG O 37 -20.24 -63.80 16.20
C ARG O 37 -19.00 -62.91 16.23
N LEU O 38 -19.20 -61.59 16.33
CA LEU O 38 -18.06 -60.66 16.34
C LEU O 38 -17.09 -60.97 17.48
N SER O 39 -17.63 -61.16 18.69
CA SER O 39 -16.75 -61.37 19.84
C SER O 39 -16.00 -62.66 19.71
N GLU O 40 -16.66 -63.67 19.14
CA GLU O 40 -15.96 -64.90 18.75
C GLU O 40 -14.81 -64.58 17.79
N HIS O 41 -15.08 -63.71 16.82
CA HIS O 41 -14.07 -63.30 15.85
C HIS O 41 -12.91 -62.58 16.52
N LEU O 42 -13.20 -61.67 17.45
CA LEU O 42 -12.14 -60.89 18.06
C LEU O 42 -11.39 -61.61 19.16
N LYS O 43 -11.88 -62.75 19.62
CA LYS O 43 -11.07 -63.53 20.54
C LYS O 43 -9.86 -64.10 19.80
N VAL O 44 -10.04 -64.42 18.52
CA VAL O 44 -8.91 -64.82 17.69
C VAL O 44 -8.11 -63.60 17.25
N HIS O 45 -8.78 -62.71 16.54
CA HIS O 45 -8.15 -61.59 15.87
C HIS O 45 -8.12 -60.37 16.78
N LYS O 46 -7.37 -60.48 17.88
CA LYS O 46 -7.43 -59.43 18.89
C LYS O 46 -6.93 -58.10 18.38
N LYS O 47 -6.29 -58.06 17.21
CA LYS O 47 -5.71 -56.84 16.69
C LYS O 47 -6.58 -56.17 15.65
N ASP O 48 -7.67 -56.81 15.24
CA ASP O 48 -8.60 -56.22 14.29
C ASP O 48 -9.35 -55.10 14.95
N HIS O 49 -8.66 -54.02 15.32
CA HIS O 49 -9.29 -52.99 16.14
C HIS O 49 -10.37 -52.28 15.39
N HIS O 50 -10.33 -52.30 14.06
CA HIS O 50 -11.37 -51.65 13.29
C HIS O 50 -12.69 -52.34 13.51
N SER O 51 -12.74 -53.66 13.27
CA SER O 51 -13.96 -54.41 13.55
C SER O 51 -14.43 -54.15 14.97
N HIS O 52 -13.51 -54.00 15.92
CA HIS O 52 -13.93 -53.83 17.30
C HIS O 52 -14.86 -52.64 17.46
N ARG O 53 -14.66 -51.57 16.69
CA ARG O 53 -15.58 -50.43 16.76
C ARG O 53 -16.98 -50.86 16.43
N GLY O 54 -17.13 -51.71 15.39
CA GLY O 54 -18.42 -52.29 15.10
C GLY O 54 -19.09 -52.81 16.36
N LEU O 55 -18.40 -53.70 17.09
CA LEU O 55 -18.94 -54.28 18.32
C LEU O 55 -19.41 -53.23 19.31
N LEU O 56 -18.61 -52.19 19.54
CA LEU O 56 -19.02 -51.11 20.44
C LEU O 56 -20.33 -50.47 20.04
N MET O 57 -20.65 -50.46 18.76
CA MET O 57 -21.87 -49.84 18.32
C MET O 57 -23.04 -50.80 18.41
N MET O 58 -22.86 -52.07 18.01
CA MET O 58 -23.91 -53.08 18.19
C MET O 58 -24.32 -53.10 19.64
N VAL O 59 -23.33 -53.13 20.55
CA VAL O 59 -23.67 -53.17 21.96
C VAL O 59 -24.43 -51.92 22.34
N GLY O 60 -23.88 -50.76 22.02
CA GLY O 60 -24.59 -49.53 22.27
C GLY O 60 -25.99 -49.55 21.72
N GLN O 61 -26.18 -50.20 20.58
CA GLN O 61 -27.51 -50.29 20.01
C GLN O 61 -28.38 -51.25 20.80
N ARG O 62 -27.86 -52.42 21.17
CA ARG O 62 -28.63 -53.36 21.96
C ARG O 62 -29.11 -52.70 23.23
N ARG O 63 -28.20 -52.33 24.14
CA ARG O 63 -28.69 -51.80 25.40
C ARG O 63 -29.51 -50.54 25.22
N ARG O 64 -29.61 -50.03 24.01
CA ARG O 64 -30.52 -48.91 23.84
C ARG O 64 -31.93 -49.38 23.57
N LEU O 65 -32.11 -50.39 22.71
CA LEU O 65 -33.43 -50.99 22.53
C LEU O 65 -33.88 -51.70 23.80
N LEU O 66 -32.95 -52.37 24.48
CA LEU O 66 -33.29 -52.97 25.77
C LEU O 66 -33.78 -51.91 26.73
N ARG O 67 -33.07 -50.78 26.82
CA ARG O 67 -33.48 -49.72 27.75
C ARG O 67 -34.88 -49.22 27.46
N TYR O 68 -35.32 -49.33 26.20
CA TYR O 68 -36.69 -48.96 25.82
C TYR O 68 -37.68 -50.01 26.23
N LEU O 69 -37.37 -51.26 25.90
CA LEU O 69 -38.30 -52.37 26.12
C LEU O 69 -38.59 -52.52 27.61
N GLN O 70 -37.58 -52.26 28.44
CA GLN O 70 -37.75 -52.28 29.88
C GLN O 70 -38.58 -51.10 30.38
N ARG O 71 -38.56 -49.99 29.68
CA ARG O 71 -39.39 -48.88 30.08
C ARG O 71 -40.81 -49.05 29.60
N GLU O 72 -41.07 -50.03 28.72
CA GLU O 72 -42.40 -50.17 28.14
C GLU O 72 -43.16 -51.35 28.71
N ASP O 73 -42.65 -52.57 28.58
CA ASP O 73 -43.27 -53.75 29.14
C ASP O 73 -42.19 -54.52 29.90
N PRO O 74 -41.92 -54.15 31.14
CA PRO O 74 -40.87 -54.84 31.90
C PRO O 74 -41.05 -56.33 31.99
N GLU O 75 -42.25 -56.82 31.68
CA GLU O 75 -42.47 -58.24 31.37
C GLU O 75 -41.59 -58.65 30.20
N ARG O 76 -41.96 -58.24 28.97
CA ARG O 76 -41.21 -58.67 27.80
C ARG O 76 -39.71 -58.49 27.96
N TYR O 77 -39.30 -57.50 28.76
CA TYR O 77 -37.89 -57.23 28.99
C TYR O 77 -37.22 -58.33 29.79
N ARG O 78 -37.64 -58.52 31.05
CA ARG O 78 -37.12 -59.65 31.80
C ARG O 78 -37.32 -60.96 31.05
N ALA O 79 -38.24 -60.97 30.08
CA ALA O 79 -38.51 -62.14 29.23
C ALA O 79 -37.46 -62.33 28.14
N LEU O 80 -37.18 -61.27 27.36
CA LEU O 80 -36.11 -61.34 26.35
C LEU O 80 -34.79 -61.80 26.94
N ILE O 81 -34.42 -61.27 28.10
CA ILE O 81 -33.10 -61.54 28.64
C ILE O 81 -32.96 -63.01 29.01
N GLU O 82 -33.92 -63.54 29.76
CA GLU O 82 -33.93 -64.95 30.10
C GLU O 82 -33.84 -65.83 28.86
N LYS O 83 -34.46 -65.39 27.77
CA LYS O 83 -34.39 -66.15 26.52
C LYS O 83 -33.01 -66.04 25.87
N LEU O 84 -32.44 -64.84 25.86
CA LEU O 84 -31.17 -64.64 25.17
C LEU O 84 -29.98 -64.94 26.05
N GLY O 85 -30.13 -64.85 27.38
CA GLY O 85 -28.99 -64.95 28.28
C GLY O 85 -28.10 -63.72 28.23
N ILE O 86 -28.62 -62.58 28.65
CA ILE O 86 -27.86 -61.34 28.77
C ILE O 86 -28.01 -60.83 30.20
N ARG O 87 -27.62 -59.56 30.42
CA ARG O 87 -27.68 -58.88 31.71
C ARG O 87 -27.50 -59.82 32.91
N GLY O 88 -26.25 -60.22 33.15
CA GLY O 88 -25.88 -61.17 34.19
C GLY O 88 -24.46 -61.71 33.99
N MET P 1 -40.65 -3.80 81.47
CA MET P 1 -41.93 -3.58 80.84
C MET P 1 -41.80 -2.67 79.65
N VAL P 2 -42.86 -2.67 78.86
CA VAL P 2 -42.97 -1.81 77.71
C VAL P 2 -43.33 -0.38 78.15
N LYS P 3 -42.59 0.60 77.63
CA LYS P 3 -42.76 2.01 77.92
C LYS P 3 -43.43 2.77 76.77
N ILE P 4 -43.95 3.95 77.09
CA ILE P 4 -44.35 4.97 76.11
C ILE P 4 -43.46 6.15 76.37
N ARG P 5 -42.57 6.46 75.44
CA ARG P 5 -41.58 7.47 75.72
C ARG P 5 -41.21 8.22 74.47
N LEU P 6 -40.26 9.14 74.63
CA LEU P 6 -39.85 10.03 73.57
C LEU P 6 -38.61 9.47 72.89
N ALA P 7 -38.52 9.65 71.58
CA ALA P 7 -37.36 9.23 70.84
C ALA P 7 -36.85 10.43 70.06
N ARG P 8 -35.59 10.79 70.31
CA ARG P 8 -34.98 12.03 69.83
C ARG P 8 -34.61 11.91 68.35
N PHE P 9 -35.14 12.84 67.53
CA PHE P 9 -35.07 12.69 66.08
C PHE P 9 -34.73 13.94 65.29
N GLY P 10 -34.69 15.12 65.89
CA GLY P 10 -34.41 16.25 65.05
C GLY P 10 -32.98 16.36 64.55
N SER P 11 -32.31 17.44 64.92
CA SER P 11 -30.89 17.66 64.64
C SER P 11 -30.33 18.57 65.73
N LYS P 12 -29.00 18.72 65.73
CA LYS P 12 -28.31 19.51 66.74
C LYS P 12 -29.01 20.84 66.94
N HIS P 13 -29.61 21.03 68.11
CA HIS P 13 -30.41 22.19 68.44
C HIS P 13 -31.71 22.22 67.68
N ASN P 14 -32.18 21.11 67.14
CA ASN P 14 -33.43 21.09 66.40
C ASN P 14 -34.19 19.86 66.83
N PRO P 15 -34.53 19.77 68.11
CA PRO P 15 -35.14 18.53 68.62
C PRO P 15 -36.55 18.34 68.08
N HIS P 16 -36.80 17.16 67.53
CA HIS P 16 -38.13 16.61 67.36
C HIS P 16 -38.11 15.23 67.97
N TYR P 17 -39.16 14.90 68.70
CA TYR P 17 -39.27 13.58 69.27
C TYR P 17 -40.36 12.81 68.55
N ARG P 18 -40.15 11.51 68.42
CA ARG P 18 -41.24 10.61 68.09
C ARG P 18 -41.77 10.04 69.38
N ILE P 19 -43.08 10.10 69.58
CA ILE P 19 -43.68 9.41 70.71
C ILE P 19 -43.86 7.94 70.35
N VAL P 20 -43.25 7.06 71.12
CA VAL P 20 -43.08 5.67 70.73
C VAL P 20 -43.44 4.70 71.85
N VAL P 21 -43.85 3.54 71.46
CA VAL P 21 -43.95 2.38 72.33
C VAL P 21 -42.67 1.61 72.16
N THR P 22 -42.14 1.02 73.23
CA THR P 22 -40.94 0.21 73.13
C THR P 22 -40.64 -0.43 74.47
N ASP P 23 -40.02 -1.61 74.43
CA ASP P 23 -39.43 -2.17 75.62
C ASP P 23 -38.48 -1.15 76.20
N ALA P 24 -38.61 -0.92 77.52
CA ALA P 24 -37.76 -0.01 78.27
C ALA P 24 -36.28 -0.19 78.03
N ARG P 25 -35.88 -1.38 77.60
CA ARG P 25 -34.47 -1.72 77.47
C ARG P 25 -33.86 -1.38 76.12
N ARG P 26 -34.60 -0.86 75.14
CA ARG P 26 -33.88 -0.39 73.95
C ARG P 26 -33.08 0.86 74.27
N LYS P 27 -32.15 1.17 73.36
CA LYS P 27 -31.56 2.50 73.38
C LYS P 27 -32.67 3.49 73.11
N ARG P 28 -32.42 4.76 73.42
CA ARG P 28 -33.58 5.66 73.27
C ARG P 28 -33.91 5.87 71.81
N ASP P 29 -32.96 5.65 70.91
CA ASP P 29 -33.19 5.95 69.51
C ASP P 29 -33.30 4.69 68.67
N GLY P 30 -33.30 3.52 69.29
CA GLY P 30 -33.30 2.26 68.56
C GLY P 30 -34.67 1.74 68.18
N LYS P 31 -34.71 0.47 67.77
CA LYS P 31 -35.92 -0.10 67.18
C LYS P 31 -37.07 -0.01 68.17
N TYR P 32 -38.18 0.59 67.74
CA TYR P 32 -39.32 0.72 68.62
C TYR P 32 -40.51 -0.11 68.10
N ILE P 33 -41.54 -0.23 68.96
CA ILE P 33 -42.67 -1.13 68.69
C ILE P 33 -43.69 -0.46 67.82
N GLU P 34 -43.91 0.84 68.01
CA GLU P 34 -44.90 1.52 67.20
C GLU P 34 -44.81 3.03 67.47
N LYS P 35 -44.75 3.86 66.43
CA LYS P 35 -44.82 5.29 66.65
C LYS P 35 -46.27 5.64 66.87
N ILE P 36 -46.55 6.43 67.90
CA ILE P 36 -47.94 6.78 68.18
C ILE P 36 -47.98 8.25 68.45
N GLY P 37 -47.10 9.02 67.84
CA GLY P 37 -47.21 10.46 68.02
C GLY P 37 -45.90 11.16 67.76
N TYR P 38 -45.95 12.48 67.81
CA TYR P 38 -44.73 13.26 67.70
C TYR P 38 -44.87 14.57 68.44
N TYR P 39 -43.72 15.16 68.74
CA TYR P 39 -43.63 16.33 69.58
C TYR P 39 -42.48 17.20 69.12
N ASP P 40 -42.80 18.46 68.83
CA ASP P 40 -41.81 19.49 68.54
C ASP P 40 -41.80 20.46 69.69
N PRO P 41 -40.83 20.40 70.59
CA PRO P 41 -40.91 21.23 71.81
C PRO P 41 -40.74 22.70 71.52
N ARG P 42 -40.21 23.08 70.37
CA ARG P 42 -40.08 24.49 70.01
C ARG P 42 -41.35 25.07 69.43
N LYS P 43 -42.37 24.25 69.19
CA LYS P 43 -43.59 24.75 68.61
C LYS P 43 -43.25 25.61 67.39
N THR P 44 -42.37 25.08 66.53
CA THR P 44 -41.96 25.81 65.34
C THR P 44 -43.06 25.89 64.28
N THR P 45 -44.07 25.03 64.37
CA THR P 45 -45.23 25.02 63.50
C THR P 45 -46.51 24.97 64.33
N PRO P 46 -47.65 25.30 63.72
CA PRO P 46 -48.93 25.12 64.41
C PRO P 46 -49.15 23.69 64.86
N ASP P 47 -48.44 22.75 64.25
CA ASP P 47 -48.77 21.35 64.40
C ASP P 47 -47.74 20.66 65.27
N TRP P 48 -47.46 21.19 66.45
CA TRP P 48 -46.30 20.73 67.21
C TRP P 48 -46.57 19.54 68.14
N LEU P 49 -47.81 19.12 68.33
CA LEU P 49 -48.05 17.89 69.06
C LEU P 49 -49.10 17.08 68.32
N LYS P 50 -49.06 15.76 68.48
CA LYS P 50 -49.96 14.88 67.74
C LYS P 50 -49.90 13.52 68.43
N VAL P 51 -51.05 12.88 68.67
CA VAL P 51 -50.96 11.63 69.43
C VAL P 51 -51.58 10.40 68.79
N ASP P 52 -52.90 10.36 68.61
CA ASP P 52 -53.63 9.10 68.33
C ASP P 52 -53.97 8.48 69.67
N VAL P 53 -55.00 9.06 70.28
CA VAL P 53 -55.42 8.60 71.59
C VAL P 53 -55.90 7.16 71.53
N GLU P 54 -56.49 6.75 70.41
CA GLU P 54 -56.94 5.36 70.32
C GLU P 54 -55.78 4.40 70.61
N ARG P 55 -54.71 4.50 69.84
CA ARG P 55 -53.59 3.59 70.05
C ARG P 55 -52.94 3.84 71.41
N ALA P 56 -52.79 5.11 71.79
CA ALA P 56 -52.23 5.42 73.10
C ALA P 56 -53.02 4.70 74.18
N ARG P 57 -54.34 4.78 74.09
CA ARG P 57 -55.18 4.08 75.05
C ARG P 57 -54.99 2.57 74.94
N TYR P 58 -54.82 2.04 73.73
CA TYR P 58 -54.55 0.61 73.60
C TYR P 58 -53.35 0.19 74.44
N TRP P 59 -52.23 0.85 74.24
CA TRP P 59 -51.00 0.39 74.87
C TRP P 59 -51.08 0.56 76.37
N LEU P 60 -51.74 1.62 76.83
CA LEU P 60 -51.98 1.74 78.25
C LEU P 60 -52.75 0.52 78.79
N SER P 61 -53.75 0.05 78.03
CA SER P 61 -54.61 -1.03 78.52
C SER P 61 -53.85 -2.33 78.71
N VAL P 62 -52.78 -2.54 77.94
CA VAL P 62 -51.88 -3.66 78.17
C VAL P 62 -50.65 -3.25 78.96
N GLY P 63 -50.69 -2.11 79.63
CA GLY P 63 -49.73 -1.86 80.67
C GLY P 63 -48.40 -1.33 80.20
N ALA P 64 -48.39 -0.63 79.07
CA ALA P 64 -47.26 0.24 78.82
C ALA P 64 -47.24 1.32 79.89
N GLN P 65 -46.05 1.73 80.28
CA GLN P 65 -45.92 2.77 81.27
C GLN P 65 -45.26 3.99 80.63
N PRO P 66 -45.90 5.15 80.63
CA PRO P 66 -45.29 6.30 79.97
C PRO P 66 -44.35 7.09 80.87
N THR P 67 -43.25 7.56 80.29
CA THR P 67 -42.32 8.41 81.03
C THR P 67 -43.02 9.70 81.47
N ASP P 68 -42.31 10.49 82.25
CA ASP P 68 -42.98 11.59 82.93
C ASP P 68 -43.39 12.69 81.97
N THR P 69 -42.59 12.95 80.94
CA THR P 69 -43.04 13.93 79.94
C THR P 69 -43.82 13.31 78.78
N ALA P 70 -43.77 12.00 78.60
CA ALA P 70 -44.68 11.39 77.66
C ALA P 70 -46.12 11.50 78.16
N ARG P 71 -46.32 11.22 79.45
CA ARG P 71 -47.68 11.28 79.98
C ARG P 71 -48.19 12.71 79.97
N ARG P 72 -47.33 13.65 80.35
CA ARG P 72 -47.64 15.06 80.21
C ARG P 72 -48.16 15.39 78.80
N LEU P 73 -47.42 14.97 77.76
CA LEU P 73 -47.88 15.19 76.39
C LEU P 73 -49.17 14.43 76.12
N LEU P 74 -49.24 13.16 76.54
CA LEU P 74 -50.46 12.39 76.32
C LEU P 74 -51.66 13.07 76.94
N ARG P 75 -51.50 13.58 78.15
CA ARG P 75 -52.60 14.29 78.80
C ARG P 75 -53.01 15.49 77.98
N GLN P 76 -52.01 16.24 77.50
CA GLN P 76 -52.24 17.44 76.70
C GLN P 76 -53.00 17.16 75.41
N ALA P 77 -53.03 15.92 74.95
CA ALA P 77 -53.89 15.51 73.85
C ALA P 77 -55.17 14.86 74.34
N GLY P 78 -55.44 14.90 75.64
CA GLY P 78 -56.62 14.26 76.16
C GLY P 78 -56.68 12.77 75.90
N VAL P 79 -55.57 12.10 76.20
CA VAL P 79 -55.59 10.64 76.30
C VAL P 79 -56.40 10.22 77.50
N PHE P 80 -56.34 10.99 78.57
CA PHE P 80 -56.91 10.58 79.84
C PHE P 80 -58.26 11.22 80.14
N ARG P 81 -58.57 12.37 79.52
CA ARG P 81 -59.89 13.00 79.60
C ARG P 81 -60.99 11.95 79.45
N GLN P 82 -61.72 11.69 80.54
CA GLN P 82 -62.68 10.60 80.59
C GLN P 82 -64.13 11.06 80.54
N GLU P 83 -64.40 12.34 80.78
CA GLU P 83 -65.78 12.82 80.91
C GLU P 83 -66.62 12.54 79.67
N PRO Q 1 -47.74 -22.75 58.26
CA PRO Q 1 -47.76 -24.06 57.58
C PRO Q 1 -46.46 -24.82 57.68
N LYS Q 2 -46.50 -25.96 58.35
CA LYS Q 2 -45.39 -26.87 58.26
C LYS Q 2 -45.15 -27.19 56.79
N LYS Q 3 -43.90 -27.10 56.36
CA LYS Q 3 -43.59 -27.34 54.96
C LYS Q 3 -43.87 -28.78 54.64
N VAL Q 4 -44.41 -29.03 53.45
CA VAL Q 4 -44.66 -30.39 52.98
C VAL Q 4 -43.93 -30.60 51.66
N LEU Q 5 -43.10 -31.65 51.61
CA LEU Q 5 -42.37 -31.97 50.40
C LEU Q 5 -42.82 -33.33 49.91
N THR Q 6 -42.62 -33.59 48.61
CA THR Q 6 -42.92 -34.89 48.02
C THR Q 6 -41.66 -35.48 47.44
N GLY Q 7 -41.43 -36.77 47.68
CA GLY Q 7 -40.16 -37.36 47.32
C GLY Q 7 -40.19 -38.87 47.08
N VAL Q 8 -39.02 -39.40 46.78
CA VAL Q 8 -38.83 -40.83 46.54
C VAL Q 8 -37.99 -41.43 47.64
N VAL Q 9 -38.49 -42.49 48.26
CA VAL Q 9 -37.69 -43.23 49.22
C VAL Q 9 -36.57 -43.93 48.48
N VAL Q 10 -35.34 -43.66 48.86
CA VAL Q 10 -34.18 -44.25 48.21
C VAL Q 10 -33.31 -45.01 49.18
N SER Q 11 -33.76 -45.16 50.43
CA SER Q 11 -33.02 -45.92 51.43
C SER Q 11 -33.97 -46.47 52.48
N ASP Q 12 -33.98 -47.81 52.61
CA ASP Q 12 -34.59 -48.57 53.70
C ASP Q 12 -33.61 -48.95 54.80
N LYS Q 13 -32.32 -48.77 54.52
CA LYS Q 13 -31.19 -49.24 55.31
C LYS Q 13 -31.16 -48.80 56.77
N MET Q 14 -32.21 -48.17 57.29
CA MET Q 14 -32.14 -47.68 58.66
C MET Q 14 -33.29 -48.23 59.47
N GLN Q 15 -33.13 -48.17 60.78
CA GLN Q 15 -34.19 -48.56 61.70
C GLN Q 15 -35.14 -47.37 61.84
N LYS Q 16 -36.41 -47.56 61.45
CA LYS Q 16 -37.46 -46.55 61.64
C LYS Q 16 -37.13 -45.22 60.96
N THR Q 17 -36.66 -45.27 59.72
CA THR Q 17 -36.14 -44.09 59.03
C THR Q 17 -35.99 -44.39 57.54
N VAL Q 18 -36.32 -43.41 56.68
CA VAL Q 18 -36.17 -43.53 55.23
C VAL Q 18 -35.50 -42.27 54.67
N THR Q 19 -34.55 -42.48 53.77
CA THR Q 19 -34.04 -41.36 52.98
C THR Q 19 -35.05 -41.03 51.89
N VAL Q 20 -35.45 -39.77 51.80
CA VAL Q 20 -36.40 -39.28 50.80
C VAL Q 20 -35.74 -38.23 49.93
N LEU Q 21 -35.84 -38.41 48.61
CA LEU Q 21 -35.18 -37.56 47.65
C LEU Q 21 -36.18 -36.61 47.04
N VAL Q 22 -35.89 -35.30 47.10
CA VAL Q 22 -36.87 -34.28 46.74
C VAL Q 22 -36.28 -33.33 45.70
N GLU Q 23 -36.91 -33.29 44.51
CA GLU Q 23 -36.43 -32.42 43.45
C GLU Q 23 -37.16 -31.08 43.53
N ARG Q 24 -36.65 -30.09 42.80
CA ARG Q 24 -37.34 -28.80 42.67
C ARG Q 24 -36.83 -28.09 41.44
N GLN Q 25 -37.71 -27.88 40.46
CA GLN Q 25 -37.30 -27.04 39.36
C GLN Q 25 -37.35 -25.59 39.80
N PHE Q 26 -36.73 -24.75 38.99
CA PHE Q 26 -36.76 -23.32 39.16
C PHE Q 26 -35.85 -22.64 38.15
N PRO Q 27 -36.16 -21.41 37.80
CA PRO Q 27 -35.39 -20.73 36.77
C PRO Q 27 -34.14 -20.20 37.41
N HIS Q 28 -33.07 -20.25 36.63
CA HIS Q 28 -31.75 -19.88 37.11
C HIS Q 28 -31.67 -18.37 37.23
N PRO Q 29 -31.16 -17.85 38.35
CA PRO Q 29 -31.19 -16.40 38.61
C PRO Q 29 -30.64 -15.54 37.49
N LEU Q 30 -29.51 -15.92 36.90
CA LEU Q 30 -28.95 -15.07 35.85
C LEU Q 30 -29.26 -15.57 34.46
N TYR Q 31 -29.14 -16.87 34.23
CA TYR Q 31 -29.13 -17.39 32.88
C TYR Q 31 -30.45 -17.98 32.46
N GLY Q 32 -31.48 -17.85 33.27
CA GLY Q 32 -32.78 -18.09 32.72
C GLY Q 32 -33.23 -19.53 32.77
N LYS Q 33 -32.48 -20.45 32.17
CA LYS Q 33 -33.04 -21.76 31.92
C LYS Q 33 -33.47 -22.39 33.23
N VAL Q 34 -34.46 -23.27 33.14
CA VAL Q 34 -35.01 -23.98 34.28
C VAL Q 34 -34.08 -25.12 34.72
N ILE Q 35 -33.63 -25.05 35.96
CA ILE Q 35 -32.64 -26.01 36.43
C ILE Q 35 -33.33 -26.92 37.44
N LYS Q 36 -33.12 -28.22 37.28
CA LYS Q 36 -33.52 -29.18 38.29
C LYS Q 36 -32.47 -29.14 39.37
N ARG Q 37 -32.84 -29.64 40.54
CA ARG Q 37 -31.97 -29.57 41.70
C ARG Q 37 -32.69 -30.31 42.82
N SER Q 38 -31.95 -31.12 43.58
CA SER Q 38 -32.57 -32.08 44.50
C SER Q 38 -31.79 -32.16 45.80
N LYS Q 39 -32.45 -32.68 46.84
CA LYS Q 39 -31.91 -32.78 48.20
C LYS Q 39 -32.56 -33.93 48.98
N LYS Q 40 -31.74 -34.72 49.68
CA LYS Q 40 -32.21 -35.89 50.40
C LYS Q 40 -32.58 -35.54 51.83
N TYR Q 41 -33.80 -35.89 52.22
CA TYR Q 41 -34.28 -35.73 53.59
C TYR Q 41 -34.32 -37.09 54.30
N LEU Q 42 -33.96 -37.08 55.59
CA LEU Q 42 -34.12 -38.25 56.45
C LEU Q 42 -35.49 -38.10 57.10
N ALA Q 43 -36.34 -39.11 56.96
CA ALA Q 43 -37.72 -38.98 57.43
C ALA Q 43 -38.08 -40.08 58.41
N HIS Q 44 -38.94 -39.73 59.36
CA HIS Q 44 -39.31 -40.63 60.44
C HIS Q 44 -40.37 -41.58 59.96
N ASP Q 45 -40.06 -42.88 60.03
CA ASP Q 45 -40.95 -43.96 59.58
C ASP Q 45 -41.05 -44.96 60.74
N PRO Q 46 -42.06 -44.84 61.59
CA PRO Q 46 -42.07 -45.63 62.82
C PRO Q 46 -42.67 -47.00 62.65
N GLU Q 47 -43.43 -47.25 61.58
CA GLU Q 47 -43.89 -48.60 61.30
C GLU Q 47 -42.96 -49.39 60.39
N GLU Q 48 -41.73 -48.89 60.16
CA GLU Q 48 -40.95 -49.26 58.98
C GLU Q 48 -41.92 -49.61 57.84
N LYS Q 49 -42.91 -48.71 57.64
CA LYS Q 49 -44.03 -48.92 56.74
C LYS Q 49 -43.67 -48.68 55.29
N TYR Q 50 -43.04 -47.56 54.98
CA TYR Q 50 -42.77 -47.18 53.60
C TYR Q 50 -41.51 -47.87 53.11
N LYS Q 51 -41.51 -48.19 51.82
CA LYS Q 51 -40.54 -49.10 51.21
C LYS Q 51 -39.83 -48.41 50.05
N LEU Q 52 -38.61 -48.88 49.76
CA LEU Q 52 -37.83 -48.42 48.61
C LEU Q 52 -38.69 -48.24 47.37
N GLY Q 53 -38.61 -47.05 46.78
CA GLY Q 53 -39.39 -46.74 45.62
C GLY Q 53 -40.69 -46.00 45.86
N ASP Q 54 -41.29 -46.10 47.06
CA ASP Q 54 -42.53 -45.37 47.33
C ASP Q 54 -42.37 -43.86 47.23
N VAL Q 55 -43.39 -43.20 46.74
CA VAL Q 55 -43.39 -41.75 46.62
C VAL Q 55 -44.30 -41.22 47.70
N VAL Q 56 -43.71 -40.45 48.63
CA VAL Q 56 -44.35 -40.03 49.87
C VAL Q 56 -44.30 -38.52 50.01
N GLU Q 57 -45.37 -37.94 50.51
CA GLU Q 57 -45.29 -36.60 51.03
C GLU Q 57 -44.61 -36.63 52.40
N ILE Q 58 -43.73 -35.67 52.66
CA ILE Q 58 -42.91 -35.55 53.87
C ILE Q 58 -43.24 -34.21 54.51
N ILE Q 59 -43.37 -34.18 55.84
CA ILE Q 59 -43.85 -32.99 56.52
C ILE Q 59 -42.83 -32.49 57.55
N GLU Q 60 -42.65 -31.16 57.59
CA GLU Q 60 -41.93 -30.49 58.66
C GLU Q 60 -42.42 -30.99 60.01
N SER Q 61 -41.49 -31.13 60.96
CA SER Q 61 -41.91 -31.67 62.25
C SER Q 61 -40.83 -31.48 63.30
N ARG Q 62 -41.24 -31.64 64.55
CA ARG Q 62 -40.37 -31.43 65.69
C ARG Q 62 -39.27 -32.47 65.69
N PRO Q 63 -38.05 -32.08 66.05
CA PRO Q 63 -36.88 -32.94 65.77
C PRO Q 63 -36.95 -34.33 66.38
N ILE Q 64 -36.54 -35.33 65.60
CA ILE Q 64 -36.40 -36.72 66.08
C ILE Q 64 -34.93 -37.05 66.36
N SER Q 65 -34.03 -36.45 65.58
CA SER Q 65 -32.60 -36.59 65.78
C SER Q 65 -31.92 -35.43 65.09
N LYS Q 66 -30.58 -35.39 65.19
CA LYS Q 66 -29.81 -34.82 64.09
C LYS Q 66 -30.40 -35.33 62.80
N ARG Q 67 -30.30 -34.56 61.73
CA ARG Q 67 -30.80 -35.06 60.44
C ARG Q 67 -32.32 -35.27 60.38
N LYS Q 68 -32.90 -36.06 61.28
CA LYS Q 68 -34.32 -36.34 61.16
C LYS Q 68 -35.14 -35.17 61.69
N ARG Q 69 -35.72 -34.36 60.79
CA ARG Q 69 -36.72 -33.37 61.19
C ARG Q 69 -37.94 -33.44 60.30
N PHE Q 70 -38.15 -34.56 59.64
CA PHE Q 70 -39.39 -34.73 58.90
C PHE Q 70 -40.02 -36.08 59.17
N ARG Q 71 -41.35 -36.14 59.10
CA ARG Q 71 -42.09 -37.38 59.24
C ARG Q 71 -42.80 -37.68 57.93
N VAL Q 72 -42.91 -38.96 57.62
CA VAL Q 72 -43.56 -39.34 56.36
C VAL Q 72 -45.06 -39.23 56.56
N LEU Q 73 -45.69 -38.35 55.79
CA LEU Q 73 -47.06 -37.94 56.04
C LEU Q 73 -48.05 -38.92 55.41
N ARG Q 74 -47.88 -39.23 54.12
CA ARG Q 74 -48.77 -40.16 53.43
C ARG Q 74 -48.04 -40.75 52.24
N LEU Q 75 -48.70 -41.73 51.60
CA LEU Q 75 -48.15 -42.39 50.43
C LEU Q 75 -48.89 -41.91 49.19
N VAL Q 76 -48.13 -41.38 48.23
CA VAL Q 76 -48.66 -40.86 46.99
C VAL Q 76 -48.75 -41.99 45.97
N GLU Q 77 -47.62 -42.37 45.42
CA GLU Q 77 -47.58 -43.39 44.38
C GLU Q 77 -46.69 -44.51 44.91
N SER Q 78 -47.27 -45.71 45.03
CA SER Q 78 -46.50 -46.84 45.56
C SER Q 78 -45.64 -47.46 44.46
N GLY Q 79 -44.38 -47.74 44.80
CA GLY Q 79 -43.46 -48.39 43.87
C GLY Q 79 -43.13 -47.62 42.60
N ARG Q 80 -41.83 -47.47 42.33
CA ARG Q 80 -41.28 -46.99 41.06
C ARG Q 80 -39.77 -46.86 41.19
N MET Q 81 -39.08 -47.97 40.96
CA MET Q 81 -37.64 -48.07 41.16
C MET Q 81 -36.83 -47.40 40.07
N ASP Q 82 -37.48 -46.80 39.06
CA ASP Q 82 -36.77 -45.99 38.08
C ASP Q 82 -36.03 -44.85 38.77
N LEU Q 83 -36.78 -44.07 39.55
CA LEU Q 83 -36.21 -42.98 40.32
C LEU Q 83 -35.07 -43.49 41.19
N VAL Q 84 -35.35 -44.52 41.98
CA VAL Q 84 -34.30 -45.13 42.79
C VAL Q 84 -33.11 -45.49 41.93
N GLU Q 85 -33.38 -46.09 40.76
CA GLU Q 85 -32.30 -46.50 39.86
C GLU Q 85 -31.58 -45.29 39.32
N LYS Q 86 -32.34 -44.31 38.82
CA LYS Q 86 -31.78 -43.05 38.39
C LYS Q 86 -30.78 -42.55 39.43
N TYR Q 87 -31.28 -42.33 40.65
CA TYR Q 87 -30.45 -41.90 41.78
C TYR Q 87 -29.31 -42.87 42.01
N LEU Q 88 -29.57 -44.17 41.84
CA LEU Q 88 -28.56 -45.18 42.14
C LEU Q 88 -27.37 -45.08 41.21
N ILE Q 89 -27.64 -44.94 39.90
CA ILE Q 89 -26.55 -44.79 38.95
C ILE Q 89 -25.72 -43.56 39.30
N ARG Q 90 -26.39 -42.46 39.66
CA ARG Q 90 -25.66 -41.21 39.92
C ARG Q 90 -24.54 -41.46 40.89
N ARG Q 91 -24.80 -42.27 41.93
CA ARG Q 91 -23.74 -42.58 42.87
C ARG Q 91 -22.82 -43.67 42.34
N GLN Q 92 -23.31 -44.53 41.47
CA GLN Q 92 -22.41 -45.46 40.79
C GLN Q 92 -21.29 -44.69 40.12
N ASN Q 93 -21.65 -43.58 39.47
CA ASN Q 93 -20.70 -42.82 38.66
C ASN Q 93 -19.48 -42.47 39.47
N TYR Q 94 -19.69 -41.73 40.56
CA TYR Q 94 -18.72 -41.37 41.58
C TYR Q 94 -17.46 -42.22 41.57
N GLU Q 95 -17.62 -43.54 41.39
CA GLU Q 95 -16.47 -44.43 41.46
C GLU Q 95 -15.40 -43.98 40.47
N SER Q 96 -15.80 -43.67 39.24
CA SER Q 96 -14.85 -43.25 38.22
C SER Q 96 -13.99 -42.08 38.70
N LEU Q 97 -14.63 -40.98 39.07
CA LEU Q 97 -14.02 -39.66 39.25
C LEU Q 97 -12.96 -39.67 40.37
N SER Q 98 -11.66 -39.88 40.09
CA SER Q 98 -10.70 -40.02 41.20
C SER Q 98 -9.22 -39.67 40.92
N LYS Q 99 -8.36 -40.70 40.86
CA LYS Q 99 -6.98 -40.55 40.39
C LYS Q 99 -6.51 -41.64 39.41
N ARG Q 100 -7.27 -42.73 39.25
CA ARG Q 100 -6.95 -43.81 38.32
C ARG Q 100 -8.17 -44.14 37.45
N GLY Q 101 -8.12 -45.31 36.80
CA GLY Q 101 -9.24 -45.82 36.04
C GLY Q 101 -9.03 -47.26 35.61
N GLY Q 102 -9.22 -47.52 34.32
CA GLY Q 102 -9.09 -48.87 33.77
C GLY Q 102 -10.34 -49.68 34.02
N LYS Q 103 -10.19 -50.77 34.77
CA LYS Q 103 -11.34 -51.53 35.26
C LYS Q 103 -11.51 -51.22 36.75
N ALA Q 104 -11.97 -49.99 37.03
CA ALA Q 104 -12.15 -49.49 38.39
C ALA Q 104 -13.27 -48.42 38.46
N PRO R 1 -8.67 -33.20 -29.39
CA PRO R 1 -8.06 -34.06 -30.41
C PRO R 1 -7.47 -35.37 -29.85
N SER R 2 -6.47 -35.92 -30.56
CA SER R 2 -5.63 -37.06 -30.14
C SER R 2 -6.36 -38.40 -30.18
N ARG R 3 -7.37 -38.53 -31.06
CA ARG R 3 -8.27 -39.69 -31.10
C ARG R 3 -7.91 -40.61 -32.27
N LYS R 4 -6.98 -41.54 -32.01
CA LYS R 4 -6.67 -42.62 -32.95
C LYS R 4 -7.51 -43.85 -32.59
N ALA R 5 -6.87 -45.01 -32.47
CA ALA R 5 -7.59 -46.24 -32.21
C ALA R 5 -7.88 -46.37 -30.72
N LYS R 6 -9.17 -46.46 -30.38
CA LYS R 6 -9.57 -46.80 -29.02
C LYS R 6 -9.87 -48.28 -28.96
N VAL R 7 -9.27 -48.97 -27.99
CA VAL R 7 -9.24 -50.42 -28.00
C VAL R 7 -10.60 -51.06 -27.77
N LYS R 8 -11.54 -50.37 -27.10
CA LYS R 8 -12.86 -50.95 -26.89
C LYS R 8 -13.56 -51.19 -28.23
N ALA R 9 -13.48 -50.20 -29.12
CA ALA R 9 -14.09 -50.31 -30.44
C ALA R 9 -13.53 -51.50 -31.21
N THR R 10 -12.21 -51.56 -31.38
CA THR R 10 -11.58 -52.55 -32.25
C THR R 10 -11.69 -53.98 -31.69
N LEU R 11 -12.74 -54.25 -30.91
CA LEU R 11 -12.98 -55.56 -30.33
C LEU R 11 -14.48 -55.81 -30.27
N GLY R 12 -14.82 -57.08 -30.09
CA GLY R 12 -16.21 -57.45 -30.03
C GLY R 12 -16.80 -57.52 -28.64
N GLU R 13 -17.50 -58.61 -28.36
CA GLU R 13 -18.44 -58.70 -27.26
C GLU R 13 -17.82 -59.36 -26.03
N PHE R 14 -16.55 -59.06 -25.73
CA PHE R 14 -15.73 -59.90 -24.88
C PHE R 14 -16.16 -59.85 -23.41
N ASP R 15 -15.69 -60.83 -22.66
CA ASP R 15 -15.82 -60.85 -21.21
C ASP R 15 -14.60 -60.19 -20.59
N LEU R 16 -14.81 -59.44 -19.52
CA LEU R 16 -13.68 -58.80 -18.87
C LEU R 16 -13.12 -59.59 -17.70
N ARG R 17 -13.90 -60.42 -17.04
CA ARG R 17 -13.34 -61.21 -15.95
C ARG R 17 -12.57 -62.44 -16.45
N ASP R 18 -12.43 -62.62 -17.76
CA ASP R 18 -11.79 -63.82 -18.28
C ASP R 18 -10.29 -63.62 -18.31
N TYR R 19 -9.59 -64.26 -17.37
CA TYR R 19 -8.14 -64.11 -17.27
C TYR R 19 -7.37 -65.07 -18.17
N ARG R 20 -8.04 -65.96 -18.90
CA ARG R 20 -7.37 -66.95 -19.73
C ARG R 20 -7.36 -66.57 -21.21
N ASN R 21 -7.98 -65.45 -21.57
CA ASN R 21 -8.20 -65.08 -22.97
C ASN R 21 -7.05 -64.23 -23.51
N VAL R 22 -5.85 -64.79 -23.45
CA VAL R 22 -4.61 -64.10 -23.84
C VAL R 22 -4.74 -63.24 -25.09
N GLU R 23 -5.46 -63.74 -26.09
CA GLU R 23 -5.50 -63.07 -27.38
C GLU R 23 -6.38 -61.82 -27.34
N VAL R 24 -7.32 -61.75 -26.41
CA VAL R 24 -8.12 -60.54 -26.22
C VAL R 24 -7.44 -59.61 -25.23
N LEU R 25 -6.88 -60.18 -24.16
CA LEU R 25 -6.21 -59.40 -23.13
C LEU R 25 -5.01 -58.67 -23.70
N LYS R 26 -4.13 -59.39 -24.40
CA LYS R 26 -2.87 -58.81 -24.87
C LYS R 26 -3.10 -57.58 -25.75
N ARG R 27 -4.35 -57.34 -26.17
CA ARG R 27 -4.70 -56.13 -26.90
C ARG R 27 -4.77 -54.92 -25.98
N PHE R 28 -4.83 -55.13 -24.68
CA PHE R 28 -4.85 -54.03 -23.74
C PHE R 28 -3.47 -53.79 -23.11
N LEU R 29 -2.47 -54.60 -23.44
CA LEU R 29 -1.12 -54.35 -22.99
C LEU R 29 -0.38 -53.49 -24.00
N SER R 30 0.61 -52.75 -23.53
CA SER R 30 1.31 -51.83 -24.42
C SER R 30 2.30 -52.62 -25.28
N GLU R 31 3.21 -51.89 -25.94
CA GLU R 31 4.24 -52.56 -26.74
C GLU R 31 5.28 -53.20 -25.81
N THR R 32 5.72 -52.46 -24.80
CA THR R 32 6.10 -53.01 -23.49
C THR R 32 4.98 -53.85 -22.89
N GLY R 33 5.14 -54.30 -21.66
CA GLY R 33 4.08 -55.13 -21.14
C GLY R 33 2.98 -54.41 -20.39
N LYS R 34 2.94 -53.08 -20.45
CA LYS R 34 2.20 -52.27 -19.47
C LYS R 34 0.69 -52.28 -19.74
N ILE R 35 -0.08 -52.22 -18.66
CA ILE R 35 -1.52 -52.02 -18.77
C ILE R 35 -1.76 -50.63 -19.31
N LEU R 36 -2.66 -50.52 -20.27
CA LEU R 36 -2.84 -49.25 -20.97
C LEU R 36 -3.73 -48.28 -20.19
N PRO R 37 -3.57 -46.98 -20.41
CA PRO R 37 -4.47 -46.00 -19.80
C PRO R 37 -5.89 -46.13 -20.32
N ARG R 38 -6.81 -45.45 -19.65
CA ARG R 38 -8.17 -45.43 -20.15
C ARG R 38 -8.25 -44.61 -21.41
N ARG R 39 -7.58 -43.46 -21.44
CA ARG R 39 -7.55 -42.61 -22.61
C ARG R 39 -6.94 -43.35 -23.79
N ARG R 40 -6.75 -44.66 -23.64
CA ARG R 40 -6.21 -45.50 -24.69
C ARG R 40 -6.91 -46.83 -24.82
N THR R 41 -7.53 -47.36 -23.75
CA THR R 41 -8.46 -48.46 -23.87
C THR R 41 -9.86 -47.97 -24.15
N GLY R 42 -10.13 -46.70 -23.92
CA GLY R 42 -11.49 -46.19 -24.01
C GLY R 42 -12.49 -47.01 -23.21
N LEU R 43 -12.12 -47.41 -21.99
CA LEU R 43 -13.06 -48.13 -21.13
C LEU R 43 -13.72 -47.17 -20.16
N SER R 44 -14.75 -47.67 -19.48
CA SER R 44 -15.33 -46.93 -18.38
C SER R 44 -14.49 -47.13 -17.14
N ALA R 45 -14.68 -46.27 -16.14
CA ALA R 45 -13.84 -46.35 -14.96
C ALA R 45 -13.97 -47.71 -14.31
N LYS R 46 -15.21 -48.18 -14.15
CA LYS R 46 -15.43 -49.52 -13.57
C LYS R 46 -14.88 -50.62 -14.47
N GLU R 47 -15.01 -50.46 -15.79
CA GLU R 47 -14.48 -51.44 -16.71
C GLU R 47 -12.97 -51.58 -16.50
N GLN R 48 -12.24 -50.47 -16.50
CA GLN R 48 -10.78 -50.53 -16.40
C GLN R 48 -10.35 -51.25 -15.13
N ARG R 49 -11.05 -50.97 -14.02
CA ARG R 49 -10.75 -51.58 -12.73
C ARG R 49 -10.69 -53.11 -12.84
N ILE R 50 -11.60 -53.69 -13.63
CA ILE R 50 -11.75 -55.14 -13.73
C ILE R 50 -10.70 -55.74 -14.67
N LEU R 51 -10.57 -55.16 -15.86
CA LEU R 51 -9.46 -55.50 -16.72
C LEU R 51 -8.15 -55.45 -15.95
N ALA R 52 -7.98 -54.43 -15.11
CA ALA R 52 -6.74 -54.28 -14.37
C ALA R 52 -6.50 -55.47 -13.44
N LYS R 53 -7.55 -55.96 -12.79
CA LYS R 53 -7.39 -57.13 -11.95
C LYS R 53 -7.25 -58.37 -12.79
N THR R 54 -8.02 -58.49 -13.86
CA THR R 54 -7.92 -59.67 -14.71
C THR R 54 -6.51 -59.82 -15.31
N ILE R 55 -5.95 -58.75 -15.87
CA ILE R 55 -4.62 -58.82 -16.47
C ILE R 55 -3.62 -59.36 -15.47
N LYS R 56 -3.73 -58.94 -14.21
CA LYS R 56 -2.78 -59.37 -13.20
C LYS R 56 -2.88 -60.88 -12.94
N ARG R 57 -4.09 -61.44 -12.91
CA ARG R 57 -4.23 -62.89 -12.77
C ARG R 57 -3.57 -63.60 -13.96
N ALA R 58 -3.75 -63.02 -15.15
CA ALA R 58 -3.16 -63.59 -16.35
C ALA R 58 -1.63 -63.61 -16.25
N ARG R 59 -1.04 -62.55 -15.69
CA ARG R 59 0.41 -62.55 -15.55
C ARG R 59 0.88 -63.62 -14.57
N ILE R 60 0.19 -63.78 -13.45
CA ILE R 60 0.57 -64.82 -12.52
C ILE R 60 0.56 -66.20 -13.20
N LEU R 61 -0.42 -66.44 -14.06
CA LEU R 61 -0.48 -67.73 -14.76
C LEU R 61 0.54 -67.84 -15.89
N GLY R 62 1.31 -66.80 -16.18
CA GLY R 62 2.28 -66.87 -17.24
C GLY R 62 1.73 -66.67 -18.64
N LEU R 63 0.47 -66.26 -18.77
CA LEU R 63 -0.13 -66.02 -20.08
C LEU R 63 0.16 -64.62 -20.63
N LEU R 64 0.15 -63.61 -19.76
CA LEU R 64 0.55 -62.28 -20.15
C LEU R 64 1.88 -61.89 -19.53
N PRO R 65 2.62 -60.98 -20.16
CA PRO R 65 3.92 -60.59 -19.61
C PRO R 65 3.78 -59.54 -18.52
N PHE R 66 4.73 -59.58 -17.58
CA PHE R 66 4.83 -58.46 -16.65
C PHE R 66 5.49 -57.26 -17.33
N THR R 67 6.52 -57.49 -18.17
CA THR R 67 7.21 -56.41 -18.84
C THR R 67 7.81 -56.92 -20.13
N GLU R 68 7.99 -56.00 -21.08
CA GLU R 68 8.67 -56.31 -22.34
C GLU R 68 9.67 -55.21 -22.69
N LYS R 69 10.00 -55.04 -23.97
CA LYS R 69 11.18 -54.30 -24.35
C LYS R 69 10.98 -53.58 -25.69
N LEU R 70 11.34 -52.28 -25.73
CA LEU R 70 11.01 -51.41 -26.85
C LEU R 70 12.00 -51.65 -28.00
N VAL R 71 11.48 -51.81 -29.23
CA VAL R 71 12.32 -52.29 -30.34
C VAL R 71 12.61 -51.28 -31.43
N ARG R 72 12.90 -50.02 -31.07
CA ARG R 72 13.36 -49.08 -32.09
C ARG R 72 14.55 -48.25 -31.61
N LYS R 73 14.31 -47.28 -30.72
CA LYS R 73 15.33 -46.37 -30.16
C LYS R 73 16.47 -45.86 -31.06
N PRO S 1 70.85 31.21 -18.02
CA PRO S 1 69.61 31.51 -18.74
C PRO S 1 68.63 32.36 -17.93
N ARG S 2 68.85 33.68 -17.88
CA ARG S 2 67.88 34.62 -17.28
C ARG S 2 67.99 35.96 -18.02
N SER S 3 67.28 36.98 -17.54
CA SER S 3 66.91 38.08 -18.43
C SER S 3 66.98 39.41 -17.70
N LEU S 4 66.51 40.46 -18.41
CA LEU S 4 66.68 41.90 -18.17
C LEU S 4 67.64 42.48 -19.22
N LYS S 5 67.11 43.03 -20.30
CA LYS S 5 67.84 43.15 -21.56
C LYS S 5 68.94 44.23 -21.49
N LYS S 6 68.56 45.41 -21.01
CA LYS S 6 69.46 46.53 -20.74
C LYS S 6 68.72 47.41 -19.73
N GLY S 7 69.32 47.60 -18.57
CA GLY S 7 68.68 48.27 -17.46
C GLY S 7 69.04 47.66 -16.12
N VAL S 8 69.39 46.36 -16.13
CA VAL S 8 69.83 45.60 -14.96
C VAL S 8 69.16 46.08 -13.68
N PHE S 9 67.88 45.79 -13.51
CA PHE S 9 67.09 46.40 -12.46
C PHE S 9 67.68 46.16 -11.06
N VAL S 10 67.86 47.25 -10.30
CA VAL S 10 68.23 47.20 -8.88
C VAL S 10 67.31 48.17 -8.15
N ASP S 11 66.63 47.67 -7.12
CA ASP S 11 65.73 48.51 -6.34
C ASP S 11 66.48 49.68 -5.73
N ASP S 12 66.02 50.91 -6.01
CA ASP S 12 66.89 52.08 -5.78
C ASP S 12 66.81 52.65 -4.37
N HIS S 13 65.73 52.43 -3.63
CA HIS S 13 65.72 52.93 -2.25
C HIS S 13 66.80 52.23 -1.43
N LEU S 14 67.05 50.96 -1.73
CA LEU S 14 68.21 50.28 -1.18
C LEU S 14 69.51 50.83 -1.78
N LEU S 15 69.48 51.20 -3.06
CA LEU S 15 70.71 51.59 -3.74
C LEU S 15 71.21 52.93 -3.21
N GLU S 16 70.34 53.95 -3.14
CA GLU S 16 70.71 55.21 -2.50
C GLU S 16 71.15 54.98 -1.05
N LYS S 17 70.68 53.89 -0.44
CA LYS S 17 71.06 53.59 0.93
C LYS S 17 72.49 53.07 0.99
N VAL S 18 72.83 52.10 0.13
CA VAL S 18 74.16 51.49 0.17
C VAL S 18 75.21 52.43 -0.39
N LEU S 19 74.91 53.14 -1.48
CA LEU S 19 75.88 54.09 -2.00
C LEU S 19 76.20 55.15 -0.95
N GLU S 20 75.20 55.54 -0.16
CA GLU S 20 75.39 56.54 0.88
C GLU S 20 76.07 55.96 2.12
N LEU S 21 76.14 54.64 2.24
CA LEU S 21 77.00 54.03 3.24
C LEU S 21 78.43 53.87 2.77
N ASN S 22 78.82 54.58 1.69
CA ASN S 22 80.19 54.58 1.22
C ASN S 22 80.74 56.00 1.10
N ALA S 23 80.11 56.97 1.77
CA ALA S 23 80.84 58.15 2.19
C ALA S 23 81.78 57.84 3.34
N LYS S 24 81.42 56.85 4.16
CA LYS S 24 82.22 56.41 5.31
C LYS S 24 82.17 54.90 5.52
N GLY S 25 81.64 54.44 6.65
CA GLY S 25 81.74 53.06 7.05
C GLY S 25 80.56 52.21 6.60
N GLU S 26 80.66 50.92 6.92
CA GLU S 26 79.78 49.88 6.40
C GLU S 26 78.89 49.37 7.53
N LYS S 27 77.72 49.99 7.67
CA LYS S 27 76.79 49.68 8.76
C LYS S 27 76.46 48.20 8.80
N ARG S 28 76.62 47.60 9.98
CA ARG S 28 76.25 46.21 10.13
C ARG S 28 74.73 46.10 10.07
N LEU S 29 74.26 45.08 9.34
CA LEU S 29 72.85 44.81 9.06
C LEU S 29 72.12 45.98 8.40
N ILE S 30 71.63 45.72 7.20
CA ILE S 30 70.76 46.62 6.45
C ILE S 30 69.44 45.88 6.26
N LYS S 31 68.35 46.49 6.67
CA LYS S 31 67.07 45.79 6.63
C LYS S 31 66.39 46.08 5.31
N THR S 32 66.49 45.15 4.37
CA THR S 32 65.76 45.24 3.11
C THR S 32 64.61 44.26 3.10
N TRP S 33 63.55 44.65 2.39
CA TRP S 33 62.51 43.74 1.94
C TRP S 33 62.52 43.64 0.42
N SER S 34 63.52 44.21 -0.24
CA SER S 34 63.66 44.09 -1.68
C SER S 34 64.67 43.00 -2.01
N ARG S 35 64.22 41.76 -1.80
CA ARG S 35 64.92 40.63 -2.37
C ARG S 35 64.92 40.72 -3.89
N ARG S 36 63.95 41.46 -4.44
CA ARG S 36 63.78 41.74 -5.87
C ARG S 36 65.00 42.36 -6.54
N SER S 37 66.06 42.71 -5.81
CA SER S 37 67.06 43.67 -6.28
C SER S 37 68.37 43.00 -6.65
N THR S 38 68.83 43.26 -7.89
CA THR S 38 70.10 42.69 -8.37
C THR S 38 71.26 43.16 -7.50
N ILE S 39 72.25 42.28 -7.33
CA ILE S 39 73.47 42.64 -6.64
C ILE S 39 74.40 43.36 -7.61
N VAL S 40 75.16 44.32 -7.10
CA VAL S 40 76.09 45.11 -7.90
C VAL S 40 77.45 45.09 -7.21
N PRO S 41 78.53 45.43 -7.93
CA PRO S 41 79.87 45.37 -7.29
C PRO S 41 80.00 46.27 -6.06
N GLU S 42 79.30 47.39 -6.03
CA GLU S 42 79.40 48.34 -4.95
C GLU S 42 78.69 47.88 -3.68
N MET S 43 78.39 46.59 -3.58
CA MET S 43 77.78 46.04 -2.38
C MET S 43 78.70 45.08 -1.64
N VAL S 44 79.81 44.67 -2.26
CA VAL S 44 80.72 43.74 -1.62
C VAL S 44 81.12 44.28 -0.25
N GLY S 45 81.24 43.39 0.72
CA GLY S 45 81.73 43.81 2.02
C GLY S 45 80.65 43.97 3.06
N HIS S 46 79.59 44.71 2.76
CA HIS S 46 78.55 44.97 3.75
C HIS S 46 77.83 43.71 4.18
N THR S 47 76.86 43.84 5.08
CA THR S 47 75.99 42.73 5.43
C THR S 47 74.57 43.22 5.29
N ILE S 48 73.79 42.59 4.42
CA ILE S 48 72.40 42.95 4.20
C ILE S 48 71.51 41.89 4.83
N ALA S 49 70.59 42.32 5.68
CA ALA S 49 69.59 41.44 6.25
C ALA S 49 68.39 41.41 5.31
N VAL S 50 68.34 40.39 4.45
CA VAL S 50 67.21 40.19 3.55
C VAL S 50 66.09 39.54 4.33
N TYR S 51 64.85 39.91 4.02
CA TYR S 51 63.71 39.29 4.69
C TYR S 51 63.55 37.86 4.22
N ASN S 52 62.31 37.39 4.07
CA ASN S 52 62.09 35.96 4.18
C ASN S 52 60.64 35.61 3.96
N GLY S 53 59.78 36.59 4.21
CA GLY S 53 58.46 36.33 4.69
C GLY S 53 58.37 36.17 6.20
N LYS S 54 59.48 35.81 6.85
CA LYS S 54 59.43 35.60 8.29
C LYS S 54 60.54 36.31 9.06
N GLN S 55 61.75 36.43 8.51
CA GLN S 55 62.84 37.06 9.27
C GLN S 55 63.89 37.66 8.36
N HIS S 56 64.51 38.73 8.81
CA HIS S 56 65.70 39.23 8.13
C HIS S 56 66.85 38.26 8.34
N VAL S 57 67.67 38.08 7.31
CA VAL S 57 68.74 37.09 7.43
C VAL S 57 70.07 37.73 7.09
N PRO S 58 71.08 37.53 7.92
CA PRO S 58 72.38 38.19 7.70
C PRO S 58 73.17 37.69 6.50
N VAL S 59 72.94 38.28 5.33
CA VAL S 59 73.54 37.79 4.09
C VAL S 59 74.86 38.55 3.87
N TYR S 60 75.95 37.95 4.33
CA TYR S 60 77.26 38.56 4.07
C TYR S 60 77.51 38.54 2.56
N ILE S 61 77.48 39.71 1.93
CA ILE S 61 77.70 39.82 0.49
C ILE S 61 79.19 39.77 0.21
N THR S 62 79.62 38.73 -0.51
CA THR S 62 81.00 38.61 -0.97
C THR S 62 81.10 39.16 -2.38
N GLU S 63 82.08 38.68 -3.15
CA GLU S 63 82.21 39.11 -4.54
C GLU S 63 81.95 37.97 -5.51
N ASN S 64 82.00 36.72 -5.05
CA ASN S 64 81.57 35.59 -5.85
C ASN S 64 80.13 35.76 -6.33
N MET S 65 79.35 36.62 -5.69
CA MET S 65 77.90 36.68 -5.88
C MET S 65 77.46 37.99 -6.52
N VAL S 66 78.39 38.71 -7.17
CA VAL S 66 78.15 40.09 -7.57
C VAL S 66 77.06 40.26 -8.63
N GLY S 67 76.56 39.18 -9.20
CA GLY S 67 75.58 39.33 -10.25
C GLY S 67 74.17 38.88 -9.92
N HIS S 68 74.04 38.07 -8.87
CA HIS S 68 72.81 37.31 -8.63
C HIS S 68 71.64 38.15 -8.16
N LYS S 69 70.99 37.72 -7.09
CA LYS S 69 69.81 38.41 -6.59
C LYS S 69 69.71 38.16 -5.09
N LEU S 70 69.22 39.18 -4.38
CA LEU S 70 69.23 39.12 -2.91
C LEU S 70 68.40 37.96 -2.41
N GLY S 71 67.24 37.73 -3.02
CA GLY S 71 66.36 36.64 -2.62
C GLY S 71 66.91 35.25 -2.90
N GLU S 72 67.99 35.17 -3.67
CA GLU S 72 68.69 33.91 -3.91
C GLU S 72 69.46 33.42 -2.70
N PHE S 73 69.49 34.20 -1.62
CA PHE S 73 70.24 33.83 -0.42
C PHE S 73 69.39 33.86 0.84
N ALA S 74 68.14 34.26 0.73
CA ALA S 74 67.20 34.22 1.83
C ALA S 74 66.19 33.12 1.58
N PRO S 75 66.51 31.87 1.90
CA PRO S 75 65.62 30.76 1.54
C PRO S 75 64.26 30.87 2.24
N THR S 76 63.20 30.73 1.45
CA THR S 76 61.84 31.01 1.93
C THR S 76 61.27 29.87 2.77
N ARG S 77 61.31 28.65 2.26
CA ARG S 77 60.60 27.54 2.88
C ARG S 77 61.51 26.77 3.83
N THR S 78 60.88 26.12 4.80
CA THR S 78 61.56 25.29 5.78
C THR S 78 61.25 23.82 5.47
N TYR S 79 62.30 23.06 5.12
CA TYR S 79 62.12 21.67 4.71
C TYR S 79 63.03 20.75 5.54
N ARG S 80 62.43 19.64 6.04
CA ARG S 80 62.99 18.64 6.99
C ARG S 80 64.25 19.14 7.71
N ARG T 1 -10.44 0.43 93.54
CA ARG T 1 -10.87 -0.94 93.76
C ARG T 1 -12.04 -0.98 94.73
N ASN T 2 -12.47 -2.22 95.06
CA ASN T 2 -13.68 -2.51 95.84
C ASN T 2 -14.97 -2.14 95.10
N LEU T 3 -15.92 -3.08 95.04
CA LEU T 3 -17.29 -2.69 94.73
C LEU T 3 -18.29 -3.06 95.82
N SER T 4 -19.42 -3.60 95.36
CA SER T 4 -20.42 -4.31 96.15
C SER T 4 -21.37 -4.92 95.13
N ALA T 5 -20.75 -5.22 93.98
CA ALA T 5 -20.87 -6.55 93.43
C ALA T 5 -20.21 -7.57 94.35
N LEU T 6 -19.21 -7.14 95.12
CA LEU T 6 -18.65 -7.95 96.20
C LEU T 6 -19.72 -8.60 97.04
N LYS T 7 -20.63 -7.78 97.59
CA LYS T 7 -21.78 -8.30 98.31
C LYS T 7 -22.51 -9.34 97.47
N ARG T 8 -22.88 -8.98 96.25
CA ARG T 8 -23.58 -9.93 95.38
C ARG T 8 -22.88 -11.27 95.34
N HIS T 9 -21.55 -11.26 95.37
CA HIS T 9 -20.82 -12.51 95.35
C HIS T 9 -21.14 -13.33 96.58
N ARG T 10 -20.78 -12.81 97.76
CA ARG T 10 -20.96 -13.58 98.99
C ARG T 10 -22.42 -13.99 99.19
N GLN T 11 -23.37 -13.14 98.83
CA GLN T 11 -24.76 -13.57 98.86
C GLN T 11 -24.93 -14.85 98.06
N SER T 12 -24.28 -14.94 96.89
CA SER T 12 -24.48 -16.12 96.06
C SER T 12 -23.93 -17.36 96.76
N LEU T 13 -22.76 -17.25 97.39
CA LEU T 13 -22.18 -18.41 98.03
C LEU T 13 -23.14 -18.98 99.05
N LYS T 14 -23.87 -18.10 99.75
CA LYS T 14 -24.94 -18.54 100.63
C LYS T 14 -25.95 -19.37 99.86
N ARG T 15 -26.51 -18.79 98.80
CA ARG T 15 -27.54 -19.50 98.06
C ARG T 15 -27.00 -20.80 97.48
N ARG T 16 -25.79 -20.75 96.90
CA ARG T 16 -25.15 -21.95 96.38
C ARG T 16 -25.23 -23.11 97.37
N LEU T 17 -25.14 -22.83 98.68
CA LEU T 17 -25.27 -23.85 99.72
C LEU T 17 -26.70 -24.25 99.96
N ARG T 18 -27.59 -23.27 100.14
CA ARG T 18 -28.98 -23.60 100.38
C ARG T 18 -29.49 -24.54 99.29
N ASN T 19 -29.27 -24.15 98.02
CA ASN T 19 -29.70 -24.98 96.89
C ASN T 19 -29.09 -26.36 96.93
N LYS T 20 -27.76 -26.40 97.00
CA LYS T 20 -27.02 -27.64 96.99
C LYS T 20 -27.60 -28.61 98.01
N ALA T 21 -27.83 -28.12 99.22
CA ALA T 21 -28.38 -28.97 100.27
C ALA T 21 -29.78 -29.46 99.89
N LYS T 22 -30.70 -28.53 99.60
CA LYS T 22 -32.07 -28.94 99.27
C LYS T 22 -32.05 -30.04 98.25
N LYS T 23 -31.14 -29.91 97.26
CA LYS T 23 -31.10 -30.78 96.12
C LYS T 23 -30.49 -32.12 96.46
N SER T 24 -29.41 -32.11 97.24
CA SER T 24 -28.90 -33.35 97.83
C SER T 24 -30.01 -34.14 98.49
N ALA T 25 -30.81 -33.48 99.33
CA ALA T 25 -31.87 -34.14 100.06
C ALA T 25 -32.82 -34.88 99.14
N ILE T 26 -33.04 -34.34 97.96
CA ILE T 26 -33.94 -34.98 97.03
C ILE T 26 -33.27 -36.22 96.49
N LYS T 27 -32.20 -36.04 95.69
CA LYS T 27 -31.46 -37.13 95.09
C LYS T 27 -31.40 -38.29 96.06
N THR T 28 -30.91 -38.03 97.28
CA THR T 28 -30.70 -39.12 98.24
C THR T 28 -32.01 -39.73 98.70
N LEU T 29 -33.06 -38.94 98.82
CA LEU T 29 -34.37 -39.50 99.17
C LEU T 29 -34.98 -40.26 98.01
N SER T 30 -34.92 -39.68 96.81
CA SER T 30 -35.55 -40.30 95.65
C SER T 30 -34.94 -41.65 95.38
N LYS T 31 -33.60 -41.70 95.28
CA LYS T 31 -32.93 -43.00 95.22
C LYS T 31 -33.46 -43.97 96.28
N LYS T 32 -33.46 -43.55 97.55
CA LYS T 32 -33.94 -44.44 98.61
C LYS T 32 -35.31 -45.00 98.30
N ALA T 33 -36.19 -44.20 97.70
CA ALA T 33 -37.53 -44.68 97.43
C ALA T 33 -37.51 -45.68 96.29
N ILE T 34 -36.74 -45.39 95.24
CA ILE T 34 -36.65 -46.29 94.10
C ILE T 34 -36.16 -47.65 94.55
N GLN T 35 -35.19 -47.67 95.46
CA GLN T 35 -34.60 -48.93 95.89
C GLN T 35 -35.54 -49.70 96.80
N LEU T 36 -36.42 -48.99 97.51
CA LEU T 36 -37.41 -49.69 98.33
C LEU T 36 -38.46 -50.37 97.47
N ALA T 37 -38.63 -49.95 96.23
CA ALA T 37 -39.58 -50.58 95.33
C ALA T 37 -38.98 -51.76 94.57
N GLN T 38 -37.74 -51.63 94.07
CA GLN T 38 -37.02 -52.78 93.56
C GLN T 38 -37.08 -53.96 94.52
N GLU T 39 -37.21 -53.68 95.81
CA GLU T 39 -37.45 -54.69 96.81
C GLU T 39 -38.94 -54.92 97.07
N GLY T 40 -39.82 -54.24 96.33
CA GLY T 40 -41.25 -54.44 96.51
C GLY T 40 -41.79 -54.11 97.88
N LYS T 41 -41.09 -53.27 98.65
CA LYS T 41 -41.50 -52.93 100.02
C LYS T 41 -42.49 -51.74 99.95
N ALA T 42 -43.72 -52.06 99.55
CA ALA T 42 -44.62 -51.05 98.99
C ALA T 42 -44.99 -49.97 100.00
N GLU T 43 -45.39 -50.34 101.21
CA GLU T 43 -45.87 -49.34 102.15
C GLU T 43 -44.77 -48.35 102.51
N GLU T 44 -43.60 -48.87 102.85
CA GLU T 44 -42.49 -48.01 103.20
C GLU T 44 -41.99 -47.22 101.99
N ALA T 45 -41.95 -47.86 100.82
CA ALA T 45 -41.44 -47.18 99.63
C ALA T 45 -42.25 -45.95 99.28
N LEU T 46 -43.56 -46.00 99.49
CA LEU T 46 -44.35 -44.80 99.23
C LEU T 46 -44.16 -43.74 100.32
N LYS T 47 -44.02 -44.18 101.58
CA LYS T 47 -43.78 -43.26 102.70
C LYS T 47 -42.57 -42.35 102.41
N ILE T 48 -41.55 -42.90 101.75
CA ILE T 48 -40.43 -42.08 101.31
C ILE T 48 -40.79 -41.29 100.05
N MET T 49 -41.41 -41.97 99.09
CA MET T 49 -41.82 -41.35 97.84
C MET T 49 -42.56 -40.04 98.08
N ARG T 50 -43.46 -40.02 99.06
CA ARG T 50 -44.26 -38.84 99.37
C ARG T 50 -43.42 -37.72 100.00
N LYS T 51 -42.44 -38.09 100.82
CA LYS T 51 -41.56 -37.08 101.39
C LYS T 51 -40.71 -36.45 100.29
N ALA T 52 -40.25 -37.27 99.35
CA ALA T 52 -39.43 -36.73 98.28
C ALA T 52 -40.27 -35.88 97.35
N GLU T 53 -41.46 -36.36 96.99
CA GLU T 53 -42.41 -35.51 96.27
C GLU T 53 -42.54 -34.14 96.92
N SER T 54 -42.63 -34.11 98.25
CA SER T 54 -42.66 -32.87 99.00
C SER T 54 -41.40 -32.04 98.80
N LEU T 55 -40.27 -32.52 99.32
CA LEU T 55 -39.02 -31.78 99.19
C LEU T 55 -38.78 -31.24 97.79
N ILE T 56 -39.31 -31.89 96.77
CA ILE T 56 -39.27 -31.37 95.41
C ILE T 56 -40.14 -30.14 95.28
N ASP T 57 -41.46 -30.31 95.38
CA ASP T 57 -42.35 -29.16 95.28
C ASP T 57 -41.91 -28.04 96.19
N LYS T 58 -41.35 -28.40 97.35
CA LYS T 58 -40.82 -27.41 98.25
C LYS T 58 -39.59 -26.72 97.66
N ALA T 59 -38.71 -27.47 97.02
CA ALA T 59 -37.58 -26.86 96.33
C ALA T 59 -38.07 -25.79 95.39
N ALA T 60 -38.99 -26.16 94.48
CA ALA T 60 -39.59 -25.28 93.47
C ALA T 60 -40.25 -24.03 94.03
N LYS T 61 -40.62 -24.04 95.31
CA LYS T 61 -41.18 -22.88 95.99
C LYS T 61 -40.32 -21.65 95.76
N GLY T 62 -39.05 -21.71 96.17
CA GLY T 62 -38.07 -20.69 95.86
C GLY T 62 -37.24 -21.05 94.64
N SER T 63 -36.11 -20.37 94.50
CA SER T 63 -35.40 -20.44 93.22
C SER T 63 -34.42 -21.61 93.07
N THR T 64 -34.73 -22.82 93.55
CA THR T 64 -33.77 -23.93 93.44
C THR T 64 -34.08 -24.70 92.18
N LEU T 65 -35.24 -25.36 92.16
CA LEU T 65 -35.70 -26.09 90.98
C LEU T 65 -36.56 -25.20 90.14
N HIS T 66 -37.49 -24.57 90.82
CA HIS T 66 -38.67 -24.02 90.20
C HIS T 66 -39.27 -24.82 89.04
N LYS T 67 -40.44 -24.33 88.63
CA LYS T 67 -40.93 -24.64 87.32
C LYS T 67 -41.50 -26.05 87.30
N ASN T 68 -41.51 -26.55 86.12
CA ASN T 68 -41.62 -27.81 85.41
C ASN T 68 -40.34 -28.57 85.42
N ALA T 69 -39.41 -28.10 86.24
CA ALA T 69 -38.23 -28.91 86.51
C ALA T 69 -38.51 -29.83 87.68
N ALA T 70 -39.29 -29.32 88.63
CA ALA T 70 -39.82 -30.17 89.70
C ALA T 70 -40.82 -31.15 89.16
N ALA T 71 -41.66 -30.71 88.21
CA ALA T 71 -42.62 -31.60 87.59
C ALA T 71 -41.91 -32.76 86.89
N ARG T 72 -40.90 -32.44 86.08
CA ARG T 72 -40.00 -33.44 85.57
C ARG T 72 -39.62 -34.42 86.67
N ARG T 73 -38.99 -33.90 87.73
CA ARG T 73 -38.41 -34.77 88.76
C ARG T 73 -39.47 -35.62 89.43
N LYS T 74 -40.60 -35.00 89.74
CA LYS T 74 -41.72 -35.69 90.36
C LYS T 74 -42.18 -36.83 89.46
N SER T 75 -42.52 -36.52 88.19
CA SER T 75 -42.99 -37.52 87.25
C SER T 75 -42.04 -38.71 87.15
N ARG T 76 -40.81 -38.44 86.69
CA ARG T 76 -39.75 -39.42 86.57
C ARG T 76 -39.76 -40.37 87.76
N LEU T 77 -39.97 -39.80 88.96
CA LEU T 77 -39.94 -40.58 90.20
C LEU T 77 -41.18 -41.45 90.34
N MET T 78 -42.36 -40.83 90.37
CA MET T 78 -43.62 -41.57 90.49
C MET T 78 -43.79 -42.63 89.41
N ARG T 79 -43.25 -42.42 88.21
CA ARG T 79 -43.24 -43.49 87.22
C ARG T 79 -42.51 -44.69 87.82
N LYS T 80 -41.17 -44.61 87.92
CA LYS T 80 -40.37 -45.75 88.37
C LYS T 80 -40.96 -46.44 89.60
N VAL T 81 -41.66 -45.72 90.46
CA VAL T 81 -42.09 -46.36 91.69
C VAL T 81 -43.31 -47.22 91.44
N ARG T 82 -44.24 -46.75 90.61
CA ARG T 82 -45.35 -47.60 90.23
C ARG T 82 -44.85 -48.78 89.39
N GLN T 83 -43.93 -48.52 88.46
CA GLN T 83 -43.44 -49.56 87.57
C GLN T 83 -42.57 -50.59 88.28
N LEU T 84 -42.09 -50.29 89.47
CA LEU T 84 -41.25 -51.24 90.16
C LEU T 84 -42.02 -52.05 91.17
N LEU T 85 -43.23 -51.65 91.48
CA LEU T 85 -44.11 -52.53 92.22
C LEU T 85 -44.97 -53.39 91.30
N GLU T 86 -44.84 -53.19 89.97
CA GLU T 86 -45.17 -54.24 89.02
C GLU T 86 -44.06 -55.29 89.12
N ALA T 87 -44.30 -56.24 90.01
CA ALA T 87 -43.31 -57.10 90.66
C ALA T 87 -43.97 -57.48 91.98
N ALA T 88 -45.31 -57.42 91.98
CA ALA T 88 -46.22 -57.97 92.98
C ALA T 88 -46.32 -57.13 94.24
N GLY T 89 -46.50 -55.81 94.07
CA GLY T 89 -46.67 -54.91 95.21
C GLY T 89 -48.06 -54.90 95.82
N ALA T 90 -48.93 -54.09 95.22
CA ALA T 90 -50.20 -53.60 95.76
C ALA T 90 -49.86 -52.41 96.65
N PRO T 91 -49.97 -51.14 96.14
CA PRO T 91 -49.59 -49.98 96.96
C PRO T 91 -50.36 -49.89 98.27
N LEU T 92 -49.66 -50.14 99.38
CA LEU T 92 -50.25 -50.19 100.71
C LEU T 92 -50.58 -48.80 101.20
N ILE T 93 -49.65 -48.18 101.94
CA ILE T 93 -49.88 -46.86 102.54
C ILE T 93 -50.37 -45.92 101.44
N GLY T 94 -50.24 -46.38 100.19
CA GLY T 94 -51.02 -45.89 99.07
C GLY T 94 -51.04 -44.39 98.96
N GLY T 95 -50.02 -43.75 99.53
CA GLY T 95 -49.99 -42.31 99.53
C GLY T 95 -49.91 -41.72 98.14
N GLY T 96 -48.69 -41.61 97.62
CA GLY T 96 -48.42 -40.83 96.43
C GLY T 96 -49.32 -41.10 95.25
N LEU T 97 -49.89 -42.30 95.15
CA LEU T 97 -50.37 -42.79 93.88
C LEU T 97 -51.89 -42.81 93.79
N SER T 98 -52.38 -42.41 92.62
CA SER T 98 -53.79 -42.55 92.29
C SER T 98 -54.10 -44.02 92.14
N ALA T 99 -55.22 -44.43 92.72
CA ALA T 99 -55.63 -45.82 92.86
C ALA T 99 -55.16 -46.75 91.73
N GLY U 1 60.50 14.29 -32.81
CA GLY U 1 59.23 14.18 -32.10
C GLY U 1 58.72 15.56 -31.76
N LYS U 2 57.45 15.67 -31.40
CA LYS U 2 56.99 17.02 -31.13
C LYS U 2 57.61 17.60 -29.84
N GLY U 3 58.42 16.83 -29.14
CA GLY U 3 59.05 17.31 -27.94
C GLY U 3 60.43 17.92 -28.11
N ASP U 4 61.12 17.63 -29.23
CA ASP U 4 62.44 18.23 -29.51
C ASP U 4 62.26 19.65 -30.00
N ARG U 5 62.62 20.63 -29.16
CA ARG U 5 62.38 22.03 -29.48
C ARG U 5 63.07 22.42 -30.78
N ARG U 6 64.19 21.77 -31.10
CA ARG U 6 64.95 22.16 -32.28
C ARG U 6 64.74 21.15 -33.41
N THR U 7 63.48 20.92 -33.73
CA THR U 7 63.05 20.28 -34.96
C THR U 7 62.04 21.19 -35.67
N ARG U 8 61.77 20.87 -36.94
CA ARG U 8 60.58 21.44 -37.56
C ARG U 8 59.39 21.04 -36.70
N ARG U 9 59.05 19.74 -36.72
CA ARG U 9 57.86 19.24 -36.03
C ARG U 9 57.73 19.91 -34.66
N GLY U 10 58.87 20.00 -33.97
CA GLY U 10 58.84 20.46 -32.59
C GLY U 10 58.51 21.91 -32.47
N LYS U 11 58.85 22.70 -33.49
CA LYS U 11 58.50 24.11 -33.47
C LYS U 11 56.99 24.29 -33.68
N ILE U 12 56.46 23.66 -34.74
CA ILE U 12 55.04 23.75 -35.11
C ILE U 12 54.17 23.55 -33.88
N TRP U 13 54.49 22.53 -33.10
CA TRP U 13 53.70 22.20 -31.91
C TRP U 13 53.65 23.38 -30.94
N ARG U 14 54.81 23.95 -30.62
CA ARG U 14 54.85 25.07 -29.69
C ARG U 14 54.52 26.41 -30.38
N GLY U 15 54.05 26.34 -31.62
CA GLY U 15 53.65 27.51 -32.37
C GLY U 15 54.73 28.57 -32.49
N THR U 16 55.99 28.18 -32.57
CA THR U 16 57.07 29.15 -32.64
C THR U 16 57.78 29.10 -33.98
N TYR U 17 58.79 29.96 -34.10
CA TYR U 17 59.71 29.99 -35.22
C TYR U 17 61.14 30.19 -34.70
N GLY U 18 62.09 29.72 -35.49
CA GLY U 18 63.47 29.96 -35.13
C GLY U 18 64.47 29.55 -36.19
N LYS U 19 65.67 29.22 -35.73
CA LYS U 19 66.67 28.65 -36.62
C LYS U 19 66.16 27.37 -37.25
N TYR U 20 65.52 26.50 -36.46
CA TYR U 20 65.08 25.19 -36.91
C TYR U 20 63.68 25.21 -37.52
N ARG U 21 63.16 26.40 -37.83
CA ARG U 21 61.90 26.57 -38.56
C ARG U 21 61.75 28.03 -38.89
N PRO U 22 62.38 28.50 -39.97
CA PRO U 22 62.38 29.94 -40.24
C PRO U 22 60.97 30.44 -40.51
N ARG U 23 60.77 31.75 -40.34
CA ARG U 23 59.45 32.30 -40.58
C ARG U 23 59.14 32.27 -42.06
N LYS U 24 59.78 33.14 -42.85
CA LYS U 24 59.59 33.10 -44.29
C LYS U 24 60.84 33.63 -44.99
P RSP W 3 38.08 17.56 9.87
N1 RSP W 3 35.16 14.79 12.64
C2 RSP W 3 35.90 14.35 13.81
S2 RSP W 3 37.00 13.07 13.82
N3 RSP W 3 35.72 15.01 15.02
C4 RSP W 3 34.85 16.06 15.11
N4 RSP W 3 34.73 16.67 16.34
C5 RSP W 3 34.09 16.53 13.99
C6 RSP W 3 34.28 15.86 12.80
C1' RSP W 3 35.25 14.13 11.31
C2' RSP W 3 33.92 14.19 10.54
O2' RSP W 3 33.74 12.96 9.87
C3' RSP W 3 34.21 15.32 9.55
O3' RSP W 3 33.34 15.43 8.44
C4' RSP W 3 35.65 15.05 9.19
O4' RSP W 3 36.24 14.76 10.49
C5' RSP W 3 36.39 16.16 8.46
O5' RSP W 3 37.70 16.32 8.94
OP1 RSP W 3 38.49 18.69 8.95
OP2 RSP W 3 36.96 17.83 10.83
C11 PAR X . 22.21 -5.40 24.61
O11 PAR X . 22.28 -5.32 23.20
C21 PAR X . 20.93 -4.58 25.02
N21 PAR X . 19.88 -4.67 23.99
C31 PAR X . 21.23 -3.09 25.29
O31 PAR X . 20.13 -2.54 26.01
C41 PAR X . 22.51 -2.90 26.08
O41 PAR X . 22.88 -1.53 26.12
C51 PAR X . 23.66 -3.69 25.48
O51 PAR X . 23.33 -5.06 25.37
C61 PAR X . 24.95 -3.47 26.27
O61 PAR X . 26.08 -3.62 25.38
C12 PAR X . 24.01 -7.04 19.89
N12 PAR X . 24.74 -7.63 18.76
C22 PAR X . 24.82 -5.96 20.50
C32 PAR X . 24.05 -5.19 21.54
N32 PAR X . 24.92 -4.16 22.15
C42 PAR X . 23.34 -6.07 22.62
C52 PAR X . 22.80 -7.49 22.08
O52 PAR X . 22.70 -8.49 23.16
C62 PAR X . 23.67 -8.08 20.90
O62 PAR X . 23.00 -9.15 20.20
C13 PAR X . 21.34 -8.91 23.38
C23 PAR X . 21.18 -10.22 24.16
O23 PAR X . 21.33 -11.28 23.24
C33 PAR X . 19.70 -10.15 24.62
O33 PAR X . 18.74 -10.58 23.59
C43 PAR X . 19.60 -8.62 24.90
O43 PAR X . 20.70 -7.98 24.24
C53 PAR X . 19.46 -8.21 26.36
O53 PAR X . 19.17 -6.82 26.41
C14 PAR X . 18.33 -11.98 23.74
C24 PAR X . 17.78 -12.75 22.49
N24 PAR X . 17.72 -11.87 21.30
C34 PAR X . 16.34 -13.18 22.74
O34 PAR X . 16.36 -13.95 23.91
C44 PAR X . 15.50 -12.00 23.16
O44 PAR X . 15.65 -10.91 22.23
C54 PAR X . 15.98 -11.60 24.54
O54 PAR X . 17.36 -12.04 24.85
C64 PAR X . 15.93 -10.06 24.76
N64 PAR X . 15.48 -9.70 26.10
MG MG Y . -23.16 -10.98 -3.67
MG MG Z . -42.97 -31.78 22.90
MG MG AA . -49.16 -50.29 14.51
MG MG BA . -46.85 -8.72 47.75
MG MG CA . -28.79 -40.14 27.59
MG MG DA . -17.67 26.77 49.92
MG MG EA . -24.57 -35.91 -8.06
MG MG FA . -52.04 -8.73 88.58
MG MG GA . -33.49 -11.52 89.50
MG MG HA . -19.15 11.87 87.69
MG MG IA . -22.22 13.11 72.50
MG MG JA . -4.57 -29.01 18.33
MG MG KA . 31.46 1.37 -22.75
MG MG LA . 52.25 6.74 -16.50
MG MG MA . 46.47 25.34 -6.90
MG MG NA . -4.68 6.47 11.57
MG MG OA . -34.54 11.67 84.26
MG MG PA . -44.87 -49.87 6.42
MG MG QA . 1.52 -44.34 18.19
MG MG RA . 7.54 -46.76 14.64
MG MG SA . 12.96 -51.82 19.10
MG MG TA . 25.18 -45.80 1.85
MG MG UA . -11.24 -31.81 13.94
MG MG VA . -23.97 -34.21 -5.22
MG MG WA . -6.74 23.35 22.09
MG MG XA . -18.63 -4.86 31.92
MG MG YA . 3.71 5.73 12.20
MG MG ZA . -14.14 -10.78 20.79
MG MG AB . -49.00 -24.41 39.37
MG MG BB . -17.74 -20.31 -4.84
MG MG CB . 34.41 -5.61 -25.83
MG MG DB . 25.61 4.63 -30.32
MG MG EB . -18.08 4.43 -4.05
MG MG FB . -38.50 26.82 53.72
MG MG GB . 29.41 19.84 1.41
MG MG HB . 46.19 40.74 -15.01
MG MG IB . 21.19 20.68 -0.53
MG MG JB . 24.37 18.04 3.12
MG MG KB . -22.26 -1.61 31.12
MG MG LB . -30.43 -21.29 88.71
MG MG MB . -5.03 -19.39 15.48
MG MG NB . 8.09 -42.90 38.24
MG MG OB . 11.03 17.56 -28.08
MG MG PB . -11.18 -5.86 -1.31
MG MG QB . 7.71 0.64 -22.46
MG MG RB . 1.25 10.67 -26.17
MG MG SB . -13.65 -22.65 55.62
MG MG TB . 11.41 -33.68 5.74
MG MG UB . 17.50 -23.38 6.78
MG MG VB . 20.52 -17.08 5.86
MG MG WB . 17.24 -21.81 3.57
MG MG XB . -20.29 -18.27 115.24
MG MG YB . -48.29 -26.99 103.61
MG MG ZB . -11.93 -11.35 60.33
MG MG AC . -12.76 -1.64 81.80
MG MG BC . 26.35 -39.86 3.51
MG MG CC . 25.57 -33.83 11.87
MG MG DC . 64.87 13.69 -32.91
MG MG EC . -24.35 -14.04 24.91
MG MG FC . 4.67 20.52 33.58
MG MG GC . 6.97 26.23 26.75
MG MG HC . 2.09 19.43 27.85
MG MG IC . 14.29 11.16 21.50
MG MG JC . -34.02 -19.20 58.38
MG MG KC . -39.44 -15.21 101.94
MG MG LC . -20.91 -7.62 84.84
MG MG MC . -26.92 4.89 113.59
MG MG NC . -26.69 -3.44 97.64
MG MG OC . 33.07 27.42 3.41
MG MG PC . -12.60 -2.91 19.13
MG MG QC . -36.15 17.45 88.74
MG MG RC . 17.70 9.05 20.32
MG MG SC . 0.62 -9.61 31.44
MG MG TC . 1.86 -5.07 13.16
MG MG UC . -0.15 -3.19 -25.07
MG MG VC . 64.73 -0.07 -31.55
MG MG WC . -37.61 2.97 55.22
MG MG XC . -26.38 1.88 104.30
MG MG YC . -20.52 -14.12 76.41
MG MG ZC . -11.60 -14.85 77.91
MG MG AD . 14.91 28.51 21.35
MG MG BD . 29.47 40.31 0.39
MG MG CD . 9.75 -7.50 -9.54
MG MG DD . -46.86 -42.50 24.17
MG MG ED . 19.40 -6.33 -15.70
MG MG FD . -40.94 9.98 55.49
MG MG GD . 5.65 7.21 64.16
MG MG HD . -6.04 -5.30 74.20
MG MG ID . -8.56 -0.50 64.17
MG MG JD . -10.52 5.65 75.07
MG MG KD . -17.63 20.92 64.16
MG MG LD . 5.56 -30.44 25.39
MG MG MD . -0.35 -18.01 12.69
MG MG ND . -42.62 28.25 77.72
MG MG OD . -15.21 14.09 69.12
MG MG PD . -9.58 -7.36 30.04
MG MG QD . -36.34 -35.72 29.15
MG MG RD . 20.59 1.14 8.29
ZN ZN SD . -19.46 45.14 28.91
MG MG TD . -19.89 -8.38 12.83
MG MG UD . 37.10 17.50 -18.42
MG MG VD . 35.13 23.00 -16.68
ZN ZN WD . 29.12 38.67 -12.17
MG MG XD . 27.38 7.67 7.30
MG MG YD . 34.99 14.16 18.80
#